data_3VD1
#
_entry.id   3VD1
#
_cell.length_a   82.540
_cell.length_b   104.200
_cell.length_c   123.223
_cell.angle_alpha   90.00
_cell.angle_beta   96.55
_cell.angle_gamma   90.00
#
_symmetry.space_group_name_H-M   'P 1 21 1'
#
loop_
_entity.id
_entity.type
_entity.pdbx_description
1 polymer 'Tumor protein p73'
2 polymer "DNA (5'-D(*CP*GP*GP*GP*CP*AP*TP*GP*CP*CP*CP*G)-3')"
3 non-polymer 'ZINC ION'
4 water water
#
loop_
_entity_poly.entity_id
_entity_poly.type
_entity_poly.pdbx_seq_one_letter_code
_entity_poly.pdbx_strand_id
1 'polypeptide(L)'
;MGHHHHHHHHEFIPSNTDYPGPHHFEVTFQQSSTAKSATWTYSPLLKKLYCQIAKTCPIQIKVSTPPPPGTAIRAMPVYK
KAEHVTDVVKRCPNHELGRDFNEGQSAPASHLIRVEGNNLSQYVDDPVTGRQSVVVPYEPPQVGTEFTTILYNFMCNSSC
VGGMNRRPILIIITLEMRDGQVLGRRSFEGRICACPGRDRKADEDHYREQ
;
A,B,C,D,I,J,K,L
2 'polydeoxyribonucleotide' (DC)(DG)(DG)(DG)(DC)(DA)(DT)(DG)(DC)(DC)(DC)(DG) E,F,G,H,M,N,O,P
#
# COMPACT_ATOMS: atom_id res chain seq x y z
N HIS A 9 -16.32 35.24 -13.94
CA HIS A 9 -15.06 36.01 -14.09
C HIS A 9 -15.13 37.33 -13.31
N HIS A 10 -14.39 37.41 -12.20
CA HIS A 10 -14.41 38.62 -11.37
C HIS A 10 -13.01 39.11 -10.99
N GLU A 11 -12.96 40.20 -10.25
CA GLU A 11 -11.72 40.82 -9.77
C GLU A 11 -11.21 40.08 -8.54
N PHE A 12 -9.93 39.73 -8.51
CA PHE A 12 -9.38 38.99 -7.36
C PHE A 12 -9.17 39.72 -6.03
N ILE A 13 -8.57 40.89 -6.07
CA ILE A 13 -8.27 41.63 -4.86
C ILE A 13 -9.00 42.96 -4.84
N PRO A 14 -10.23 42.96 -4.37
CA PRO A 14 -11.01 44.19 -4.31
C PRO A 14 -10.13 45.32 -3.84
N SER A 15 -10.04 46.41 -4.60
CA SER A 15 -9.21 47.51 -4.19
C SER A 15 -9.99 48.35 -3.17
N ASN A 16 -9.29 48.81 -2.14
CA ASN A 16 -9.87 49.61 -1.07
C ASN A 16 -9.88 51.07 -1.49
N THR A 17 -8.96 51.43 -2.37
CA THR A 17 -8.82 52.78 -2.88
C THR A 17 -10.15 53.53 -3.01
N ASP A 18 -10.20 54.71 -2.41
CA ASP A 18 -11.39 55.56 -2.43
C ASP A 18 -11.62 56.10 -3.85
N TYR A 19 -12.89 56.17 -4.24
CA TYR A 19 -13.28 56.65 -5.55
C TYR A 19 -14.46 57.62 -5.60
N PRO A 20 -14.18 58.92 -5.56
CA PRO A 20 -15.31 59.87 -5.62
C PRO A 20 -15.67 59.87 -7.12
N GLY A 21 -16.79 59.25 -7.47
CA GLY A 21 -17.17 59.18 -8.88
C GLY A 21 -17.66 60.46 -9.52
N PRO A 22 -18.43 60.34 -10.60
CA PRO A 22 -18.98 61.50 -11.32
C PRO A 22 -19.95 62.08 -10.30
N HIS A 23 -20.64 61.18 -9.62
CA HIS A 23 -21.53 61.56 -8.56
C HIS A 23 -20.45 61.72 -7.51
N HIS A 24 -20.74 62.37 -6.39
CA HIS A 24 -19.69 62.55 -5.40
C HIS A 24 -19.96 61.71 -4.18
N PHE A 25 -19.63 60.44 -4.30
CA PHE A 25 -19.85 59.48 -3.24
C PHE A 25 -19.01 59.76 -1.99
N GLU A 26 -19.69 59.79 -0.84
CA GLU A 26 -19.06 60.03 0.45
C GLU A 26 -19.73 59.12 1.47
N VAL A 27 -18.96 58.69 2.46
CA VAL A 27 -19.51 57.83 3.50
C VAL A 27 -19.18 58.48 4.84
N THR A 28 -20.17 59.12 5.44
CA THR A 28 -20.00 59.82 6.72
C THR A 28 -20.59 59.08 7.93
N PHE A 29 -20.16 59.47 9.13
CA PHE A 29 -20.65 58.86 10.37
C PHE A 29 -21.16 59.93 11.34
N GLN A 30 -22.37 59.75 11.83
CA GLN A 30 -22.98 60.71 12.75
C GLN A 30 -22.30 60.70 14.12
N GLN A 31 -22.74 61.62 14.98
CA GLN A 31 -22.20 61.75 16.33
C GLN A 31 -22.31 60.41 17.07
N SER A 32 -21.21 59.97 17.65
CA SER A 32 -21.14 58.69 18.35
C SER A 32 -20.61 58.74 19.79
N SER A 33 -21.12 57.84 20.63
CA SER A 33 -20.72 57.76 22.04
C SER A 33 -19.22 57.64 22.28
N THR A 34 -18.69 58.49 23.15
CA THR A 34 -17.28 58.41 23.49
C THR A 34 -17.19 57.40 24.63
N ALA A 35 -18.36 56.96 25.09
CA ALA A 35 -18.49 56.00 26.18
C ALA A 35 -17.67 54.73 25.98
N LYS A 36 -16.87 54.38 26.98
CA LYS A 36 -16.01 53.21 26.93
C LYS A 36 -16.65 51.92 26.39
N SER A 37 -17.83 51.56 26.89
CA SER A 37 -18.51 50.34 26.46
C SER A 37 -19.49 50.58 25.31
N ALA A 38 -19.39 51.74 24.67
CA ALA A 38 -20.24 52.17 23.56
C ALA A 38 -20.72 51.07 22.58
N THR A 39 -21.90 51.24 22.01
CA THR A 39 -22.44 50.26 21.07
C THR A 39 -21.64 50.37 19.78
N TRP A 40 -21.18 51.58 19.52
CA TRP A 40 -20.39 51.85 18.34
C TRP A 40 -19.83 53.27 18.42
N THR A 41 -18.60 53.44 17.95
CA THR A 41 -17.95 54.75 17.93
C THR A 41 -17.16 54.87 16.64
N TYR A 42 -16.81 56.09 16.25
CA TYR A 42 -16.06 56.28 15.02
C TYR A 42 -14.84 57.14 15.24
N SER A 43 -13.94 57.11 14.26
CA SER A 43 -12.71 57.88 14.34
C SER A 43 -12.38 58.49 12.99
N PRO A 44 -12.33 59.83 12.89
CA PRO A 44 -11.98 60.39 11.58
C PRO A 44 -10.48 60.46 11.54
N LEU A 45 -9.85 60.50 12.72
CA LEU A 45 -8.39 60.55 12.79
C LEU A 45 -7.77 59.25 12.30
N LEU A 46 -8.37 58.15 12.73
CA LEU A 46 -7.93 56.81 12.36
C LEU A 46 -8.91 56.16 11.40
N LYS A 47 -9.81 56.97 10.88
CA LYS A 47 -10.82 56.53 9.92
C LYS A 47 -11.30 55.09 10.11
N LYS A 48 -11.60 54.70 11.35
CA LYS A 48 -12.06 53.32 11.63
C LYS A 48 -13.16 53.22 12.69
N LEU A 49 -14.25 52.55 12.34
CA LEU A 49 -15.35 52.32 13.27
C LEU A 49 -15.04 51.19 14.26
N TYR A 50 -15.66 51.26 15.43
CA TYR A 50 -15.48 50.28 16.49
C TYR A 50 -16.86 49.93 16.92
N CYS A 51 -17.29 48.73 16.54
CA CYS A 51 -18.65 48.27 16.78
C CYS A 51 -18.72 46.92 17.49
N GLN A 52 -19.86 46.65 18.12
CA GLN A 52 -20.07 45.45 18.92
C GLN A 52 -20.78 44.45 18.06
N ILE A 53 -20.42 43.21 18.31
CA ILE A 53 -20.94 42.07 17.61
C ILE A 53 -22.45 42.15 17.64
N ALA A 54 -23.04 42.17 16.44
CA ALA A 54 -24.49 42.22 16.25
C ALA A 54 -25.22 43.44 16.84
N LYS A 55 -24.62 44.62 16.72
CA LYS A 55 -25.25 45.84 17.23
C LYS A 55 -25.52 46.76 16.05
N THR A 56 -26.60 47.53 16.13
CA THR A 56 -26.95 48.41 15.02
C THR A 56 -25.91 49.55 14.87
N CYS A 57 -25.20 49.51 13.73
CA CYS A 57 -24.17 50.44 13.28
C CYS A 57 -24.65 51.27 12.09
N PRO A 58 -25.03 52.53 12.35
CA PRO A 58 -25.52 53.41 11.28
C PRO A 58 -24.40 53.86 10.34
N ILE A 59 -24.74 54.25 9.12
CA ILE A 59 -23.76 54.73 8.16
C ILE A 59 -24.44 55.74 7.25
N GLN A 60 -23.79 56.88 7.09
CA GLN A 60 -24.30 57.99 6.28
C GLN A 60 -23.77 58.03 4.85
N ILE A 61 -24.63 57.87 3.86
CA ILE A 61 -24.20 57.94 2.46
C ILE A 61 -24.57 59.31 1.88
N LYS A 62 -23.75 59.83 0.97
CA LYS A 62 -24.03 61.14 0.40
C LYS A 62 -23.52 61.30 -1.04
N VAL A 63 -24.26 62.04 -1.85
CA VAL A 63 -23.89 62.30 -3.24
C VAL A 63 -24.46 63.61 -3.77
N SER A 64 -23.67 64.31 -4.59
CA SER A 64 -24.10 65.57 -5.17
C SER A 64 -25.24 65.34 -6.16
N THR A 65 -24.99 64.50 -7.15
CA THR A 65 -25.99 64.18 -8.16
C THR A 65 -26.55 62.79 -7.87
N PRO A 66 -27.83 62.55 -8.21
CA PRO A 66 -28.41 61.23 -7.94
C PRO A 66 -28.20 60.28 -9.13
N PRO A 67 -27.94 58.98 -8.87
CA PRO A 67 -27.71 57.96 -9.90
C PRO A 67 -29.00 57.24 -10.37
N PRO A 68 -28.93 56.54 -11.52
CA PRO A 68 -30.05 55.80 -12.14
C PRO A 68 -30.73 54.70 -11.32
N PRO A 69 -32.01 54.41 -11.64
CA PRO A 69 -32.81 53.38 -10.96
C PRO A 69 -32.26 51.98 -11.16
N GLY A 70 -32.15 51.24 -10.05
CA GLY A 70 -31.62 49.89 -10.09
C GLY A 70 -30.26 49.92 -9.42
N THR A 71 -29.75 51.13 -9.24
CA THR A 71 -28.47 51.37 -8.60
C THR A 71 -28.57 51.03 -7.12
N ALA A 72 -27.65 50.19 -6.65
CA ALA A 72 -27.62 49.78 -5.25
C ALA A 72 -26.23 50.00 -4.65
N ILE A 73 -26.10 49.66 -3.37
CA ILE A 73 -24.85 49.83 -2.64
C ILE A 73 -24.37 48.59 -1.89
N ARG A 74 -23.11 48.26 -2.15
CA ARG A 74 -22.45 47.08 -1.60
C ARG A 74 -21.44 47.24 -0.45
N ALA A 75 -21.60 46.40 0.58
CA ALA A 75 -20.70 46.40 1.73
C ALA A 75 -19.98 45.04 1.79
N MET A 76 -18.66 45.04 1.64
CA MET A 76 -17.87 43.79 1.69
C MET A 76 -16.59 43.97 2.49
N PRO A 77 -16.24 42.99 3.34
CA PRO A 77 -15.03 43.09 4.14
C PRO A 77 -13.84 42.42 3.47
N VAL A 78 -12.67 42.98 3.73
CA VAL A 78 -11.44 42.45 3.18
C VAL A 78 -10.33 42.78 4.16
N TYR A 79 -9.41 41.83 4.34
CA TYR A 79 -8.30 42.01 5.25
C TYR A 79 -7.36 43.14 4.83
N LYS A 80 -6.95 43.91 5.83
CA LYS A 80 -6.10 45.06 5.64
C LYS A 80 -4.68 44.65 5.23
N LYS A 81 -4.13 43.63 5.89
CA LYS A 81 -2.77 43.20 5.60
C LYS A 81 -2.67 42.26 4.41
N ALA A 82 -1.70 42.52 3.54
CA ALA A 82 -1.46 41.72 2.34
C ALA A 82 -1.35 40.20 2.53
N GLU A 83 -0.61 39.74 3.53
CA GLU A 83 -0.50 38.28 3.67
C GLU A 83 -1.80 37.64 4.11
N HIS A 84 -2.81 38.45 4.30
CA HIS A 84 -4.12 37.97 4.69
C HIS A 84 -5.12 38.41 3.64
N VAL A 85 -4.68 39.29 2.74
CA VAL A 85 -5.56 39.83 1.73
C VAL A 85 -6.33 38.80 0.91
N THR A 86 -5.71 37.66 0.61
CA THR A 86 -6.40 36.66 -0.18
C THR A 86 -7.52 35.87 0.54
N ASP A 87 -7.45 35.71 1.86
CA ASP A 87 -8.50 34.98 2.61
C ASP A 87 -9.84 35.71 2.55
N VAL A 88 -10.94 35.03 2.24
CA VAL A 88 -12.21 35.75 2.24
C VAL A 88 -12.57 36.00 3.70
N VAL A 89 -13.52 36.90 3.94
CA VAL A 89 -13.90 37.21 5.30
C VAL A 89 -15.23 36.56 5.67
N LYS A 90 -15.15 35.52 6.50
CA LYS A 90 -16.32 34.77 6.96
C LYS A 90 -16.37 34.81 8.48
N ARG A 91 -17.45 34.27 9.04
CA ARG A 91 -17.60 34.22 10.48
C ARG A 91 -16.93 32.99 11.05
N CYS A 92 -16.44 33.12 12.29
CA CYS A 92 -15.78 32.02 12.93
C CYS A 92 -16.75 30.86 12.87
N PRO A 93 -16.22 29.64 12.70
CA PRO A 93 -17.07 28.45 12.63
C PRO A 93 -18.01 28.39 13.82
N ASN A 94 -17.51 28.85 14.96
CA ASN A 94 -18.26 28.88 16.21
C ASN A 94 -19.55 29.73 16.13
N HIS A 95 -19.42 30.99 15.75
CA HIS A 95 -20.56 31.88 15.64
C HIS A 95 -21.46 31.53 14.45
N GLU A 96 -20.88 31.12 13.33
CA GLU A 96 -21.69 30.75 12.16
C GLU A 96 -22.72 29.69 12.53
N LEU A 97 -22.41 28.86 13.50
CA LEU A 97 -23.34 27.82 13.92
C LEU A 97 -23.94 28.10 15.28
N GLY A 98 -23.21 28.86 16.09
CA GLY A 98 -23.67 29.24 17.41
C GLY A 98 -25.16 29.54 17.38
N ARG A 99 -25.91 28.91 18.26
CA ARG A 99 -27.34 29.13 18.28
C ARG A 99 -27.69 30.47 18.89
N ASP A 100 -26.70 31.24 19.33
CA ASP A 100 -27.01 32.51 19.96
C ASP A 100 -27.29 33.75 19.07
N PHE A 101 -27.61 33.56 17.77
CA PHE A 101 -27.94 34.67 16.83
C PHE A 101 -28.31 34.23 15.41
N ASN A 102 -28.45 32.93 15.22
CA ASN A 102 -28.87 32.46 13.93
C ASN A 102 -30.38 32.25 14.13
N GLU A 103 -30.87 32.47 15.34
CA GLU A 103 -32.32 32.31 15.55
C GLU A 103 -32.99 33.56 15.00
N GLY A 104 -34.28 33.47 14.67
CA GLY A 104 -34.92 34.62 14.08
C GLY A 104 -34.07 34.83 12.83
N GLN A 105 -33.61 33.69 12.29
CA GLN A 105 -32.75 33.59 11.12
C GLN A 105 -33.28 34.31 9.88
N SER A 106 -32.38 34.94 9.13
CA SER A 106 -32.73 35.69 7.92
C SER A 106 -31.72 35.44 6.78
N ALA A 107 -30.44 35.48 7.11
CA ALA A 107 -29.37 35.30 6.14
C ALA A 107 -28.35 34.23 6.53
N PRO A 108 -27.49 33.81 5.58
CA PRO A 108 -26.47 32.79 5.83
C PRO A 108 -25.49 33.27 6.88
N ALA A 109 -25.32 32.49 7.96
CA ALA A 109 -24.40 32.89 9.03
C ALA A 109 -22.92 32.85 8.63
N SER A 110 -22.64 32.59 7.36
CA SER A 110 -21.27 32.58 6.86
C SER A 110 -20.86 34.04 6.95
N HIS A 111 -21.73 34.86 6.36
CA HIS A 111 -21.61 36.30 6.27
C HIS A 111 -21.32 37.03 7.58
N LEU A 112 -20.43 38.01 7.51
CA LEU A 112 -20.08 38.77 8.67
C LEU A 112 -20.93 40.02 8.64
N ILE A 113 -21.07 40.61 7.46
CA ILE A 113 -21.86 41.83 7.34
C ILE A 113 -23.31 41.54 6.96
N ARG A 114 -24.22 42.04 7.79
CA ARG A 114 -25.65 41.94 7.57
C ARG A 114 -26.15 43.37 7.50
N VAL A 115 -27.42 43.55 7.14
CA VAL A 115 -28.03 44.87 7.07
C VAL A 115 -29.29 44.79 7.95
N GLU A 116 -29.56 45.84 8.72
CA GLU A 116 -30.74 45.81 9.59
C GLU A 116 -31.90 46.50 8.88
N GLY A 117 -33.11 45.99 9.13
CA GLY A 117 -34.31 46.57 8.54
C GLY A 117 -34.60 46.29 7.08
N ASN A 118 -33.90 47.00 6.18
CA ASN A 118 -34.08 46.84 4.74
C ASN A 118 -34.30 45.36 4.31
N ASN A 119 -35.46 45.12 3.68
CA ASN A 119 -35.81 43.79 3.21
C ASN A 119 -35.37 43.56 1.77
N LEU A 120 -34.85 44.62 1.17
CA LEU A 120 -34.33 44.58 -0.19
C LEU A 120 -32.88 44.15 -0.13
N SER A 121 -32.39 43.87 1.07
CA SER A 121 -31.00 43.47 1.28
C SER A 121 -30.69 42.05 0.79
N GLN A 122 -30.13 41.95 -0.42
CA GLN A 122 -29.78 40.63 -0.97
C GLN A 122 -28.26 40.41 -0.89
N TYR A 123 -27.87 39.27 -0.34
CA TYR A 123 -26.46 38.91 -0.17
C TYR A 123 -25.85 38.27 -1.38
N VAL A 124 -24.53 38.38 -1.48
CA VAL A 124 -23.82 37.80 -2.59
C VAL A 124 -22.79 36.77 -2.09
N ASP A 125 -22.44 35.85 -2.97
CA ASP A 125 -21.47 34.80 -2.68
C ASP A 125 -20.85 34.51 -4.03
N ASP A 126 -19.99 35.40 -4.51
CA ASP A 126 -19.38 35.22 -5.81
C ASP A 126 -18.84 33.81 -5.97
N PRO A 127 -19.48 33.00 -6.83
CA PRO A 127 -19.05 31.62 -7.06
C PRO A 127 -17.58 31.63 -7.44
N VAL A 128 -17.24 32.45 -8.44
CA VAL A 128 -15.86 32.57 -8.90
C VAL A 128 -14.86 32.83 -7.77
N THR A 129 -14.96 34.00 -7.13
CA THR A 129 -14.04 34.39 -6.04
C THR A 129 -14.46 33.97 -4.63
N GLY A 130 -15.55 33.22 -4.52
CA GLY A 130 -16.03 32.78 -3.22
C GLY A 130 -16.08 33.96 -2.27
N ARG A 131 -16.29 35.14 -2.83
CA ARG A 131 -16.34 36.37 -2.05
C ARG A 131 -17.72 36.65 -1.45
N GLN A 132 -17.73 37.03 -0.17
CA GLN A 132 -18.98 37.32 0.52
C GLN A 132 -19.24 38.79 0.76
N SER A 133 -20.46 39.23 0.45
CA SER A 133 -20.84 40.61 0.64
C SER A 133 -22.34 40.74 0.88
N VAL A 134 -22.83 41.96 0.77
CA VAL A 134 -24.25 42.25 0.99
C VAL A 134 -24.62 43.56 0.28
N VAL A 135 -25.78 43.56 -0.39
CA VAL A 135 -26.24 44.72 -1.16
C VAL A 135 -27.73 45.12 -1.04
N VAL A 136 -27.95 46.43 -0.84
CA VAL A 136 -29.28 47.02 -0.74
C VAL A 136 -29.36 48.15 -1.78
N PRO A 137 -30.56 48.42 -2.33
CA PRO A 137 -30.79 49.47 -3.33
C PRO A 137 -30.68 50.93 -2.82
N TYR A 138 -30.23 51.83 -3.69
CA TYR A 138 -30.07 53.23 -3.32
C TYR A 138 -31.34 54.05 -3.25
N GLU A 139 -31.92 54.12 -2.06
CA GLU A 139 -33.12 54.91 -1.88
C GLU A 139 -32.62 56.36 -1.72
N PRO A 140 -33.25 57.33 -2.42
CA PRO A 140 -32.78 58.71 -2.27
C PRO A 140 -33.00 59.18 -0.84
N PRO A 141 -32.02 59.91 -0.27
CA PRO A 141 -32.12 60.42 1.11
C PRO A 141 -33.54 60.76 1.52
N GLN A 142 -33.93 60.39 2.74
CA GLN A 142 -35.26 60.69 3.24
C GLN A 142 -35.51 62.19 3.05
N VAL A 143 -36.65 62.55 2.47
CA VAL A 143 -36.98 63.96 2.20
C VAL A 143 -36.53 64.93 3.29
N GLY A 144 -35.72 65.91 2.90
CA GLY A 144 -35.23 66.89 3.85
C GLY A 144 -34.02 66.38 4.61
N THR A 145 -33.52 65.22 4.21
CA THR A 145 -32.35 64.60 4.83
C THR A 145 -31.20 64.64 3.86
N GLU A 146 -30.02 64.98 4.34
CA GLU A 146 -28.85 65.04 3.47
C GLU A 146 -28.33 63.63 3.20
N PHE A 147 -28.48 62.76 4.19
CA PHE A 147 -27.97 61.39 4.08
C PHE A 147 -28.95 60.26 3.81
N THR A 148 -28.48 59.31 3.02
CA THR A 148 -29.22 58.09 2.72
C THR A 148 -28.58 57.18 3.76
N THR A 149 -29.37 56.72 4.73
CA THR A 149 -28.83 55.90 5.81
C THR A 149 -29.08 54.40 5.76
N ILE A 150 -27.99 53.65 5.73
CA ILE A 150 -28.01 52.19 5.68
C ILE A 150 -27.42 51.68 6.99
N LEU A 151 -28.06 50.66 7.57
CA LEU A 151 -27.54 50.08 8.81
C LEU A 151 -26.83 48.79 8.44
N TYR A 152 -25.56 48.70 8.78
CA TYR A 152 -24.79 47.51 8.52
C TYR A 152 -24.63 46.87 9.87
N ASN A 153 -24.56 45.55 9.87
CA ASN A 153 -24.42 44.84 11.12
C ASN A 153 -23.23 43.90 11.02
N PHE A 154 -22.40 43.85 12.04
CA PHE A 154 -21.22 42.99 12.01
C PHE A 154 -21.34 41.91 13.07
N MET A 155 -21.09 40.67 12.64
CA MET A 155 -21.24 39.49 13.50
C MET A 155 -20.13 38.89 14.37
N CYS A 156 -18.87 38.92 13.95
CA CYS A 156 -17.82 38.35 14.79
C CYS A 156 -16.91 39.43 15.28
N ASN A 157 -16.44 39.25 16.51
CA ASN A 157 -15.49 40.14 17.14
C ASN A 157 -14.21 40.01 16.36
N SER A 158 -13.68 41.13 15.89
CA SER A 158 -12.43 41.06 15.15
C SER A 158 -11.42 40.02 15.69
N SER A 159 -11.59 39.59 16.94
CA SER A 159 -10.63 38.67 17.55
C SER A 159 -11.07 37.23 17.64
N CYS A 160 -12.03 36.85 16.80
CA CYS A 160 -12.51 35.49 16.84
C CYS A 160 -11.64 34.45 16.13
N VAL A 161 -11.33 33.40 16.88
CA VAL A 161 -10.53 32.30 16.40
C VAL A 161 -11.33 31.59 15.32
N GLY A 162 -10.65 30.96 14.37
CA GLY A 162 -11.37 30.29 13.30
C GLY A 162 -11.74 31.32 12.26
N GLY A 163 -12.21 32.46 12.75
CA GLY A 163 -12.59 33.54 11.86
C GLY A 163 -11.44 34.50 11.75
N MET A 164 -11.75 35.74 11.42
CA MET A 164 -10.74 36.77 11.31
C MET A 164 -10.16 36.98 12.71
N ASN A 165 -9.05 36.34 13.07
CA ASN A 165 -8.60 36.57 14.43
C ASN A 165 -7.50 37.62 14.61
N ARG A 166 -7.88 38.72 15.23
CA ARG A 166 -6.99 39.83 15.54
C ARG A 166 -6.31 40.35 14.29
N ARG A 167 -6.91 40.04 13.16
CA ARG A 167 -6.41 40.46 11.86
C ARG A 167 -7.33 41.58 11.39
N PRO A 168 -6.82 42.81 11.32
CA PRO A 168 -7.60 43.96 10.87
C PRO A 168 -8.30 43.76 9.52
N ILE A 169 -9.52 44.28 9.41
CA ILE A 169 -10.27 44.16 8.17
C ILE A 169 -10.67 45.54 7.68
N LEU A 170 -10.95 45.65 6.39
CA LEU A 170 -11.38 46.90 5.78
C LEU A 170 -12.80 46.69 5.32
N ILE A 171 -13.62 47.73 5.35
CA ILE A 171 -15.00 47.57 4.91
C ILE A 171 -15.21 48.43 3.67
N ILE A 172 -15.26 47.79 2.51
CA ILE A 172 -15.43 48.51 1.28
C ILE A 172 -16.89 48.69 0.89
N ILE A 173 -17.32 49.95 0.89
CA ILE A 173 -18.68 50.30 0.49
C ILE A 173 -18.51 50.65 -0.99
N THR A 174 -19.33 50.07 -1.86
CA THR A 174 -19.21 50.33 -3.29
C THR A 174 -20.45 50.86 -4.00
N LEU A 175 -20.35 52.06 -4.57
CA LEU A 175 -21.42 52.68 -5.33
C LEU A 175 -21.45 51.89 -6.62
N GLU A 176 -22.31 50.89 -6.66
CA GLU A 176 -22.35 50.05 -7.82
C GLU A 176 -23.54 50.17 -8.74
N MET A 177 -23.25 49.99 -10.03
CA MET A 177 -24.24 50.04 -11.09
C MET A 177 -25.31 48.95 -10.88
N ARG A 178 -26.33 48.97 -11.75
CA ARG A 178 -27.43 48.01 -11.77
C ARG A 178 -26.79 46.63 -11.98
N ASP A 179 -25.91 46.56 -12.97
CA ASP A 179 -25.21 45.33 -13.29
C ASP A 179 -23.72 45.51 -13.52
N GLY A 180 -22.94 44.85 -12.65
CA GLY A 180 -21.48 44.87 -12.71
C GLY A 180 -20.75 46.12 -13.16
N GLN A 181 -20.37 46.96 -12.21
CA GLN A 181 -19.64 48.19 -12.47
C GLN A 181 -19.36 48.93 -11.18
N VAL A 182 -18.58 50.02 -11.26
CA VAL A 182 -18.26 50.78 -10.07
C VAL A 182 -18.38 52.26 -10.37
N LEU A 183 -19.23 52.94 -9.62
CA LEU A 183 -19.41 54.37 -9.84
C LEU A 183 -18.86 55.22 -8.69
N GLY A 184 -18.61 54.59 -7.54
CA GLY A 184 -18.07 55.29 -6.39
C GLY A 184 -17.69 54.31 -5.31
N ARG A 185 -16.59 54.57 -4.61
CA ARG A 185 -16.16 53.63 -3.55
C ARG A 185 -15.35 54.26 -2.40
N ARG A 186 -15.77 53.98 -1.17
CA ARG A 186 -15.06 54.50 -0.01
C ARG A 186 -14.81 53.36 0.97
N SER A 187 -13.60 53.32 1.55
CA SER A 187 -13.23 52.26 2.49
C SER A 187 -12.95 52.79 3.91
N PHE A 188 -12.80 51.87 4.87
CA PHE A 188 -12.53 52.23 6.26
C PHE A 188 -12.38 51.06 7.22
N GLU A 189 -11.25 51.02 7.94
CA GLU A 189 -10.96 49.94 8.89
C GLU A 189 -12.12 49.61 9.82
N GLY A 190 -12.40 48.32 9.95
CA GLY A 190 -13.46 47.88 10.81
C GLY A 190 -12.84 47.09 11.96
N ARG A 191 -13.37 47.29 13.16
CA ARG A 191 -12.85 46.63 14.33
C ARG A 191 -14.00 46.32 15.27
N ILE A 192 -14.38 45.05 15.32
CA ILE A 192 -15.48 44.58 16.17
C ILE A 192 -14.88 44.22 17.51
N CYS A 193 -15.50 44.69 18.59
CA CYS A 193 -14.98 44.37 19.92
C CYS A 193 -15.96 44.63 21.04
N ALA A 194 -15.53 44.32 22.26
CA ALA A 194 -16.36 44.52 23.43
C ALA A 194 -16.33 45.93 24.02
N CYS A 195 -15.22 46.62 23.90
CA CYS A 195 -15.13 47.96 24.46
C CYS A 195 -14.76 49.05 23.48
N PRO A 196 -15.60 49.25 22.45
CA PRO A 196 -15.41 50.24 21.40
C PRO A 196 -14.72 51.54 21.83
N GLY A 197 -15.12 52.08 22.98
CA GLY A 197 -14.51 53.30 23.46
C GLY A 197 -13.12 53.08 24.03
N ARG A 198 -12.99 52.10 24.92
CA ARG A 198 -11.71 51.79 25.54
C ARG A 198 -10.68 51.54 24.46
N ASP A 199 -11.14 50.96 23.36
CA ASP A 199 -10.27 50.64 22.22
C ASP A 199 -9.92 51.86 21.39
N ARG A 200 -10.92 52.56 20.89
CA ARG A 200 -10.68 53.75 20.10
C ARG A 200 -9.77 54.74 20.82
N LYS A 201 -10.01 54.96 22.11
CA LYS A 201 -9.20 55.92 22.85
C LYS A 201 -7.76 55.45 23.02
N ALA A 202 -7.60 54.14 23.08
CA ALA A 202 -6.28 53.52 23.24
C ALA A 202 -5.55 53.50 21.91
N ASP A 203 -6.32 53.46 20.83
CA ASP A 203 -5.77 53.45 19.49
C ASP A 203 -5.25 54.80 19.09
N GLU A 204 -6.12 55.80 19.22
CA GLU A 204 -5.80 57.17 18.86
C GLU A 204 -4.65 57.75 19.67
N ASP A 205 -4.54 57.33 20.92
CA ASP A 205 -3.47 57.82 21.77
C ASP A 205 -2.19 57.28 21.14
N HIS A 206 -2.15 55.96 20.98
CA HIS A 206 -1.03 55.24 20.41
C HIS A 206 -0.59 55.93 19.11
N TYR A 207 -1.54 56.55 18.42
CA TYR A 207 -1.24 57.27 17.18
C TYR A 207 -0.71 58.66 17.50
N ARG A 208 -1.26 59.28 18.54
CA ARG A 208 -0.82 60.61 18.95
C ARG A 208 0.50 60.50 19.73
N GLU A 209 1.28 59.50 19.34
CA GLU A 209 2.60 59.23 19.91
C GLU A 209 3.59 59.13 18.75
N GLN A 210 3.05 59.16 17.53
CA GLN A 210 3.85 59.06 16.33
C GLN A 210 3.50 60.16 15.31
N PHE B 12 -22.73 7.34 33.51
CA PHE B 12 -22.71 8.82 33.69
C PHE B 12 -21.91 9.17 34.93
N ILE B 13 -20.93 10.05 34.76
CA ILE B 13 -20.04 10.51 35.83
C ILE B 13 -19.12 9.43 36.43
N PRO B 14 -18.10 9.01 35.67
CA PRO B 14 -17.17 7.98 36.16
C PRO B 14 -16.60 8.34 37.53
N SER B 15 -16.12 7.32 38.24
CA SER B 15 -15.56 7.49 39.58
C SER B 15 -14.13 8.06 39.55
N ASN B 16 -14.03 9.36 39.84
CA ASN B 16 -12.74 10.05 39.89
C ASN B 16 -12.06 9.67 41.18
N THR B 17 -12.47 8.53 41.75
CA THR B 17 -11.91 8.07 43.02
C THR B 17 -10.70 7.13 42.89
N ASP B 18 -9.58 7.53 43.49
CA ASP B 18 -8.34 6.77 43.45
C ASP B 18 -8.48 5.33 43.93
N TYR B 19 -7.66 4.46 43.36
CA TYR B 19 -7.67 3.03 43.69
C TYR B 19 -6.48 2.36 43.00
N PRO B 20 -5.38 2.16 43.75
CA PRO B 20 -4.21 1.52 43.13
C PRO B 20 -4.56 0.16 42.52
N GLY B 21 -5.32 -0.65 43.26
CA GLY B 21 -5.71 -1.96 42.77
C GLY B 21 -4.77 -3.04 43.24
N PRO B 22 -4.77 -4.22 42.56
CA PRO B 22 -3.92 -5.37 42.89
C PRO B 22 -2.45 -5.09 42.60
N HIS B 23 -2.17 -4.67 41.36
CA HIS B 23 -0.82 -4.35 40.94
C HIS B 23 -0.66 -2.89 41.29
N HIS B 24 0.23 -2.57 42.22
CA HIS B 24 0.41 -1.17 42.60
C HIS B 24 0.56 -0.37 41.32
N PHE B 25 -0.44 0.47 41.06
CA PHE B 25 -0.50 1.30 39.87
C PHE B 25 0.05 2.70 40.12
N GLU B 26 1.11 3.07 39.42
CA GLU B 26 1.71 4.38 39.59
C GLU B 26 2.01 5.16 38.31
N VAL B 27 1.09 6.05 37.94
CA VAL B 27 1.27 6.90 36.78
C VAL B 27 2.03 8.11 37.30
N THR B 28 3.15 8.44 36.68
CA THR B 28 3.93 9.57 37.15
C THR B 28 4.39 10.51 36.04
N PHE B 29 5.18 11.51 36.42
CA PHE B 29 5.70 12.49 35.48
C PHE B 29 7.20 12.68 35.69
N GLN B 30 7.90 12.98 34.61
CA GLN B 30 9.33 13.19 34.69
C GLN B 30 9.62 14.60 35.14
N GLN B 31 10.90 14.96 35.13
CA GLN B 31 11.31 16.28 35.54
C GLN B 31 11.46 17.24 34.37
N SER B 32 10.34 17.79 33.93
CA SER B 32 10.31 18.77 32.85
C SER B 32 10.57 20.09 33.53
N SER B 33 11.33 20.95 32.88
CA SER B 33 11.68 22.24 33.45
C SER B 33 10.54 23.24 33.60
N THR B 34 10.76 24.18 34.52
CA THR B 34 9.83 25.26 34.79
C THR B 34 10.29 26.42 33.93
N ALA B 35 9.37 26.93 33.13
CA ALA B 35 9.65 28.03 32.24
C ALA B 35 8.28 28.54 31.90
N LYS B 36 8.12 29.86 31.82
CA LYS B 36 6.81 30.41 31.51
C LYS B 36 6.09 29.60 30.41
N SER B 37 6.65 29.58 29.21
CA SER B 37 6.03 28.89 28.08
C SER B 37 6.48 27.44 27.83
N ALA B 38 6.87 26.75 28.90
CA ALA B 38 7.29 25.35 28.77
C ALA B 38 6.10 24.55 28.22
N THR B 39 6.36 23.70 27.23
CA THR B 39 5.29 22.91 26.62
C THR B 39 4.46 22.16 27.63
N TRP B 40 5.08 21.68 28.69
CA TRP B 40 4.35 21.00 29.74
C TRP B 40 5.16 20.96 31.03
N THR B 41 4.45 20.95 32.16
CA THR B 41 5.09 20.91 33.45
C THR B 41 4.10 20.37 34.46
N TYR B 42 4.63 19.79 35.52
CA TYR B 42 3.79 19.20 36.53
C TYR B 42 4.14 19.73 37.89
N SER B 43 3.13 19.81 38.75
CA SER B 43 3.31 20.30 40.10
C SER B 43 3.12 19.16 41.09
N PRO B 44 3.97 19.09 42.12
CA PRO B 44 3.86 18.04 43.13
C PRO B 44 2.95 18.51 44.29
N LEU B 45 3.03 19.79 44.62
CA LEU B 45 2.21 20.35 45.71
C LEU B 45 0.75 20.05 45.38
N LEU B 46 0.38 20.23 44.11
CA LEU B 46 -0.97 19.93 43.65
C LEU B 46 -0.83 18.80 42.65
N LYS B 47 -1.93 18.21 42.23
CA LYS B 47 -1.86 17.14 41.25
C LYS B 47 -2.15 17.85 39.92
N LYS B 48 -1.38 18.90 39.64
CA LYS B 48 -1.64 19.66 38.44
C LYS B 48 -0.69 19.53 37.28
N LEU B 49 -1.27 19.10 36.17
CA LEU B 49 -0.54 18.95 34.92
C LEU B 49 -0.80 20.24 34.14
N TYR B 50 0.19 21.13 34.06
CA TYR B 50 0.02 22.35 33.29
C TYR B 50 0.42 21.99 31.88
N CYS B 51 -0.56 21.99 30.98
CA CYS B 51 -0.34 21.60 29.60
C CYS B 51 -0.56 22.64 28.51
N GLN B 52 0.20 22.51 27.43
CA GLN B 52 0.06 23.40 26.28
C GLN B 52 -0.78 22.68 25.23
N ILE B 53 -1.63 23.41 24.52
CA ILE B 53 -2.47 22.77 23.52
C ILE B 53 -1.71 21.99 22.47
N ALA B 54 -2.21 20.81 22.15
CA ALA B 54 -1.66 19.91 21.14
C ALA B 54 -0.20 19.51 21.25
N LYS B 55 0.43 19.82 22.37
CA LYS B 55 1.83 19.47 22.58
C LYS B 55 1.99 18.06 23.14
N THR B 56 3.18 17.51 23.03
CA THR B 56 3.46 16.17 23.52
C THR B 56 3.73 16.21 25.03
N CYS B 57 2.88 15.53 25.77
CA CYS B 57 2.99 15.42 27.22
C CYS B 57 3.19 13.96 27.59
N PRO B 58 4.45 13.56 27.92
CA PRO B 58 4.77 12.18 28.29
C PRO B 58 4.46 11.85 29.76
N ILE B 59 3.57 10.89 29.95
CA ILE B 59 3.17 10.47 31.28
C ILE B 59 3.53 9.00 31.51
N GLN B 60 4.45 8.77 32.46
CA GLN B 60 4.95 7.43 32.78
C GLN B 60 4.19 6.60 33.80
N ILE B 61 3.77 5.42 33.32
CA ILE B 61 3.00 4.43 34.09
C ILE B 61 3.84 3.23 34.55
N LYS B 62 3.88 3.00 35.86
CA LYS B 62 4.62 1.89 36.44
C LYS B 62 3.68 0.79 36.96
N VAL B 63 4.05 -0.46 36.71
CA VAL B 63 3.27 -1.60 37.14
C VAL B 63 4.28 -2.71 37.39
N SER B 64 4.42 -3.13 38.64
CA SER B 64 5.37 -4.17 39.03
C SER B 64 4.99 -5.61 38.65
N THR B 65 3.71 -5.95 38.76
CA THR B 65 3.19 -7.24 38.32
C THR B 65 2.03 -7.02 37.42
N PRO B 66 2.25 -7.31 36.18
CA PRO B 66 1.31 -6.93 35.16
C PRO B 66 1.03 -8.17 34.49
N PRO B 67 -0.24 -8.53 34.35
CA PRO B 67 -0.36 -9.83 33.75
C PRO B 67 -1.69 -10.10 33.10
N PRO B 68 -2.55 -9.14 33.03
CA PRO B 68 -3.80 -9.44 32.38
C PRO B 68 -3.61 -9.06 30.94
N PRO B 69 -3.26 -10.06 30.20
CA PRO B 69 -3.02 -9.85 28.80
C PRO B 69 -4.34 -9.41 28.24
N GLY B 70 -4.36 -8.46 27.34
CA GLY B 70 -5.60 -7.97 26.79
C GLY B 70 -6.11 -6.81 27.61
N THR B 71 -5.31 -6.46 28.58
CA THR B 71 -5.59 -5.37 29.46
C THR B 71 -5.26 -4.08 28.78
N ALA B 72 -5.69 -2.95 29.31
CA ALA B 72 -5.66 -1.74 28.50
C ALA B 72 -5.68 -0.56 29.46
N ILE B 73 -5.34 0.61 28.97
CA ILE B 73 -5.33 1.81 29.79
C ILE B 73 -6.16 2.91 29.15
N ARG B 74 -7.08 3.46 29.94
CA ARG B 74 -7.96 4.50 29.46
C ARG B 74 -7.64 5.87 30.06
N ALA B 75 -7.90 6.93 29.30
CA ALA B 75 -7.67 8.29 29.74
C ALA B 75 -8.95 9.06 29.42
N MET B 76 -9.65 9.50 30.46
CA MET B 76 -10.90 10.24 30.28
C MET B 76 -10.88 11.58 31.01
N PRO B 77 -11.49 12.62 30.42
CA PRO B 77 -11.56 13.97 30.99
C PRO B 77 -12.89 14.27 31.71
N VAL B 78 -12.80 14.83 32.91
CA VAL B 78 -13.99 15.17 33.70
C VAL B 78 -13.90 16.53 34.41
N TYR B 79 -15.05 17.20 34.56
CA TYR B 79 -15.11 18.49 35.25
C TYR B 79 -15.02 18.35 36.79
N LYS B 80 -14.36 19.29 37.48
CA LYS B 80 -14.20 19.25 38.94
C LYS B 80 -15.44 19.69 39.72
N LYS B 81 -15.80 20.96 39.61
CA LYS B 81 -17.00 21.47 40.28
C LYS B 81 -18.10 20.44 39.98
N ALA B 82 -18.93 20.15 40.98
CA ALA B 82 -19.99 19.16 40.80
C ALA B 82 -21.03 19.53 39.74
N GLU B 83 -21.52 20.77 39.78
CA GLU B 83 -22.53 21.18 38.82
C GLU B 83 -22.15 20.91 37.38
N HIS B 84 -20.84 20.85 37.13
CA HIS B 84 -20.36 20.62 35.77
C HIS B 84 -20.02 19.17 35.45
N VAL B 85 -19.62 18.41 36.47
CA VAL B 85 -19.24 17.00 36.32
C VAL B 85 -20.29 16.12 35.62
N THR B 86 -21.50 16.64 35.50
CA THR B 86 -22.56 15.89 34.84
C THR B 86 -22.54 16.25 33.35
N ASP B 87 -21.79 17.31 33.03
CA ASP B 87 -21.62 17.78 31.66
C ASP B 87 -20.38 17.09 31.09
N VAL B 88 -20.38 16.81 29.79
CA VAL B 88 -19.26 16.13 29.14
C VAL B 88 -18.13 17.06 28.71
N VAL B 89 -16.89 16.55 28.74
CA VAL B 89 -15.72 17.31 28.32
C VAL B 89 -15.46 17.15 26.83
N LYS B 90 -15.98 18.07 26.02
CA LYS B 90 -15.78 18.01 24.59
C LYS B 90 -14.80 19.09 24.21
N ARG B 91 -14.71 19.40 22.92
CA ARG B 91 -13.82 20.45 22.48
C ARG B 91 -14.65 21.64 22.14
N CYS B 92 -14.08 22.84 22.27
CA CYS B 92 -14.87 24.03 21.94
C CYS B 92 -15.16 23.93 20.44
N PRO B 93 -16.39 24.27 20.02
CA PRO B 93 -16.64 24.16 18.58
C PRO B 93 -15.62 24.89 17.70
N ASN B 94 -14.82 25.78 18.29
CA ASN B 94 -13.83 26.48 17.49
C ASN B 94 -12.71 25.60 17.01
N HIS B 95 -12.20 24.72 17.88
CA HIS B 95 -11.14 23.84 17.46
C HIS B 95 -11.73 22.58 16.82
N GLU B 96 -12.94 22.22 17.20
CA GLU B 96 -13.52 21.00 16.63
C GLU B 96 -13.80 21.18 15.15
N LEU B 97 -14.11 22.41 14.74
CA LEU B 97 -14.41 22.67 13.35
C LEU B 97 -13.19 23.10 12.55
N GLY B 98 -12.29 23.84 13.19
CA GLY B 98 -11.10 24.35 12.53
C GLY B 98 -10.20 23.37 11.80
N ARG B 99 -9.40 23.85 10.85
CA ARG B 99 -8.49 22.98 10.10
C ARG B 99 -7.13 22.83 10.78
N ASP B 100 -6.97 23.49 11.92
CA ASP B 100 -5.71 23.48 12.63
C ASP B 100 -5.00 22.20 13.05
N PHE B 101 -5.69 21.29 13.74
CA PHE B 101 -5.00 20.06 14.13
C PHE B 101 -5.80 18.86 13.73
N ASN B 102 -6.93 19.13 13.06
CA ASN B 102 -7.85 18.08 12.66
C ASN B 102 -7.55 17.28 11.42
N GLU B 103 -6.83 17.85 10.47
CA GLU B 103 -6.47 17.09 9.27
C GLU B 103 -5.03 16.63 9.53
N GLY B 104 -4.66 15.51 8.93
CA GLY B 104 -3.33 15.00 9.15
C GLY B 104 -3.42 13.87 10.14
N GLN B 105 -4.28 14.03 11.16
CA GLN B 105 -4.45 12.99 12.16
C GLN B 105 -5.63 12.07 11.78
N SER B 106 -5.72 10.94 12.47
CA SER B 106 -6.81 9.99 12.27
C SER B 106 -7.36 9.74 13.69
N ALA B 107 -7.81 10.85 14.30
CA ALA B 107 -8.39 10.89 15.64
C ALA B 107 -9.64 11.76 15.56
N PRO B 108 -10.69 11.39 16.30
CA PRO B 108 -11.96 12.12 16.33
C PRO B 108 -11.85 13.60 16.57
N ALA B 109 -12.44 14.34 15.65
CA ALA B 109 -12.43 15.79 15.69
C ALA B 109 -12.73 16.41 17.05
N SER B 110 -13.74 15.87 17.75
CA SER B 110 -14.20 16.40 19.03
C SER B 110 -13.58 15.95 20.36
N HIS B 111 -12.89 14.81 20.40
CA HIS B 111 -12.31 14.40 21.68
C HIS B 111 -11.27 15.39 22.20
N LEU B 112 -11.12 15.49 23.51
CA LEU B 112 -10.15 16.41 24.06
C LEU B 112 -8.78 15.75 24.11
N ILE B 113 -8.76 14.52 24.62
CA ILE B 113 -7.51 13.77 24.76
C ILE B 113 -7.17 12.93 23.53
N ARG B 114 -5.89 12.91 23.16
CA ARG B 114 -5.40 12.13 22.01
C ARG B 114 -4.09 11.44 22.36
N VAL B 115 -3.88 10.22 21.88
CA VAL B 115 -2.62 9.53 22.12
C VAL B 115 -1.80 9.83 20.88
N GLU B 116 -0.50 10.07 21.04
CA GLU B 116 0.33 10.41 19.89
C GLU B 116 1.19 9.30 19.31
N GLY B 117 2.00 8.65 20.15
CA GLY B 117 2.86 7.60 19.64
C GLY B 117 2.30 6.19 19.71
N ASN B 118 1.14 5.99 19.08
CA ASN B 118 0.49 4.69 19.07
C ASN B 118 -0.64 4.75 18.06
N ASN B 119 -0.85 3.64 17.37
CA ASN B 119 -1.89 3.58 16.35
C ASN B 119 -2.97 2.56 16.66
N LEU B 120 -2.81 1.84 17.77
CA LEU B 120 -3.78 0.83 18.19
C LEU B 120 -4.86 1.51 19.06
N SER B 121 -4.59 2.78 19.38
CA SER B 121 -5.46 3.62 20.19
C SER B 121 -6.93 3.49 19.81
N GLN B 122 -7.79 3.69 20.79
CA GLN B 122 -9.25 3.60 20.62
C GLN B 122 -9.94 4.83 21.21
N TYR B 123 -10.57 5.61 20.36
CA TYR B 123 -11.30 6.79 20.82
C TYR B 123 -12.72 6.28 20.96
N VAL B 124 -13.20 6.23 22.19
CA VAL B 124 -14.54 5.71 22.43
C VAL B 124 -15.59 6.76 22.74
N ASP B 125 -16.74 6.65 22.10
CA ASP B 125 -17.85 7.57 22.35
C ASP B 125 -18.95 6.75 22.96
N ASP B 126 -19.07 6.81 24.28
CA ASP B 126 -20.07 6.05 25.01
C ASP B 126 -21.47 6.25 24.46
N PRO B 127 -22.08 5.15 23.97
CA PRO B 127 -23.43 5.07 23.39
C PRO B 127 -24.56 5.85 24.09
N VAL B 128 -24.66 5.70 25.41
CA VAL B 128 -25.72 6.39 26.16
C VAL B 128 -25.14 7.02 27.41
N THR B 129 -23.81 7.09 27.42
CA THR B 129 -23.07 7.67 28.52
C THR B 129 -22.59 9.04 28.04
N GLY B 130 -22.18 9.05 26.76
CA GLY B 130 -21.72 10.25 26.09
C GLY B 130 -20.32 10.68 26.47
N ARG B 131 -19.65 9.89 27.30
CA ARG B 131 -18.31 10.24 27.72
C ARG B 131 -17.28 9.85 26.67
N GLN B 132 -16.32 10.74 26.40
CA GLN B 132 -15.27 10.44 25.44
C GLN B 132 -13.99 10.09 26.15
N SER B 133 -13.32 9.07 25.64
CA SER B 133 -12.06 8.64 26.22
C SER B 133 -11.27 7.85 25.18
N VAL B 134 -9.97 7.72 25.41
CA VAL B 134 -9.09 7.01 24.48
C VAL B 134 -8.30 5.90 25.15
N VAL B 135 -8.47 4.68 24.64
CA VAL B 135 -7.80 3.51 25.19
C VAL B 135 -6.62 3.03 24.34
N VAL B 136 -5.57 2.56 25.02
CA VAL B 136 -4.40 1.99 24.36
C VAL B 136 -4.22 0.62 24.97
N PRO B 137 -3.41 -0.24 24.35
CA PRO B 137 -3.26 -1.54 24.99
C PRO B 137 -2.13 -1.40 26.00
N TYR B 138 -2.18 -2.18 27.08
CA TYR B 138 -1.12 -2.12 28.08
C TYR B 138 0.07 -2.87 27.53
N GLU B 139 1.17 -2.16 27.33
CA GLU B 139 2.38 -2.80 26.83
C GLU B 139 3.40 -2.75 27.96
N PRO B 140 4.02 -3.89 28.29
CA PRO B 140 5.00 -3.89 29.36
C PRO B 140 6.18 -3.00 29.04
N PRO B 141 6.80 -2.41 30.07
CA PRO B 141 7.96 -1.54 29.83
C PRO B 141 9.02 -2.37 29.14
N GLN B 142 9.82 -1.74 28.30
CA GLN B 142 10.86 -2.44 27.58
C GLN B 142 12.02 -2.83 28.48
N VAL B 143 12.48 -4.06 28.31
CA VAL B 143 13.59 -4.63 29.07
C VAL B 143 14.68 -3.62 29.37
N GLY B 144 14.86 -3.32 30.66
CA GLY B 144 15.88 -2.37 31.07
C GLY B 144 15.35 -1.15 31.79
N THR B 145 14.10 -0.77 31.50
CA THR B 145 13.47 0.39 32.14
C THR B 145 12.27 -0.01 32.99
N GLU B 146 11.72 0.91 33.78
CA GLU B 146 10.62 0.54 34.63
C GLU B 146 9.19 0.97 34.31
N PHE B 147 8.99 2.03 33.52
CA PHE B 147 7.61 2.38 33.23
C PHE B 147 7.25 2.40 31.76
N THR B 148 5.99 2.08 31.51
CA THR B 148 5.41 2.10 30.17
C THR B 148 5.17 3.59 29.99
N THR B 149 5.61 4.16 28.87
CA THR B 149 5.43 5.59 28.63
C THR B 149 4.33 5.89 27.59
N ILE B 150 3.23 6.52 28.03
CA ILE B 150 2.16 6.85 27.09
C ILE B 150 2.32 8.31 26.69
N LEU B 151 1.99 8.65 25.44
CA LEU B 151 2.11 10.04 24.99
C LEU B 151 0.77 10.67 24.69
N TYR B 152 0.44 11.69 25.47
CA TYR B 152 -0.83 12.39 25.36
C TYR B 152 -0.71 13.84 24.99
N ASN B 153 -1.72 14.33 24.31
CA ASN B 153 -1.80 15.72 23.98
C ASN B 153 -3.26 16.12 24.08
N PHE B 154 -3.48 17.33 24.61
CA PHE B 154 -4.81 17.86 24.83
C PHE B 154 -5.11 18.97 23.85
N MET B 155 -6.28 18.90 23.25
CA MET B 155 -6.65 19.72 22.15
C MET B 155 -7.42 21.03 22.25
N CYS B 156 -7.85 21.45 23.43
CA CYS B 156 -8.42 22.78 23.67
C CYS B 156 -7.72 23.30 24.90
N ASN B 157 -7.63 24.62 25.04
CA ASN B 157 -7.03 25.18 26.26
C ASN B 157 -8.16 25.12 27.30
N SER B 158 -7.78 25.00 28.56
CA SER B 158 -8.74 24.94 29.66
C SER B 158 -9.70 26.10 29.67
N SER B 159 -9.28 27.21 29.09
CA SER B 159 -10.07 28.45 29.06
C SER B 159 -10.90 28.65 27.80
N CYS B 160 -11.28 27.58 27.12
CA CYS B 160 -12.06 27.80 25.91
C CYS B 160 -13.55 28.04 26.07
N VAL B 161 -14.03 29.15 25.50
CA VAL B 161 -15.46 29.43 25.54
C VAL B 161 -15.99 28.46 24.49
N GLY B 162 -17.15 27.89 24.74
CA GLY B 162 -17.67 26.95 23.77
C GLY B 162 -17.29 25.55 24.20
N GLY B 163 -16.35 25.47 25.14
CA GLY B 163 -15.90 24.20 25.67
C GLY B 163 -15.78 24.35 27.17
N MET B 164 -14.62 24.05 27.71
CA MET B 164 -14.42 24.19 29.14
C MET B 164 -14.39 25.69 29.37
N ASN B 165 -15.49 26.27 29.82
CA ASN B 165 -15.50 27.72 30.02
C ASN B 165 -14.68 28.15 31.20
N ARG B 166 -13.42 27.71 31.21
CA ARG B 166 -12.46 28.00 32.26
C ARG B 166 -12.60 27.12 33.50
N ARG B 167 -13.54 26.17 33.45
CA ARG B 167 -13.74 25.25 34.58
C ARG B 167 -12.70 24.13 34.62
N PRO B 168 -11.96 24.03 35.73
CA PRO B 168 -10.93 23.00 35.85
C PRO B 168 -11.46 21.60 35.56
N ILE B 169 -10.56 20.75 35.09
CA ILE B 169 -10.90 19.39 34.75
C ILE B 169 -9.90 18.44 35.38
N LEU B 170 -10.35 17.21 35.59
CA LEU B 170 -9.52 16.17 36.16
C LEU B 170 -9.38 15.12 35.07
N ILE B 171 -8.25 14.43 35.06
CA ILE B 171 -8.05 13.39 34.06
C ILE B 171 -7.90 12.08 34.81
N ILE B 172 -8.66 11.07 34.38
CA ILE B 172 -8.60 9.77 35.04
C ILE B 172 -8.08 8.69 34.11
N ILE B 173 -6.99 8.08 34.53
CA ILE B 173 -6.33 7.01 33.78
C ILE B 173 -6.65 5.66 34.43
N THR B 174 -7.46 4.86 33.76
CA THR B 174 -7.85 3.55 34.28
C THR B 174 -7.29 2.37 33.49
N LEU B 175 -6.67 1.42 34.20
CA LEU B 175 -6.14 0.20 33.58
C LEU B 175 -7.29 -0.77 33.71
N GLU B 176 -7.62 -1.50 32.65
CA GLU B 176 -8.76 -2.39 32.77
C GLU B 176 -8.58 -3.75 32.15
N MET B 177 -9.56 -4.61 32.37
CA MET B 177 -9.56 -5.95 31.82
C MET B 177 -10.19 -5.83 30.46
N ARG B 178 -9.80 -6.70 29.54
CA ARG B 178 -10.35 -6.65 28.19
C ARG B 178 -11.83 -6.32 28.27
N ASP B 179 -12.52 -6.93 29.23
CA ASP B 179 -13.95 -6.66 29.40
C ASP B 179 -14.07 -5.78 30.63
N GLY B 180 -14.26 -4.48 30.40
CA GLY B 180 -14.39 -3.50 31.46
C GLY B 180 -14.44 -4.01 32.90
N GLN B 181 -13.38 -3.74 33.65
CA GLN B 181 -13.24 -4.10 35.07
C GLN B 181 -12.03 -3.33 35.61
N VAL B 182 -12.29 -2.18 36.23
CA VAL B 182 -11.23 -1.34 36.75
C VAL B 182 -10.28 -1.97 37.78
N LEU B 183 -9.07 -2.32 37.32
CA LEU B 183 -8.06 -2.90 38.19
C LEU B 183 -7.35 -1.82 39.01
N GLY B 184 -7.56 -0.56 38.62
CA GLY B 184 -6.93 0.54 39.31
C GLY B 184 -7.27 1.87 38.67
N ARG B 185 -6.73 2.95 39.21
CA ARG B 185 -7.02 4.26 38.66
C ARG B 185 -6.30 5.34 39.46
N ARG B 186 -6.19 6.52 38.87
CA ARG B 186 -5.56 7.64 39.55
C ARG B 186 -6.06 8.96 38.97
N SER B 187 -5.81 10.05 39.67
CA SER B 187 -6.28 11.33 39.18
C SER B 187 -5.29 12.45 39.34
N PHE B 188 -5.55 13.52 38.61
CA PHE B 188 -4.75 14.74 38.66
C PHE B 188 -5.44 15.81 37.83
N GLU B 189 -5.50 17.03 38.36
CA GLU B 189 -6.13 18.11 37.64
C GLU B 189 -5.17 18.56 36.58
N GLY B 190 -5.71 18.98 35.45
CA GLY B 190 -4.88 19.42 34.37
C GLY B 190 -5.35 20.75 33.83
N ARG B 191 -4.41 21.58 33.45
CA ARG B 191 -4.73 22.87 32.89
C ARG B 191 -4.06 22.98 31.52
N ILE B 192 -4.80 23.48 30.54
CA ILE B 192 -4.25 23.64 29.21
C ILE B 192 -4.22 25.14 28.95
N CYS B 193 -3.01 25.70 29.00
CA CYS B 193 -2.80 27.14 28.79
C CYS B 193 -1.58 27.45 27.92
N ALA B 194 -1.49 28.69 27.46
CA ALA B 194 -0.40 29.13 26.59
C ALA B 194 0.96 28.93 27.23
N CYS B 195 1.08 29.27 28.50
CA CYS B 195 2.34 29.12 29.20
C CYS B 195 2.16 28.56 30.61
N PRO B 196 2.46 27.26 30.79
CA PRO B 196 2.36 26.53 32.06
C PRO B 196 3.26 27.11 33.15
N GLY B 197 4.49 27.45 32.78
CA GLY B 197 5.43 27.99 33.74
C GLY B 197 4.90 29.14 34.58
N ARG B 198 4.38 30.17 33.92
CA ARG B 198 3.83 31.33 34.61
C ARG B 198 2.54 30.99 35.36
N ASP B 199 1.80 30.02 34.84
CA ASP B 199 0.56 29.59 35.46
C ASP B 199 0.85 28.67 36.65
N ARG B 200 1.90 27.85 36.56
CA ARG B 200 2.23 26.96 37.66
C ARG B 200 2.76 27.81 38.82
N LYS B 201 3.71 28.68 38.52
CA LYS B 201 4.28 29.56 39.52
C LYS B 201 3.17 30.18 40.35
N ALA B 202 2.22 30.83 39.66
CA ALA B 202 1.10 31.49 40.31
C ALA B 202 0.20 30.55 41.12
N ASP B 203 -0.19 29.42 40.53
CA ASP B 203 -1.06 28.51 41.26
C ASP B 203 -0.47 28.03 42.59
N GLU B 204 0.79 27.62 42.59
CA GLU B 204 1.42 27.14 43.81
C GLU B 204 1.54 28.24 44.85
N ASP B 205 1.75 29.48 44.40
CA ASP B 205 1.87 30.60 45.31
C ASP B 205 0.59 30.91 46.09
N HIS B 206 -0.52 31.16 45.40
CA HIS B 206 -1.77 31.48 46.07
C HIS B 206 -2.24 30.40 47.06
N TYR B 207 -2.08 29.13 46.69
CA TYR B 207 -2.46 28.02 47.57
C TYR B 207 -1.49 27.95 48.75
N ARG B 208 -0.28 28.27 48.49
CA ARG B 208 0.47 28.10 49.66
C ARG B 208 0.02 29.12 50.54
N GLU B 209 0.15 30.36 50.17
CA GLU B 209 -0.13 31.39 51.15
C GLU B 209 -1.34 30.99 52.00
N GLN B 210 -2.31 30.34 51.36
CA GLN B 210 -3.53 29.87 52.04
C GLN B 210 -4.68 29.70 51.04
N HIS C 10 8.43 -3.53 16.49
CA HIS C 10 7.22 -3.90 17.28
C HIS C 10 6.84 -2.73 18.21
N GLU C 11 7.87 -2.05 18.73
CA GLU C 11 7.72 -0.91 19.65
C GLU C 11 8.28 0.40 19.06
N PHE C 12 7.42 1.41 18.96
CA PHE C 12 7.79 2.70 18.38
C PHE C 12 8.47 3.76 19.28
N ILE C 13 8.84 3.41 20.50
CA ILE C 13 9.55 4.36 21.36
C ILE C 13 10.78 3.66 21.92
N PRO C 14 11.85 3.60 21.12
CA PRO C 14 13.07 2.95 21.57
C PRO C 14 13.37 3.23 23.04
N SER C 15 13.48 2.19 23.86
CA SER C 15 13.80 2.41 25.27
C SER C 15 15.17 3.10 25.27
N ASN C 16 15.29 4.09 26.15
CA ASN C 16 16.52 4.87 26.22
C ASN C 16 17.46 4.45 27.34
N THR C 17 16.90 3.88 28.40
CA THR C 17 17.66 3.49 29.59
C THR C 17 18.75 2.44 29.51
N ASP C 18 19.88 2.75 30.14
CA ASP C 18 21.01 1.81 30.19
C ASP C 18 20.53 0.59 30.96
N TYR C 19 21.12 -0.55 30.62
CA TYR C 19 20.78 -1.81 31.27
C TYR C 19 21.78 -2.82 30.76
N PRO C 20 22.90 -2.97 31.48
CA PRO C 20 23.95 -3.93 31.06
C PRO C 20 23.44 -5.36 30.82
N GLY C 21 22.54 -5.83 31.68
CA GLY C 21 21.99 -7.17 31.52
C GLY C 21 22.87 -8.29 32.05
N PRO C 22 22.60 -9.56 31.66
CA PRO C 22 23.39 -10.71 32.09
C PRO C 22 24.87 -10.39 32.04
N HIS C 23 25.38 -10.20 30.82
CA HIS C 23 26.78 -9.85 30.58
C HIS C 23 26.77 -8.37 30.92
N HIS C 24 27.93 -7.73 31.02
CA HIS C 24 27.92 -6.30 31.35
C HIS C 24 28.29 -5.43 30.15
N PHE C 25 27.31 -5.23 29.29
CA PHE C 25 27.48 -4.45 28.08
C PHE C 25 27.99 -3.06 28.42
N GLU C 26 29.04 -2.62 27.74
CA GLU C 26 29.61 -1.31 28.01
C GLU C 26 30.13 -0.58 26.78
N VAL C 27 29.80 0.71 26.68
CA VAL C 27 30.22 1.55 25.58
C VAL C 27 31.11 2.70 26.06
N THR C 28 32.29 2.83 25.46
CA THR C 28 33.26 3.85 25.83
C THR C 28 34.05 4.36 24.60
N PHE C 29 34.52 5.61 24.66
CA PHE C 29 35.27 6.21 23.56
C PHE C 29 36.69 6.52 24.01
N GLN C 30 37.69 6.17 23.20
CA GLN C 30 39.08 6.40 23.60
C GLN C 30 39.73 7.70 23.14
N GLN C 31 40.16 7.72 21.88
CA GLN C 31 40.85 8.88 21.36
C GLN C 31 40.20 10.22 21.78
N SER C 32 41.03 11.21 22.07
CA SER C 32 40.55 12.53 22.45
C SER C 32 41.29 13.53 21.55
N SER C 33 40.64 14.64 21.22
CA SER C 33 41.26 15.64 20.35
C SER C 33 40.85 17.07 20.70
N THR C 34 41.73 17.76 21.43
CA THR C 34 41.50 19.15 21.85
C THR C 34 41.68 20.09 20.66
N ALA C 35 40.79 19.99 19.68
CA ALA C 35 40.80 20.81 18.47
C ALA C 35 39.37 21.23 18.18
N LYS C 36 39.19 22.10 17.18
CA LYS C 36 37.84 22.55 16.86
C LYS C 36 37.25 21.79 15.67
N SER C 37 37.99 21.73 14.56
CA SER C 37 37.55 21.04 13.35
C SER C 37 37.92 19.55 13.39
N ALA C 38 37.99 18.99 14.60
CA ALA C 38 38.34 17.58 14.80
C ALA C 38 37.18 16.68 14.39
N THR C 39 37.48 15.69 13.55
CA THR C 39 36.47 14.78 13.08
C THR C 39 35.53 14.34 14.20
N TRP C 40 36.07 13.87 15.32
CA TRP C 40 35.21 13.44 16.41
C TRP C 40 35.83 13.59 17.80
N THR C 41 34.97 13.77 18.80
CA THR C 41 35.44 13.88 20.16
C THR C 41 34.23 13.67 21.04
N TYR C 42 34.44 13.00 22.18
CA TYR C 42 33.34 12.71 23.09
C TYR C 42 33.44 13.51 24.38
N SER C 43 32.30 13.88 24.96
CA SER C 43 32.28 14.62 26.22
C SER C 43 31.68 13.76 27.30
N PRO C 44 32.50 13.28 28.24
CA PRO C 44 31.99 12.43 29.33
C PRO C 44 31.03 13.14 30.28
N LEU C 45 31.34 14.39 30.60
CA LEU C 45 30.51 15.17 31.51
C LEU C 45 29.07 15.34 31.05
N LEU C 46 28.85 15.42 29.74
CA LEU C 46 27.50 15.59 29.21
C LEU C 46 27.02 14.38 28.40
N LYS C 47 27.72 13.26 28.53
CA LYS C 47 27.38 12.03 27.81
C LYS C 47 26.89 12.35 26.40
N LYS C 48 27.67 13.14 25.69
CA LYS C 48 27.31 13.55 24.34
C LYS C 48 28.49 13.42 23.37
N LEU C 49 28.24 12.75 22.24
CA LEU C 49 29.27 12.57 21.22
C LEU C 49 29.26 13.71 20.22
N TYR C 50 30.44 14.24 19.93
CA TYR C 50 30.54 15.32 18.93
C TYR C 50 31.29 14.78 17.73
N CYS C 51 30.55 14.53 16.63
CA CYS C 51 31.10 13.96 15.39
C CYS C 51 30.84 14.88 14.23
N GLN C 52 31.64 14.71 13.17
CA GLN C 52 31.53 15.50 11.93
C GLN C 52 30.76 14.70 10.90
N ILE C 53 30.42 15.35 9.80
CA ILE C 53 29.67 14.69 8.75
C ILE C 53 30.45 13.59 8.05
N ALA C 54 29.87 12.40 8.03
CA ALA C 54 30.47 11.27 7.38
C ALA C 54 31.89 10.94 7.81
N LYS C 55 32.32 11.44 8.96
CA LYS C 55 33.69 11.14 9.39
C LYS C 55 33.75 9.84 10.21
N THR C 56 34.84 9.11 10.07
CA THR C 56 34.99 7.87 10.81
C THR C 56 34.86 8.07 12.34
N CYS C 57 33.78 7.59 12.95
CA CYS C 57 33.54 7.64 14.40
C CYS C 57 33.68 6.23 15.02
N PRO C 58 34.72 6.01 15.84
CA PRO C 58 34.96 4.71 16.49
C PRO C 58 34.56 4.63 17.95
N ILE C 59 33.65 3.72 18.28
CA ILE C 59 33.26 3.52 19.68
C ILE C 59 33.70 2.11 20.06
N GLN C 60 34.01 1.90 21.34
CA GLN C 60 34.47 0.59 21.77
C GLN C 60 33.53 -0.13 22.74
N ILE C 61 33.13 -1.34 22.33
CA ILE C 61 32.24 -2.18 23.11
C ILE C 61 33.06 -3.08 24.03
N LYS C 62 32.42 -3.53 25.12
CA LYS C 62 33.05 -4.41 26.10
C LYS C 62 32.03 -5.21 26.88
N VAL C 63 32.42 -6.40 27.31
CA VAL C 63 31.58 -7.29 28.11
C VAL C 63 32.45 -8.20 28.99
N SER C 64 31.87 -8.70 30.08
CA SER C 64 32.61 -9.55 31.01
C SER C 64 32.66 -11.00 30.58
N THR C 65 31.55 -11.50 30.05
CA THR C 65 31.51 -12.89 29.62
C THR C 65 31.04 -12.98 28.18
N PRO C 66 31.57 -13.94 27.41
CA PRO C 66 31.18 -14.13 26.01
C PRO C 66 29.68 -14.37 25.90
N PRO C 67 28.97 -13.49 25.16
CA PRO C 67 27.53 -13.57 24.94
C PRO C 67 27.12 -14.72 24.05
N PRO C 68 25.83 -15.05 24.04
CA PRO C 68 25.31 -16.14 23.22
C PRO C 68 25.76 -16.11 21.76
N PRO C 69 25.65 -17.25 21.06
CA PRO C 69 26.06 -17.25 19.66
C PRO C 69 25.08 -16.46 18.77
N GLY C 70 25.62 -15.80 17.74
CA GLY C 70 24.81 -15.02 16.83
C GLY C 70 24.19 -13.76 17.42
N THR C 71 24.87 -13.17 18.41
CA THR C 71 24.39 -11.94 19.07
C THR C 71 24.61 -10.76 18.09
N ALA C 72 24.05 -9.60 18.39
CA ALA C 72 24.24 -8.46 17.50
C ALA C 72 24.43 -7.13 18.22
N ILE C 73 24.87 -6.13 17.47
CA ILE C 73 25.07 -4.79 18.01
C ILE C 73 24.23 -3.86 17.18
N ARG C 74 23.15 -3.35 17.76
CA ARG C 74 22.28 -2.46 17.01
C ARG C 74 22.50 -0.99 17.37
N ALA C 75 22.67 -0.16 16.34
CA ALA C 75 22.86 1.26 16.51
C ALA C 75 21.68 1.92 15.84
N MET C 76 20.89 2.66 16.62
CA MET C 76 19.74 3.38 16.06
C MET C 76 19.58 4.75 16.69
N PRO C 77 19.15 5.75 15.88
CA PRO C 77 18.93 7.13 16.30
C PRO C 77 17.49 7.47 16.75
N VAL C 78 17.38 8.32 17.76
CA VAL C 78 16.10 8.74 18.31
C VAL C 78 16.22 10.20 18.70
N TYR C 79 15.08 10.87 18.82
CA TYR C 79 15.12 12.27 19.23
C TYR C 79 15.09 12.29 20.76
N LYS C 80 15.76 13.27 21.35
CA LYS C 80 15.83 13.40 22.80
C LYS C 80 14.54 13.94 23.45
N LYS C 81 13.87 14.88 22.77
CA LYS C 81 12.63 15.50 23.27
C LYS C 81 11.36 14.74 22.89
N ALA C 82 10.40 14.71 23.81
CA ALA C 82 9.14 14.00 23.60
C ALA C 82 8.35 14.49 22.39
N GLU C 83 8.31 15.80 22.15
CA GLU C 83 7.54 16.29 21.01
C GLU C 83 8.01 15.76 19.67
N HIS C 84 9.29 15.40 19.59
CA HIS C 84 9.92 14.88 18.37
C HIS C 84 10.14 13.35 18.31
N VAL C 85 10.39 12.75 19.45
CA VAL C 85 10.67 11.33 19.55
C VAL C 85 9.78 10.39 18.71
N THR C 86 8.60 10.83 18.30
CA THR C 86 7.71 9.98 17.51
C THR C 86 8.21 9.90 16.07
N ASP C 87 8.86 10.97 15.62
CA ASP C 87 9.38 11.05 14.25
C ASP C 87 10.63 10.22 14.02
N VAL C 88 10.60 9.42 12.97
CA VAL C 88 11.73 8.58 12.61
C VAL C 88 12.90 9.49 12.29
N VAL C 89 14.08 9.12 12.73
CA VAL C 89 15.25 9.94 12.43
C VAL C 89 15.84 9.52 11.09
N LYS C 90 15.61 10.33 10.07
CA LYS C 90 16.10 10.00 8.75
C LYS C 90 17.03 11.05 8.19
N ARG C 91 17.68 10.72 7.08
CA ARG C 91 18.61 11.61 6.41
C ARG C 91 17.86 12.68 5.64
N CYS C 92 18.35 13.92 5.67
CA CYS C 92 17.66 15.00 4.97
C CYS C 92 17.71 14.84 3.43
N PRO C 93 16.69 15.35 2.73
CA PRO C 93 16.59 15.28 1.26
C PRO C 93 17.87 15.71 0.55
N ASN C 94 18.37 16.88 0.96
CA ASN C 94 19.57 17.44 0.35
C ASN C 94 20.77 16.52 0.41
N HIS C 95 20.89 15.76 1.48
CA HIS C 95 22.02 14.84 1.61
C HIS C 95 21.65 13.47 1.09
N GLU C 96 20.36 13.21 1.00
CA GLU C 96 19.93 11.93 0.51
C GLU C 96 20.08 11.85 -0.99
N LEU C 97 19.42 12.76 -1.69
CA LEU C 97 19.47 12.74 -3.16
C LEU C 97 20.83 13.03 -3.79
N GLY C 98 21.74 13.61 -3.02
CA GLY C 98 23.05 13.95 -3.55
C GLY C 98 23.84 12.74 -3.99
N ARG C 99 24.93 12.97 -4.73
CA ARG C 99 25.78 11.88 -5.20
C ARG C 99 26.73 11.50 -4.08
N ASP C 100 27.36 12.51 -3.49
CA ASP C 100 28.32 12.29 -2.41
C ASP C 100 27.90 11.23 -1.39
N PHE C 101 28.58 10.08 -1.44
CA PHE C 101 28.36 8.96 -0.51
C PHE C 101 27.22 7.98 -0.80
N ASN C 102 26.46 8.26 -1.84
CA ASN C 102 25.34 7.38 -2.20
C ASN C 102 25.69 6.64 -3.49
N GLU C 103 26.83 7.01 -4.05
CA GLU C 103 27.38 6.44 -5.27
C GLU C 103 27.98 5.06 -5.00
N GLY C 104 27.20 4.01 -5.31
CA GLY C 104 27.64 2.63 -5.11
C GLY C 104 28.09 2.25 -3.70
N GLN C 105 27.37 2.70 -2.68
CA GLN C 105 27.72 2.39 -1.29
C GLN C 105 26.88 1.27 -0.68
N SER C 106 25.80 0.90 -1.37
CA SER C 106 24.92 -0.18 -0.91
C SER C 106 24.17 0.02 0.42
N ALA C 107 24.25 1.24 0.95
CA ALA C 107 23.57 1.58 2.19
C ALA C 107 22.44 2.53 1.81
N PRO C 108 21.22 2.26 2.26
CA PRO C 108 20.08 3.12 1.94
C PRO C 108 20.39 4.62 2.04
N ALA C 109 20.10 5.36 0.98
CA ALA C 109 20.37 6.80 0.96
C ALA C 109 19.84 7.49 2.20
N SER C 110 18.66 7.06 2.64
CA SER C 110 18.01 7.62 3.82
C SER C 110 18.72 7.44 5.16
N HIS C 111 19.34 6.29 5.37
CA HIS C 111 19.99 6.02 6.66
C HIS C 111 21.00 7.04 7.16
N LEU C 112 20.78 7.46 8.40
CA LEU C 112 21.65 8.41 9.07
C LEU C 112 22.94 7.73 9.53
N ILE C 113 22.81 6.66 10.33
CA ILE C 113 23.98 5.95 10.83
C ILE C 113 24.40 4.84 9.88
N ARG C 114 25.70 4.78 9.58
CA ARG C 114 26.27 3.75 8.70
C ARG C 114 27.37 3.07 9.47
N VAL C 115 27.76 1.87 9.06
CA VAL C 115 28.86 1.17 9.70
C VAL C 115 29.99 1.08 8.68
N GLU C 116 31.17 1.56 9.07
CA GLU C 116 32.32 1.54 8.19
C GLU C 116 33.18 0.26 8.36
N GLY C 117 33.63 -0.29 7.22
CA GLY C 117 34.47 -1.48 7.19
C GLY C 117 33.94 -2.82 7.72
N ASN C 118 32.74 -3.21 7.31
CA ASN C 118 32.18 -4.47 7.79
C ASN C 118 31.06 -4.94 6.88
N ASN C 119 31.40 -5.78 5.92
CA ASN C 119 30.45 -6.35 4.96
C ASN C 119 29.24 -6.99 5.66
N LEU C 120 29.51 -7.67 6.77
CA LEU C 120 28.47 -8.34 7.55
C LEU C 120 27.37 -7.41 8.06
N SER C 121 27.59 -6.10 7.98
CA SER C 121 26.61 -5.13 8.45
C SER C 121 25.35 -5.05 7.59
N GLN C 122 24.20 -5.08 8.25
CA GLN C 122 22.91 -5.02 7.58
C GLN C 122 22.06 -3.84 8.05
N TYR C 123 21.62 -3.02 7.09
CA TYR C 123 20.78 -1.84 7.37
C TYR C 123 19.31 -2.25 7.46
N VAL C 124 18.67 -1.84 8.55
CA VAL C 124 17.29 -2.23 8.80
C VAL C 124 16.17 -1.20 8.78
N ASP C 125 15.12 -1.50 8.03
CA ASP C 125 13.96 -0.62 7.95
C ASP C 125 12.78 -1.40 8.49
N ASP C 126 12.56 -1.41 9.81
CA ASP C 126 11.42 -2.18 10.33
C ASP C 126 10.08 -1.71 9.77
N PRO C 127 9.43 -2.60 9.02
CA PRO C 127 8.28 -2.25 8.18
C PRO C 127 7.12 -1.63 8.94
N VAL C 128 6.80 -2.14 10.13
CA VAL C 128 5.78 -1.48 10.90
C VAL C 128 6.28 -0.18 11.54
N THR C 129 7.20 -0.30 12.49
CA THR C 129 7.75 0.87 13.18
C THR C 129 8.32 1.95 12.24
N GLY C 130 8.86 1.53 11.09
CA GLY C 130 9.41 2.50 10.16
C GLY C 130 10.80 2.96 10.56
N ARG C 131 11.22 2.59 11.78
CA ARG C 131 12.53 2.95 12.31
C ARG C 131 13.67 2.40 11.47
N GLN C 132 14.78 3.13 11.47
CA GLN C 132 15.97 2.74 10.73
C GLN C 132 17.10 2.52 11.70
N SER C 133 17.91 1.51 11.41
CA SER C 133 19.02 1.12 12.26
C SER C 133 19.98 0.17 11.54
N VAL C 134 21.27 0.25 11.88
CA VAL C 134 22.22 -0.66 11.26
C VAL C 134 22.69 -1.67 12.29
N VAL C 135 22.91 -2.91 11.85
CA VAL C 135 23.37 -4.00 12.74
C VAL C 135 24.61 -4.74 12.23
N VAL C 136 25.37 -5.32 13.15
CA VAL C 136 26.54 -6.13 12.81
C VAL C 136 26.62 -7.27 13.82
N PRO C 137 27.12 -8.44 13.38
CA PRO C 137 27.22 -9.56 14.32
C PRO C 137 28.20 -9.16 15.41
N TYR C 138 27.92 -9.55 16.64
CA TYR C 138 28.81 -9.20 17.71
C TYR C 138 30.11 -9.93 17.53
N GLU C 139 31.20 -9.28 17.88
CA GLU C 139 32.53 -9.89 17.74
C GLU C 139 33.38 -9.94 18.99
N PRO C 140 34.12 -10.99 19.21
CA PRO C 140 34.98 -10.95 20.36
C PRO C 140 36.01 -9.97 20.02
N PRO C 141 36.38 -9.16 20.97
CA PRO C 141 37.37 -8.12 20.64
C PRO C 141 38.38 -8.51 19.55
N GLN C 142 39.65 -8.61 19.93
CA GLN C 142 40.77 -9.02 19.07
C GLN C 142 41.59 -9.65 20.16
N VAL C 143 42.46 -10.58 19.86
CA VAL C 143 43.17 -11.24 20.96
C VAL C 143 43.93 -10.37 21.95
N GLY C 144 44.57 -9.31 21.49
CA GLY C 144 45.32 -8.48 22.40
C GLY C 144 44.61 -7.22 22.86
N THR C 145 43.29 -7.16 22.68
CA THR C 145 42.51 -5.98 23.06
C THR C 145 41.50 -6.24 24.17
N GLU C 146 41.04 -5.13 24.76
CA GLU C 146 40.09 -5.15 25.85
C GLU C 146 38.65 -4.88 25.40
N PHE C 147 38.50 -4.23 24.24
CA PHE C 147 37.16 -3.92 23.72
C PHE C 147 36.99 -4.28 22.24
N THR C 148 35.73 -4.23 21.80
CA THR C 148 35.36 -4.51 20.42
C THR C 148 35.10 -3.15 19.78
N THR C 149 35.78 -2.86 18.68
CA THR C 149 35.60 -1.56 18.05
C THR C 149 34.72 -1.47 16.81
N ILE C 150 33.46 -1.09 17.02
CA ILE C 150 32.53 -0.90 15.92
C ILE C 150 32.85 0.54 15.51
N LEU C 151 33.12 0.81 14.24
CA LEU C 151 33.38 2.20 13.89
C LEU C 151 32.23 2.69 13.03
N TYR C 152 31.48 3.64 13.58
CA TYR C 152 30.30 4.23 12.96
C TYR C 152 30.49 5.49 12.13
N ASN C 153 29.45 5.86 11.40
CA ASN C 153 29.44 7.05 10.56
C ASN C 153 28.08 7.73 10.71
N PHE C 154 28.03 9.03 10.45
CA PHE C 154 26.78 9.80 10.54
C PHE C 154 26.74 10.57 9.24
N MET C 155 25.57 10.61 8.61
CA MET C 155 25.49 11.25 7.31
C MET C 155 24.65 12.49 7.23
N CYS C 156 24.52 13.19 8.34
CA CYS C 156 23.75 14.41 8.39
C CYS C 156 24.15 15.15 9.62
N ASN C 157 24.25 16.48 9.52
CA ASN C 157 24.59 17.33 10.65
C ASN C 157 23.38 17.40 11.57
N SER C 158 23.60 17.74 12.83
CA SER C 158 22.46 17.83 13.73
C SER C 158 21.46 18.88 13.30
N SER C 159 21.88 19.79 12.44
CA SER C 159 21.04 20.90 11.99
C SER C 159 20.52 20.89 10.55
N CYS C 160 20.68 19.78 9.84
CA CYS C 160 20.22 19.69 8.45
C CYS C 160 18.75 20.07 8.24
N VAL C 161 18.48 21.22 7.63
CA VAL C 161 17.08 21.52 7.39
C VAL C 161 16.57 20.36 6.53
N GLY C 162 15.37 19.88 6.83
CA GLY C 162 14.83 18.78 6.03
C GLY C 162 14.83 17.49 6.82
N GLY C 163 15.95 17.22 7.47
CA GLY C 163 16.09 16.03 8.29
C GLY C 163 16.14 16.45 9.76
N MET C 164 17.18 16.02 10.48
CA MET C 164 17.31 16.35 11.90
C MET C 164 16.71 17.72 12.22
N ASN C 165 17.08 18.73 11.46
CA ASN C 165 16.54 20.08 11.64
C ASN C 165 16.85 20.77 12.98
N ARG C 166 18.11 20.73 13.40
CA ARG C 166 18.55 21.36 14.66
C ARG C 166 18.10 20.59 15.91
N ARG C 167 17.32 19.51 15.72
CA ARG C 167 16.85 18.70 16.84
C ARG C 167 17.90 17.72 17.36
N PRO C 168 18.04 17.65 18.69
CA PRO C 168 19.03 16.76 19.30
C PRO C 168 18.62 15.30 19.24
N ILE C 169 19.55 14.43 18.83
CA ILE C 169 19.26 13.00 18.77
C ILE C 169 19.90 12.30 19.96
N LEU C 170 19.91 10.98 19.90
CA LEU C 170 20.42 10.17 20.97
C LEU C 170 20.68 8.84 20.29
N ILE C 171 21.95 8.42 20.18
CA ILE C 171 22.24 7.13 19.53
C ILE C 171 22.12 6.03 20.54
N ILE C 172 21.38 4.97 20.21
CA ILE C 172 21.24 3.89 21.17
C ILE C 172 21.90 2.64 20.66
N ILE C 173 22.84 2.11 21.45
CA ILE C 173 23.58 0.88 21.11
C ILE C 173 23.05 -0.34 21.88
N THR C 174 22.55 -1.33 21.13
CA THR C 174 21.96 -2.52 21.73
C THR C 174 22.66 -3.85 21.50
N LEU C 175 22.73 -4.67 22.56
CA LEU C 175 23.31 -6.02 22.48
C LEU C 175 22.08 -6.91 22.29
N GLU C 176 21.89 -7.40 21.06
CA GLU C 176 20.71 -8.19 20.69
C GLU C 176 20.89 -9.70 20.44
N MET C 177 19.77 -10.44 20.46
CA MET C 177 19.77 -11.87 20.18
C MET C 177 19.48 -12.05 18.67
N ARG C 178 19.87 -13.19 18.11
CA ARG C 178 19.65 -13.46 16.68
C ARG C 178 18.21 -13.16 16.30
N ASP C 179 17.33 -13.21 17.30
CA ASP C 179 15.90 -13.00 17.10
C ASP C 179 15.39 -11.62 17.51
N GLY C 180 16.17 -10.91 18.32
CA GLY C 180 15.74 -9.60 18.72
C GLY C 180 15.70 -9.38 20.21
N GLN C 181 15.53 -10.44 21.00
CA GLN C 181 15.47 -10.27 22.44
C GLN C 181 16.65 -9.37 22.86
N VAL C 182 16.42 -8.51 23.85
CA VAL C 182 17.44 -7.58 24.32
C VAL C 182 18.28 -8.03 25.51
N LEU C 183 19.61 -8.05 25.33
CA LEU C 183 20.54 -8.48 26.37
C LEU C 183 21.32 -7.32 26.98
N GLY C 184 21.40 -6.21 26.24
CA GLY C 184 22.12 -5.05 26.72
C GLY C 184 21.75 -3.75 26.00
N ARG C 185 22.18 -2.63 26.56
CA ARG C 185 21.87 -1.33 25.98
C ARG C 185 22.53 -0.16 26.72
N ARG C 186 22.90 0.85 25.95
CA ARG C 186 23.51 2.05 26.49
C ARG C 186 23.11 3.16 25.53
N SER C 187 23.14 4.41 25.97
CA SER C 187 22.77 5.48 25.07
C SER C 187 23.52 6.74 25.41
N PHE C 188 23.41 7.72 24.53
CA PHE C 188 24.07 8.99 24.71
C PHE C 188 23.61 9.93 23.60
N GLU C 189 23.71 11.23 23.88
CA GLU C 189 23.31 12.25 22.95
C GLU C 189 24.34 12.40 21.83
N GLY C 190 23.86 12.74 20.65
CA GLY C 190 24.75 12.90 19.52
C GLY C 190 24.46 14.23 18.87
N ARG C 191 25.51 14.88 18.39
CA ARG C 191 25.38 16.14 17.72
C ARG C 191 26.44 16.17 16.64
N ILE C 192 25.99 16.14 15.40
CA ILE C 192 26.89 16.17 14.27
C ILE C 192 27.10 17.65 14.00
N CYS C 193 28.34 18.05 13.75
CA CYS C 193 28.66 19.45 13.52
C CYS C 193 29.61 19.66 12.36
N ALA C 194 30.03 20.90 12.21
CA ALA C 194 30.98 21.27 11.17
C ALA C 194 32.31 21.33 11.89
N CYS C 195 32.21 21.45 13.22
CA CYS C 195 33.39 21.50 14.08
C CYS C 195 33.10 21.35 15.58
N PRO C 196 33.21 20.13 16.08
CA PRO C 196 32.97 19.75 17.50
C PRO C 196 33.89 20.38 18.65
N GLY C 197 35.02 20.94 18.23
CA GLY C 197 35.89 21.58 19.18
C GLY C 197 35.04 22.65 19.85
N ARG C 198 34.76 23.73 19.13
CA ARG C 198 33.92 24.84 19.59
C ARG C 198 32.64 24.34 20.30
N ASP C 199 31.76 23.66 19.55
CA ASP C 199 30.48 23.14 20.07
C ASP C 199 30.58 22.42 21.42
N ARG C 200 31.54 21.51 21.55
CA ARG C 200 31.73 20.79 22.80
C ARG C 200 32.15 21.74 23.92
N LYS C 201 33.26 22.45 23.71
CA LYS C 201 33.74 23.39 24.72
C LYS C 201 32.62 24.29 25.21
N ALA C 202 31.93 24.94 24.28
CA ALA C 202 30.83 25.83 24.67
C ALA C 202 29.80 25.15 25.58
N ASP C 203 29.42 23.91 25.25
CA ASP C 203 28.42 23.20 26.06
C ASP C 203 28.94 22.74 27.40
N GLU C 204 30.25 22.59 27.50
CA GLU C 204 30.82 22.18 28.77
C GLU C 204 31.11 23.46 29.58
N ASP C 205 31.30 24.57 28.88
CA ASP C 205 31.54 25.85 29.55
C ASP C 205 30.21 26.34 30.14
N HIS C 206 29.10 26.06 29.46
CA HIS C 206 27.77 26.45 29.93
C HIS C 206 27.39 25.57 31.12
N TYR C 207 27.83 24.32 31.08
CA TYR C 207 27.54 23.41 32.16
C TYR C 207 28.28 23.96 33.37
N ARG C 208 29.53 24.36 33.13
CA ARG C 208 30.38 24.95 34.18
C ARG C 208 29.77 26.28 34.63
N GLU C 209 29.11 26.97 33.71
CA GLU C 209 28.48 28.25 33.99
C GLU C 209 27.29 28.15 34.92
N GLN C 210 26.74 26.95 35.04
CA GLN C 210 25.60 26.72 35.91
C GLN C 210 26.08 26.61 37.37
N PHE D 12 15.39 31.76 -26.65
CA PHE D 12 16.13 32.81 -25.95
C PHE D 12 16.44 32.43 -24.52
N ILE D 13 17.35 33.18 -23.90
CA ILE D 13 17.82 32.88 -22.57
C ILE D 13 17.85 34.07 -21.60
N PRO D 14 19.05 34.57 -21.30
CA PRO D 14 19.20 35.52 -20.20
C PRO D 14 18.96 37.01 -20.52
N SER D 15 17.72 37.40 -20.81
CA SER D 15 17.43 38.79 -21.17
C SER D 15 17.88 39.74 -20.06
N ASN D 16 17.21 40.88 -19.94
CA ASN D 16 17.45 41.78 -18.81
C ASN D 16 17.20 43.27 -19.01
N THR D 17 18.07 43.92 -19.76
CA THR D 17 17.96 45.36 -19.96
C THR D 17 16.52 45.85 -19.88
N ASP D 18 16.29 46.85 -19.05
CA ASP D 18 14.96 47.41 -18.89
C ASP D 18 14.44 47.82 -20.24
N TYR D 19 13.15 48.13 -20.28
CA TYR D 19 12.56 48.69 -21.49
C TYR D 19 11.11 49.05 -21.23
N PRO D 20 10.83 50.31 -20.90
CA PRO D 20 9.47 50.78 -20.64
C PRO D 20 8.49 50.34 -21.72
N GLY D 21 8.71 50.78 -22.95
CA GLY D 21 7.86 50.38 -24.06
C GLY D 21 6.57 51.15 -24.33
N PRO D 22 5.91 50.87 -25.47
CA PRO D 22 4.67 51.48 -25.95
C PRO D 22 3.84 52.02 -24.80
N HIS D 23 3.56 51.15 -23.86
CA HIS D 23 2.82 51.54 -22.69
C HIS D 23 3.91 51.45 -21.64
N HIS D 24 4.44 52.60 -21.23
CA HIS D 24 5.52 52.63 -20.26
C HIS D 24 5.28 51.74 -19.06
N PHE D 25 6.07 50.66 -19.01
CA PHE D 25 6.00 49.66 -17.95
C PHE D 25 6.76 50.13 -16.72
N GLU D 26 6.07 50.19 -15.59
CA GLU D 26 6.65 50.64 -14.33
C GLU D 26 6.38 49.64 -13.21
N VAL D 27 7.45 49.13 -12.62
CA VAL D 27 7.29 48.19 -11.52
C VAL D 27 7.52 49.01 -10.27
N THR D 28 6.61 48.87 -9.32
CA THR D 28 6.73 49.63 -8.10
C THR D 28 6.31 48.90 -6.84
N PHE D 29 6.84 49.37 -5.72
CA PHE D 29 6.53 48.81 -4.42
C PHE D 29 5.99 49.91 -3.53
N GLN D 30 5.04 49.55 -2.67
CA GLN D 30 4.44 50.48 -1.74
C GLN D 30 5.45 50.65 -0.60
N GLN D 31 5.08 51.44 0.41
CA GLN D 31 5.94 51.66 1.55
C GLN D 31 5.74 50.44 2.43
N SER D 32 6.83 49.83 2.86
CA SER D 32 6.73 48.63 3.67
C SER D 32 6.88 48.85 5.15
N SER D 33 7.15 47.76 5.86
CA SER D 33 7.35 47.79 7.30
C SER D 33 8.82 48.13 7.57
N THR D 34 9.05 49.07 8.47
CA THR D 34 10.40 49.47 8.83
C THR D 34 11.07 48.34 9.61
N ALA D 35 10.26 47.58 10.35
CA ALA D 35 10.73 46.46 11.16
C ALA D 35 11.83 45.66 10.46
N LYS D 36 12.74 45.10 11.25
CA LYS D 36 13.86 44.32 10.73
C LYS D 36 13.46 42.90 10.32
N SER D 37 12.38 42.39 10.91
CA SER D 37 11.92 41.05 10.59
C SER D 37 10.53 41.08 9.97
N ALA D 38 10.31 42.03 9.07
CA ALA D 38 9.03 42.20 8.40
C ALA D 38 8.88 41.25 7.25
N THR D 39 7.63 41.08 6.82
CA THR D 39 7.30 40.23 5.71
C THR D 39 8.15 40.60 4.49
N TRP D 40 8.33 41.88 4.26
CA TRP D 40 9.13 42.35 3.14
C TRP D 40 9.41 43.85 3.18
N THR D 41 10.42 44.28 2.43
CA THR D 41 10.80 45.68 2.32
C THR D 41 11.61 45.88 1.04
N TYR D 42 11.45 47.03 0.41
CA TYR D 42 12.19 47.33 -0.79
C TYR D 42 13.17 48.46 -0.50
N SER D 43 14.35 48.38 -1.06
CA SER D 43 15.39 49.37 -0.85
C SER D 43 15.65 50.18 -2.11
N PRO D 44 15.07 51.39 -2.21
CA PRO D 44 15.27 52.25 -3.40
C PRO D 44 16.74 52.40 -3.83
N LEU D 45 17.59 52.84 -2.91
CA LEU D 45 19.02 53.03 -3.19
C LEU D 45 19.68 51.77 -3.78
N LEU D 46 19.24 50.61 -3.31
CA LEU D 46 19.81 49.37 -3.76
C LEU D 46 19.00 48.51 -4.72
N LYS D 47 17.88 49.04 -5.20
CA LYS D 47 17.05 48.31 -6.15
C LYS D 47 17.05 46.82 -5.80
N LYS D 48 16.69 46.50 -4.56
CA LYS D 48 16.69 45.12 -4.07
C LYS D 48 15.44 44.80 -3.24
N LEU D 49 14.70 43.75 -3.62
CA LEU D 49 13.50 43.34 -2.89
C LEU D 49 13.85 42.34 -1.79
N TYR D 50 13.49 42.66 -0.56
CA TYR D 50 13.81 41.76 0.54
C TYR D 50 12.52 41.17 1.08
N CYS D 51 12.36 39.85 0.98
CA CYS D 51 11.15 39.24 1.50
C CYS D 51 11.42 37.89 2.12
N GLN D 52 10.58 37.55 3.09
CA GLN D 52 10.68 36.30 3.78
C GLN D 52 10.12 35.21 2.93
N ILE D 53 10.66 34.02 3.11
CA ILE D 53 10.19 32.88 2.36
C ILE D 53 8.67 32.73 2.48
N ALA D 54 8.04 32.32 1.39
CA ALA D 54 6.62 32.07 1.32
C ALA D 54 5.65 33.18 1.75
N LYS D 55 6.18 34.34 2.11
CA LYS D 55 5.30 35.45 2.51
C LYS D 55 4.80 36.19 1.27
N THR D 56 3.61 36.76 1.40
CA THR D 56 2.93 37.52 0.35
C THR D 56 3.62 38.85 -0.01
N CYS D 57 4.23 38.93 -1.19
CA CYS D 57 4.90 40.15 -1.63
C CYS D 57 4.08 40.87 -2.68
N PRO D 58 3.53 42.04 -2.37
CA PRO D 58 2.74 42.69 -3.41
C PRO D 58 3.62 43.58 -4.27
N ILE D 59 3.43 43.53 -5.58
CA ILE D 59 4.19 44.35 -6.49
C ILE D 59 3.20 45.19 -7.28
N GLN D 60 3.53 46.46 -7.50
CA GLN D 60 2.62 47.33 -8.24
C GLN D 60 3.01 47.51 -9.71
N ILE D 61 2.18 46.98 -10.61
CA ILE D 61 2.43 47.09 -12.05
C ILE D 61 1.61 48.23 -12.63
N LYS D 62 2.28 49.07 -13.42
CA LYS D 62 1.66 50.23 -14.03
C LYS D 62 2.02 50.34 -15.50
N VAL D 63 1.12 50.95 -16.26
CA VAL D 63 1.29 51.13 -17.69
C VAL D 63 0.68 52.48 -18.14
N SER D 64 1.17 53.01 -19.26
CA SER D 64 0.71 54.30 -19.80
C SER D 64 -0.59 54.21 -20.63
N THR D 65 -0.68 53.18 -21.48
CA THR D 65 -1.87 53.03 -22.30
C THR D 65 -2.35 51.58 -22.46
N PRO D 66 -3.67 51.37 -22.31
CA PRO D 66 -4.35 50.08 -22.41
C PRO D 66 -3.59 49.09 -23.27
N PRO D 67 -2.57 48.44 -22.69
CA PRO D 67 -1.77 47.46 -23.45
C PRO D 67 -2.68 46.52 -24.25
N PRO D 68 -2.15 45.95 -25.35
CA PRO D 68 -2.86 45.03 -26.24
C PRO D 68 -3.94 44.16 -25.59
N PRO D 69 -4.60 43.35 -26.41
CA PRO D 69 -5.66 42.45 -25.94
C PRO D 69 -5.17 41.36 -24.98
N GLY D 70 -4.99 40.15 -25.52
CA GLY D 70 -4.58 39.01 -24.71
C GLY D 70 -3.12 38.96 -24.28
N THR D 71 -2.65 40.05 -23.69
CA THR D 71 -1.28 40.16 -23.21
C THR D 71 -1.20 39.76 -21.74
N ALA D 72 -0.03 39.34 -21.28
CA ALA D 72 0.12 38.91 -19.89
C ALA D 72 1.43 39.35 -19.21
N ILE D 73 1.60 38.88 -17.97
CA ILE D 73 2.78 39.22 -17.16
C ILE D 73 3.53 37.96 -16.69
N ARG D 74 4.86 37.97 -16.80
CA ARG D 74 5.64 36.83 -16.35
C ARG D 74 6.84 37.20 -15.49
N ALA D 75 7.09 36.34 -14.50
CA ALA D 75 8.18 36.49 -13.55
C ALA D 75 9.23 35.41 -13.80
N MET D 76 10.46 35.85 -14.03
CA MET D 76 11.57 34.97 -14.32
C MET D 76 12.69 35.29 -13.36
N PRO D 77 13.24 34.26 -12.69
CA PRO D 77 14.33 34.56 -11.77
C PRO D 77 15.65 34.16 -12.42
N VAL D 78 16.68 34.98 -12.25
CA VAL D 78 17.97 34.67 -12.83
C VAL D 78 19.07 34.99 -11.86
N TYR D 79 20.16 34.22 -11.92
CA TYR D 79 21.28 34.47 -11.05
C TYR D 79 21.95 35.73 -11.56
N LYS D 80 22.52 36.52 -10.67
CA LYS D 80 23.15 37.76 -11.08
C LYS D 80 24.52 37.54 -11.71
N LYS D 81 25.50 37.21 -10.88
CA LYS D 81 26.86 36.98 -11.34
C LYS D 81 26.96 36.35 -12.72
N ALA D 82 27.73 36.99 -13.60
CA ALA D 82 27.92 36.55 -14.97
C ALA D 82 28.35 35.09 -15.09
N GLU D 83 28.72 34.50 -13.96
CA GLU D 83 29.14 33.12 -13.92
C GLU D 83 27.92 32.18 -13.90
N HIS D 84 27.05 32.39 -12.91
CA HIS D 84 25.86 31.56 -12.71
C HIS D 84 24.66 31.76 -13.62
N VAL D 85 24.73 32.76 -14.50
CA VAL D 85 23.65 33.01 -15.42
C VAL D 85 23.16 31.71 -16.04
N THR D 86 24.09 30.88 -16.47
CA THR D 86 23.77 29.59 -17.09
C THR D 86 22.75 28.79 -16.30
N ASP D 87 23.00 28.67 -15.00
CA ASP D 87 22.13 27.89 -14.10
C ASP D 87 20.71 28.42 -13.88
N VAL D 88 19.75 27.50 -14.03
CA VAL D 88 18.34 27.78 -13.84
C VAL D 88 18.16 27.96 -12.32
N VAL D 89 17.25 28.84 -11.92
CA VAL D 89 17.03 29.09 -10.50
C VAL D 89 15.76 28.39 -9.97
N LYS D 90 15.96 27.29 -9.25
CA LYS D 90 14.85 26.51 -8.68
C LYS D 90 14.97 26.33 -7.16
N ARG D 91 13.96 25.68 -6.56
CA ARG D 91 13.93 25.42 -5.13
C ARG D 91 14.90 24.34 -4.77
N CYS D 92 15.53 24.46 -3.60
CA CYS D 92 16.49 23.46 -3.16
C CYS D 92 15.74 22.14 -2.94
N PRO D 93 16.44 21.01 -3.02
CA PRO D 93 15.81 19.71 -2.82
C PRO D 93 14.94 19.65 -1.56
N ASN D 94 15.47 20.09 -0.42
CA ASN D 94 14.72 20.10 0.84
C ASN D 94 13.33 20.77 0.76
N HIS D 95 13.27 22.07 0.46
CA HIS D 95 11.98 22.78 0.36
C HIS D 95 11.08 22.23 -0.73
N GLU D 96 11.66 21.39 -1.58
CA GLU D 96 10.93 20.77 -2.67
C GLU D 96 10.24 19.51 -2.14
N LEU D 97 11.02 18.53 -1.70
CA LEU D 97 10.43 17.31 -1.17
C LEU D 97 10.01 17.46 0.29
N GLY D 98 9.65 18.67 0.67
CA GLY D 98 9.24 18.91 2.04
C GLY D 98 7.77 19.32 2.06
N ARG D 99 7.05 18.82 3.06
CA ARG D 99 5.63 19.10 3.26
C ARG D 99 5.18 20.55 3.26
N ASP D 100 5.62 21.27 4.29
CA ASP D 100 5.30 22.67 4.52
C ASP D 100 4.49 23.37 3.43
N PHE D 101 5.05 23.65 2.26
CA PHE D 101 4.21 24.35 1.30
C PHE D 101 3.78 23.68 -0.01
N ASN D 102 3.63 22.36 -0.02
CA ASN D 102 3.21 21.69 -1.24
C ASN D 102 1.90 20.92 -1.08
N GLU D 103 1.17 21.19 0.01
CA GLU D 103 -0.09 20.52 0.34
C GLU D 103 -1.38 21.12 -0.26
N GLY D 104 -1.28 21.56 -1.51
CA GLY D 104 -2.40 22.15 -2.21
C GLY D 104 -1.86 22.29 -3.61
N GLN D 105 -0.58 22.61 -3.61
CA GLN D 105 0.25 22.81 -4.78
C GLN D 105 -0.34 22.97 -6.20
N SER D 106 -1.11 24.01 -6.45
CA SER D 106 -1.57 24.23 -7.81
C SER D 106 -0.37 25.01 -8.33
N ALA D 107 0.81 24.49 -8.00
CA ALA D 107 2.07 25.12 -8.35
C ALA D 107 3.18 24.10 -8.19
N PRO D 108 3.83 23.75 -9.30
CA PRO D 108 4.93 22.79 -9.28
C PRO D 108 5.88 23.02 -8.12
N ALA D 109 6.05 21.98 -7.30
CA ALA D 109 6.91 22.04 -6.14
C ALA D 109 8.33 22.52 -6.40
N SER D 110 8.71 22.61 -7.68
CA SER D 110 10.05 23.02 -8.04
C SER D 110 10.24 24.54 -8.23
N HIS D 111 9.17 25.24 -8.62
CA HIS D 111 9.23 26.68 -8.86
C HIS D 111 9.55 27.58 -7.68
N LEU D 112 10.46 28.53 -7.93
CA LEU D 112 10.87 29.48 -6.92
C LEU D 112 9.79 30.55 -6.82
N ILE D 113 9.50 31.19 -7.94
CA ILE D 113 8.49 32.23 -7.93
C ILE D 113 7.10 31.64 -7.99
N ARG D 114 6.20 32.16 -7.17
CA ARG D 114 4.84 31.67 -7.16
C ARG D 114 3.88 32.85 -7.11
N VAL D 115 2.68 32.68 -7.65
CA VAL D 115 1.68 33.74 -7.61
C VAL D 115 0.51 33.23 -6.79
N GLU D 116 -0.10 34.10 -5.99
CA GLU D 116 -1.22 33.67 -5.18
C GLU D 116 -2.44 34.48 -5.45
N GLY D 117 -3.58 33.94 -5.05
CA GLY D 117 -4.84 34.61 -5.26
C GLY D 117 -5.38 34.29 -6.64
N ASN D 118 -4.60 34.58 -7.66
CA ASN D 118 -5.04 34.33 -9.02
C ASN D 118 -5.18 32.83 -9.31
N ASN D 119 -6.23 32.48 -10.07
CA ASN D 119 -6.49 31.09 -10.45
C ASN D 119 -5.99 30.89 -11.87
N LEU D 120 -5.89 31.97 -12.62
CA LEU D 120 -5.44 31.92 -14.00
C LEU D 120 -3.93 31.82 -14.17
N SER D 121 -3.20 31.61 -13.07
CA SER D 121 -1.75 31.51 -13.17
C SER D 121 -1.36 30.28 -13.95
N GLN D 122 -0.29 30.39 -14.73
CA GLN D 122 0.20 29.28 -15.53
C GLN D 122 1.71 29.18 -15.31
N TYR D 123 2.17 28.03 -14.82
CA TYR D 123 3.60 27.85 -14.57
C TYR D 123 4.33 27.25 -15.77
N VAL D 124 5.31 27.99 -16.28
CA VAL D 124 6.05 27.59 -17.47
C VAL D 124 7.43 26.93 -17.30
N ASP D 125 7.67 25.87 -18.10
CA ASP D 125 8.94 25.14 -18.15
C ASP D 125 9.42 25.14 -19.61
N ASP D 126 10.41 25.97 -19.93
CA ASP D 126 10.93 26.01 -21.29
C ASP D 126 11.37 24.62 -21.76
N PRO D 127 11.08 24.28 -23.02
CA PRO D 127 11.40 23.00 -23.69
C PRO D 127 12.71 22.31 -23.32
N VAL D 128 13.77 22.52 -24.10
CA VAL D 128 15.06 21.87 -23.82
C VAL D 128 15.96 22.77 -22.97
N THR D 129 15.90 24.07 -23.25
CA THR D 129 16.65 25.10 -22.51
C THR D 129 15.75 25.60 -21.37
N GLY D 130 15.09 24.64 -20.72
CA GLY D 130 14.13 24.87 -19.66
C GLY D 130 14.35 25.83 -18.51
N ARG D 131 13.59 26.91 -18.52
CA ARG D 131 13.67 27.86 -17.46
C ARG D 131 12.25 27.93 -16.95
N GLN D 132 12.09 28.00 -15.63
CA GLN D 132 10.75 28.04 -15.09
C GLN D 132 10.32 29.47 -14.81
N SER D 133 9.02 29.74 -15.02
CA SER D 133 8.46 31.07 -14.80
C SER D 133 6.95 30.99 -14.56
N VAL D 134 6.41 32.07 -14.00
CA VAL D 134 4.98 32.16 -13.70
C VAL D 134 4.38 33.32 -14.46
N VAL D 135 3.25 33.09 -15.12
CA VAL D 135 2.62 34.17 -15.85
C VAL D 135 1.15 34.23 -15.54
N VAL D 136 0.56 35.41 -15.76
CA VAL D 136 -0.86 35.60 -15.52
C VAL D 136 -1.37 36.66 -16.47
N PRO D 137 -2.56 36.43 -17.05
CA PRO D 137 -3.09 37.42 -17.98
C PRO D 137 -3.05 38.77 -17.30
N TYR D 138 -2.66 39.79 -18.05
CA TYR D 138 -2.62 41.12 -17.50
C TYR D 138 -4.07 41.57 -17.32
N GLU D 139 -4.30 42.40 -16.31
CA GLU D 139 -5.64 42.91 -16.06
C GLU D 139 -5.56 44.42 -15.84
N PRO D 140 -6.61 45.15 -16.25
CA PRO D 140 -6.65 46.60 -16.09
C PRO D 140 -6.79 46.96 -14.62
N PRO D 141 -6.17 48.07 -14.21
CA PRO D 141 -6.29 48.46 -12.80
C PRO D 141 -7.77 48.54 -12.42
N GLN D 142 -8.13 47.99 -11.26
CA GLN D 142 -9.53 48.03 -10.82
C GLN D 142 -9.97 49.50 -10.87
N VAL D 143 -11.15 49.74 -11.42
CA VAL D 143 -11.70 51.10 -11.56
C VAL D 143 -11.31 52.05 -10.41
N GLY D 144 -10.69 53.17 -10.75
CA GLY D 144 -10.31 54.15 -9.74
C GLY D 144 -8.98 53.88 -9.07
N THR D 145 -8.11 53.14 -9.74
CA THR D 145 -6.77 52.83 -9.23
C THR D 145 -5.80 52.95 -10.41
N GLU D 146 -4.52 53.18 -10.13
CA GLU D 146 -3.52 53.29 -11.21
C GLU D 146 -2.54 52.11 -11.17
N PHE D 147 -2.68 51.27 -10.16
CA PHE D 147 -1.78 50.15 -10.03
C PHE D 147 -2.43 48.80 -10.21
N THR D 148 -1.73 47.97 -10.96
CA THR D 148 -2.17 46.62 -11.21
C THR D 148 -1.27 45.88 -10.23
N THR D 149 -1.87 45.19 -9.26
CA THR D 149 -1.10 44.49 -8.24
C THR D 149 -1.09 42.97 -8.37
N ILE D 150 0.11 42.40 -8.30
CA ILE D 150 0.28 40.96 -8.37
C ILE D 150 0.92 40.50 -7.07
N LEU D 151 0.39 39.44 -6.48
CA LEU D 151 0.92 38.92 -5.22
C LEU D 151 1.82 37.69 -5.41
N TYR D 152 3.12 37.89 -5.32
CA TYR D 152 4.09 36.80 -5.49
C TYR D 152 4.53 36.11 -4.20
N ASN D 153 5.09 34.90 -4.36
CA ASN D 153 5.62 34.10 -3.27
C ASN D 153 6.96 33.59 -3.74
N PHE D 154 7.92 33.54 -2.81
CA PHE D 154 9.25 33.05 -3.07
C PHE D 154 9.45 31.89 -2.11
N MET D 155 9.42 30.68 -2.67
CA MET D 155 9.50 29.45 -1.89
C MET D 155 10.80 28.97 -1.28
N CYS D 156 11.91 29.62 -1.59
CA CYS D 156 13.18 29.23 -0.98
C CYS D 156 13.91 30.46 -0.53
N ASN D 157 14.88 30.24 0.36
CA ASN D 157 15.73 31.29 0.92
C ASN D 157 16.94 31.41 0.01
N SER D 158 17.37 32.62 -0.28
CA SER D 158 18.53 32.81 -1.12
C SER D 158 19.76 32.18 -0.49
N SER D 159 19.66 31.78 0.78
CA SER D 159 20.81 31.17 1.44
C SER D 159 20.84 29.64 1.29
N CYS D 160 19.70 29.05 0.94
CA CYS D 160 19.57 27.60 0.78
C CYS D 160 20.69 26.86 0.04
N VAL D 161 21.29 25.95 0.80
CA VAL D 161 22.36 25.10 0.31
C VAL D 161 21.67 24.04 -0.53
N GLY D 162 21.98 24.01 -1.82
CA GLY D 162 21.32 23.03 -2.66
C GLY D 162 20.36 23.75 -3.56
N GLY D 163 20.19 25.04 -3.29
CA GLY D 163 19.31 25.84 -4.11
C GLY D 163 20.13 27.01 -4.59
N MET D 164 19.60 28.22 -4.40
CA MET D 164 20.31 29.42 -4.81
C MET D 164 21.66 29.45 -4.08
N ASN D 165 21.80 28.63 -3.06
CA ASN D 165 23.06 28.55 -2.34
C ASN D 165 23.76 29.90 -2.16
N ARG D 166 23.05 30.86 -1.58
CA ARG D 166 23.57 32.19 -1.33
C ARG D 166 23.94 32.95 -2.61
N ARG D 167 23.27 32.68 -3.72
CA ARG D 167 23.60 33.40 -4.94
C ARG D 167 22.58 34.47 -5.30
N PRO D 168 22.97 35.75 -5.17
CA PRO D 168 22.07 36.86 -5.49
C PRO D 168 21.35 36.60 -6.81
N ILE D 169 20.08 36.96 -6.86
CA ILE D 169 19.31 36.74 -8.08
C ILE D 169 18.45 37.96 -8.42
N LEU D 170 18.00 38.02 -9.67
CA LEU D 170 17.13 39.11 -10.12
C LEU D 170 15.82 38.49 -10.50
N ILE D 171 14.74 39.17 -10.17
CA ILE D 171 13.46 38.66 -10.58
C ILE D 171 13.25 39.53 -11.78
N ILE D 172 12.96 38.95 -12.94
CA ILE D 172 12.72 39.79 -14.12
C ILE D 172 11.24 39.72 -14.46
N ILE D 173 10.57 40.86 -14.28
CA ILE D 173 9.15 41.00 -14.57
C ILE D 173 9.00 41.49 -16.01
N THR D 174 8.17 40.81 -16.80
CA THR D 174 8.00 41.26 -18.17
C THR D 174 6.57 41.18 -18.65
N LEU D 175 6.18 42.24 -19.32
CA LEU D 175 4.87 42.39 -19.91
C LEU D 175 5.10 41.82 -21.29
N GLU D 176 4.22 40.94 -21.77
CA GLU D 176 4.44 40.38 -23.09
C GLU D 176 3.18 39.88 -23.75
N MET D 177 3.23 39.71 -25.07
CA MET D 177 2.06 39.28 -25.82
C MET D 177 2.13 37.79 -26.14
N ARG D 178 1.01 37.10 -25.93
CA ARG D 178 0.91 35.66 -26.17
C ARG D 178 1.75 35.21 -27.36
N ASP D 179 1.73 36.00 -28.43
CA ASP D 179 2.50 35.66 -29.62
C ASP D 179 4.01 35.87 -29.40
N GLY D 180 4.49 35.53 -28.20
CA GLY D 180 5.89 35.68 -27.88
C GLY D 180 6.51 37.08 -27.84
N GLN D 181 5.90 38.08 -28.49
CA GLN D 181 6.48 39.42 -28.50
C GLN D 181 6.58 40.07 -27.13
N VAL D 182 7.79 40.10 -26.60
CA VAL D 182 8.10 40.66 -25.30
C VAL D 182 8.35 42.18 -25.39
N LEU D 183 7.37 43.00 -25.02
CA LEU D 183 7.58 44.44 -25.09
C LEU D 183 7.45 45.18 -23.76
N GLY D 184 7.81 44.47 -22.69
CA GLY D 184 7.79 45.03 -21.34
C GLY D 184 8.89 44.34 -20.52
N ARG D 185 9.88 45.12 -20.08
CA ARG D 185 10.97 44.53 -19.32
C ARG D 185 11.45 45.39 -18.15
N ARG D 186 11.06 45.01 -16.94
CA ARG D 186 11.48 45.70 -15.72
C ARG D 186 12.04 44.62 -14.79
N SER D 187 13.26 44.82 -14.31
CA SER D 187 13.90 43.83 -13.42
C SER D 187 14.44 44.47 -12.14
N PHE D 188 14.42 43.70 -11.06
CA PHE D 188 14.93 44.15 -9.76
C PHE D 188 15.56 43.00 -8.97
N GLU D 189 16.51 43.32 -8.11
CA GLU D 189 17.22 42.30 -7.32
C GLU D 189 16.30 41.74 -6.27
N GLY D 190 16.44 40.44 -6.00
CA GLY D 190 15.61 39.78 -5.01
C GLY D 190 16.39 38.93 -4.02
N ARG D 191 16.11 39.10 -2.73
CA ARG D 191 16.78 38.35 -1.67
C ARG D 191 15.75 37.78 -0.71
N ILE D 192 15.72 36.46 -0.59
CA ILE D 192 14.78 35.81 0.32
C ILE D 192 15.56 35.51 1.60
N CYS D 193 15.03 35.95 2.73
CA CYS D 193 15.69 35.73 4.02
C CYS D 193 14.73 35.77 5.21
N ALA D 194 15.21 35.28 6.35
CA ALA D 194 14.44 35.23 7.60
C ALA D 194 13.81 36.56 8.00
N CYS D 195 14.64 37.57 8.22
CA CYS D 195 14.18 38.92 8.58
C CYS D 195 14.82 39.88 7.57
N PRO D 196 13.99 40.40 6.65
CA PRO D 196 14.41 41.31 5.58
C PRO D 196 14.92 42.71 5.99
N GLY D 197 14.23 43.40 6.90
CA GLY D 197 14.70 44.68 7.39
C GLY D 197 16.16 44.67 7.81
N ARG D 198 16.57 43.65 8.54
CA ARG D 198 17.94 43.58 9.00
C ARG D 198 18.93 43.58 7.84
N ASP D 199 18.84 42.60 6.96
CA ASP D 199 19.76 42.52 5.83
C ASP D 199 19.75 43.80 5.02
N ARG D 200 18.57 44.35 4.77
CA ARG D 200 18.48 45.58 4.01
C ARG D 200 19.32 46.69 4.63
N LYS D 201 19.00 47.05 5.88
CA LYS D 201 19.75 48.10 6.56
C LYS D 201 21.22 47.77 6.58
N ALA D 202 21.56 46.49 6.72
CA ALA D 202 22.95 46.07 6.75
C ALA D 202 23.59 46.27 5.39
N ASP D 203 22.81 46.04 4.34
CA ASP D 203 23.28 46.20 2.96
C ASP D 203 23.55 47.65 2.62
N GLU D 204 22.64 48.54 3.02
CA GLU D 204 22.79 49.97 2.77
C GLU D 204 23.83 50.62 3.69
N ASP D 205 23.82 50.27 4.97
CA ASP D 205 24.77 50.83 5.93
C ASP D 205 26.17 50.80 5.33
N HIS D 206 26.64 49.60 5.04
CA HIS D 206 27.98 49.40 4.48
C HIS D 206 28.27 49.93 3.09
N TYR D 207 27.29 49.92 2.19
CA TYR D 207 27.57 50.45 0.85
C TYR D 207 27.75 51.94 0.90
N ARG D 208 27.13 52.56 1.91
CA ARG D 208 27.21 53.99 2.11
C ARG D 208 28.66 54.28 2.50
N GLU D 209 29.17 53.50 3.47
CA GLU D 209 30.53 53.66 3.96
C GLU D 209 31.62 53.18 3.01
N GLN D 210 31.41 52.04 2.36
CA GLN D 210 32.39 51.46 1.45
C GLN D 210 32.49 52.14 0.07
N PHE E 12 -7.37 4.40 -11.42
CA PHE E 12 -6.95 2.99 -11.67
C PHE E 12 -7.08 2.15 -10.40
N ILE E 13 -6.11 2.27 -9.51
CA ILE E 13 -6.08 1.54 -8.25
C ILE E 13 -6.79 2.34 -7.15
N PRO E 14 -7.90 1.79 -6.61
CA PRO E 14 -8.76 2.36 -5.55
C PRO E 14 -8.02 3.01 -4.37
N SER E 15 -8.04 4.33 -4.33
CA SER E 15 -7.39 5.08 -3.26
C SER E 15 -7.99 4.62 -1.94
N ASN E 16 -7.18 4.04 -1.07
CA ASN E 16 -7.70 3.52 0.20
C ASN E 16 -7.14 4.18 1.47
N THR E 17 -6.54 5.35 1.34
CA THR E 17 -5.99 6.04 2.50
C THR E 17 -7.07 6.83 3.23
N ASP E 18 -6.95 6.88 4.54
CA ASP E 18 -7.88 7.64 5.36
C ASP E 18 -7.69 9.12 5.11
N TYR E 19 -8.78 9.79 4.78
CA TYR E 19 -8.77 11.22 4.49
C TYR E 19 -9.97 11.93 5.13
N PRO E 20 -9.76 12.57 6.31
CA PRO E 20 -10.76 13.31 7.09
C PRO E 20 -11.57 14.30 6.26
N GLY E 21 -10.85 15.04 5.43
CA GLY E 21 -11.48 16.01 4.57
C GLY E 21 -11.85 17.28 5.28
N PRO E 22 -12.55 18.17 4.56
CA PRO E 22 -13.05 19.46 5.00
C PRO E 22 -14.13 19.35 6.06
N HIS E 23 -14.73 18.15 6.19
CA HIS E 23 -15.80 17.98 7.15
C HIS E 23 -15.49 16.97 8.23
N HIS E 24 -14.20 16.76 8.50
CA HIS E 24 -13.76 15.77 9.47
C HIS E 24 -14.70 14.53 9.39
N PHE E 25 -14.65 13.81 8.27
CA PHE E 25 -15.46 12.62 8.04
C PHE E 25 -14.94 11.47 8.91
N GLU E 26 -15.78 10.98 9.80
CA GLU E 26 -15.39 9.92 10.71
C GLU E 26 -16.32 8.69 10.68
N VAL E 27 -15.72 7.50 10.65
CA VAL E 27 -16.48 6.26 10.65
C VAL E 27 -16.18 5.54 11.96
N THR E 28 -17.22 5.21 12.73
CA THR E 28 -17.04 4.52 14.00
C THR E 28 -18.04 3.38 14.14
N PHE E 29 -17.80 2.51 15.11
CA PHE E 29 -18.68 1.37 15.36
C PHE E 29 -19.31 1.32 16.73
N GLN E 30 -20.61 1.02 16.75
CA GLN E 30 -21.41 0.87 17.96
C GLN E 30 -20.76 -0.20 18.84
N GLN E 31 -20.53 0.10 20.12
CA GLN E 31 -19.92 -0.90 20.99
C GLN E 31 -20.50 -2.28 20.64
N SER E 32 -19.62 -3.26 20.43
CA SER E 32 -20.06 -4.61 20.12
C SER E 32 -19.45 -5.53 21.16
N SER E 33 -20.27 -6.35 21.78
CA SER E 33 -19.76 -7.26 22.79
C SER E 33 -19.04 -8.39 22.08
N THR E 34 -17.98 -8.91 22.70
CA THR E 34 -17.22 -9.98 22.08
C THR E 34 -17.90 -11.33 22.25
N ALA E 35 -19.14 -11.32 22.71
CA ALA E 35 -19.88 -12.55 22.89
C ALA E 35 -19.74 -13.35 21.60
N LYS E 36 -18.86 -14.36 21.65
CA LYS E 36 -18.55 -15.23 20.51
C LYS E 36 -19.67 -15.39 19.47
N SER E 37 -19.24 -15.60 18.22
CA SER E 37 -20.18 -15.82 17.13
C SER E 37 -21.34 -14.80 17.19
N ALA E 38 -20.99 -13.55 17.51
CA ALA E 38 -21.96 -12.45 17.59
C ALA E 38 -22.36 -12.01 16.19
N THR E 39 -23.51 -11.37 16.07
CA THR E 39 -23.96 -10.93 14.76
C THR E 39 -22.78 -10.37 14.00
N TRP E 40 -21.99 -9.57 14.70
CA TRP E 40 -20.80 -8.93 14.12
C TRP E 40 -20.03 -8.36 15.29
N THR E 41 -18.82 -7.86 15.02
CA THR E 41 -18.01 -7.27 16.08
C THR E 41 -16.76 -6.59 15.46
N TYR E 42 -16.31 -5.48 16.05
CA TYR E 42 -15.15 -4.75 15.53
C TYR E 42 -13.94 -4.87 16.44
N SER E 43 -12.77 -5.07 15.84
CA SER E 43 -11.55 -5.20 16.60
C SER E 43 -10.71 -3.94 16.51
N PRO E 44 -10.88 -3.02 17.47
CA PRO E 44 -10.08 -1.79 17.42
C PRO E 44 -8.60 -2.16 17.30
N LEU E 45 -8.17 -3.16 18.01
CA LEU E 45 -6.82 -3.56 17.89
C LEU E 45 -6.48 -3.58 16.46
N LEU E 46 -7.09 -4.52 15.76
CA LEU E 46 -6.70 -4.86 14.42
C LEU E 46 -7.41 -4.03 13.43
N LYS E 47 -8.14 -3.10 13.95
CA LYS E 47 -8.92 -2.17 13.12
C LYS E 47 -9.65 -2.91 12.01
N LYS E 48 -10.29 -4.03 12.34
CA LYS E 48 -11.01 -4.80 11.33
C LYS E 48 -12.39 -5.24 11.81
N LEU E 49 -13.29 -5.40 10.83
CA LEU E 49 -14.67 -5.78 11.09
C LEU E 49 -14.99 -7.23 10.78
N TYR E 50 -15.48 -7.94 11.79
CA TYR E 50 -15.87 -9.35 11.68
C TYR E 50 -17.40 -9.33 11.60
N CYS E 51 -17.96 -9.87 10.53
CA CYS E 51 -19.40 -9.82 10.36
C CYS E 51 -19.96 -11.07 9.68
N GLN E 52 -21.14 -11.53 10.12
CA GLN E 52 -21.77 -12.71 9.54
C GLN E 52 -22.40 -12.41 8.20
N ILE E 53 -22.41 -13.40 7.31
CA ILE E 53 -22.97 -13.18 6.00
C ILE E 53 -24.45 -12.80 6.04
N ALA E 54 -24.79 -11.75 5.30
CA ALA E 54 -26.15 -11.23 5.23
C ALA E 54 -26.70 -10.61 6.52
N LYS E 55 -26.14 -10.93 7.68
CA LYS E 55 -26.63 -10.34 8.94
C LYS E 55 -26.48 -8.81 8.89
N THR E 56 -27.16 -8.11 9.79
CA THR E 56 -27.12 -6.65 9.84
C THR E 56 -25.90 -6.07 10.52
N CYS E 57 -25.12 -5.30 9.78
CA CYS E 57 -23.95 -4.64 10.32
C CYS E 57 -24.11 -3.12 10.18
N PRO E 58 -24.25 -2.40 11.31
CA PRO E 58 -24.41 -0.94 11.23
C PRO E 58 -23.14 -0.15 11.50
N ILE E 59 -22.76 0.72 10.58
CA ILE E 59 -21.59 1.54 10.81
C ILE E 59 -22.09 2.99 10.98
N GLN E 60 -21.28 3.79 11.68
CA GLN E 60 -21.63 5.16 12.00
C GLN E 60 -20.80 6.16 11.21
N ILE E 61 -21.42 7.29 10.91
CA ILE E 61 -20.74 8.33 10.15
C ILE E 61 -20.89 9.69 10.81
N LYS E 62 -19.76 10.27 11.21
CA LYS E 62 -19.75 11.58 11.86
C LYS E 62 -19.09 12.63 10.96
N VAL E 63 -19.47 13.89 11.14
CA VAL E 63 -18.97 15.01 10.36
C VAL E 63 -19.03 16.22 11.28
N SER E 64 -18.26 17.25 10.99
CA SER E 64 -18.32 18.45 11.81
C SER E 64 -19.27 19.43 11.14
N THR E 65 -18.91 19.84 9.94
CA THR E 65 -19.68 20.79 9.16
C THR E 65 -20.48 20.04 8.09
N PRO E 66 -21.80 20.24 8.07
CA PRO E 66 -22.68 19.57 7.09
C PRO E 66 -22.09 19.56 5.68
N PRO E 67 -22.27 18.44 4.96
CA PRO E 67 -21.77 18.28 3.59
C PRO E 67 -22.66 18.98 2.57
N PRO E 68 -22.06 19.54 1.51
CA PRO E 68 -22.86 20.22 0.49
C PRO E 68 -23.98 19.32 -0.01
N PRO E 69 -25.10 19.90 -0.44
CA PRO E 69 -26.22 19.11 -0.95
C PRO E 69 -25.79 18.18 -2.08
N GLY E 70 -26.57 17.12 -2.29
CA GLY E 70 -26.27 16.15 -3.33
C GLY E 70 -25.13 15.20 -2.97
N THR E 71 -24.60 15.36 -1.75
CA THR E 71 -23.50 14.53 -1.27
C THR E 71 -23.91 13.08 -1.11
N ALA E 72 -23.00 12.15 -1.37
CA ALA E 72 -23.31 10.74 -1.26
C ALA E 72 -22.28 9.92 -0.51
N ILE E 73 -22.59 8.66 -0.29
CA ILE E 73 -21.70 7.77 0.45
C ILE E 73 -21.65 6.37 -0.12
N ARG E 74 -20.53 6.01 -0.73
CA ARG E 74 -20.40 4.66 -1.29
C ARG E 74 -19.58 3.74 -0.41
N ALA E 75 -19.95 2.47 -0.43
CA ALA E 75 -19.24 1.46 0.32
C ALA E 75 -18.66 0.56 -0.77
N MET E 76 -17.34 0.50 -0.86
CA MET E 76 -16.72 -0.34 -1.88
C MET E 76 -15.68 -1.24 -1.23
N PRO E 77 -15.65 -2.53 -1.61
CA PRO E 77 -14.70 -3.51 -1.08
C PRO E 77 -13.47 -3.67 -1.98
N VAL E 78 -12.31 -3.91 -1.39
CA VAL E 78 -11.09 -4.09 -2.17
C VAL E 78 -10.14 -5.08 -1.53
N TYR E 79 -9.46 -5.88 -2.34
CA TYR E 79 -8.51 -6.85 -1.78
C TYR E 79 -7.31 -6.10 -1.24
N LYS E 80 -6.88 -6.55 -0.07
CA LYS E 80 -5.77 -5.99 0.69
C LYS E 80 -4.40 -6.15 0.02
N LYS E 81 -4.03 -7.40 -0.21
CA LYS E 81 -2.74 -7.73 -0.81
C LYS E 81 -2.55 -7.25 -2.25
N ALA E 82 -1.34 -6.78 -2.53
CA ALA E 82 -0.92 -6.25 -3.83
C ALA E 82 -1.11 -7.25 -4.99
N GLU E 83 -0.97 -8.54 -4.70
CA GLU E 83 -1.13 -9.59 -5.72
C GLU E 83 -2.58 -9.82 -6.09
N HIS E 84 -3.48 -9.17 -5.34
CA HIS E 84 -4.92 -9.32 -5.55
C HIS E 84 -5.72 -8.01 -5.65
N VAL E 85 -5.12 -6.87 -5.38
CA VAL E 85 -5.86 -5.62 -5.46
C VAL E 85 -6.54 -5.42 -6.82
N THR E 86 -5.74 -5.51 -7.89
CA THR E 86 -6.21 -5.33 -9.27
C THR E 86 -7.48 -6.14 -9.55
N ASP E 87 -7.72 -7.13 -8.71
CA ASP E 87 -8.87 -8.01 -8.86
C ASP E 87 -10.12 -7.37 -8.27
N VAL E 88 -11.11 -7.04 -9.10
CA VAL E 88 -12.34 -6.45 -8.58
C VAL E 88 -12.97 -7.50 -7.69
N VAL E 89 -13.47 -7.09 -6.54
CA VAL E 89 -14.06 -8.06 -5.65
C VAL E 89 -15.56 -8.23 -5.91
N LYS E 90 -15.86 -9.29 -6.67
CA LYS E 90 -17.23 -9.64 -7.03
C LYS E 90 -17.68 -10.71 -6.04
N ARG E 91 -18.93 -11.14 -6.15
CA ARG E 91 -19.47 -12.14 -5.26
C ARG E 91 -19.14 -13.50 -5.88
N CYS E 92 -18.98 -14.53 -5.06
CA CYS E 92 -18.66 -15.85 -5.61
C CYS E 92 -19.80 -16.39 -6.46
N PRO E 93 -19.46 -17.00 -7.62
CA PRO E 93 -20.46 -17.58 -8.54
C PRO E 93 -21.56 -18.33 -7.81
N ASN E 94 -21.18 -19.21 -6.89
CA ASN E 94 -22.13 -20.01 -6.13
C ASN E 94 -23.26 -19.17 -5.52
N HIS E 95 -22.91 -18.09 -4.80
CA HIS E 95 -23.91 -17.20 -4.19
C HIS E 95 -24.53 -16.25 -5.24
N GLU E 96 -23.76 -15.91 -6.27
CA GLU E 96 -24.23 -15.03 -7.34
C GLU E 96 -25.48 -15.62 -7.98
N LEU E 97 -25.30 -16.77 -8.64
CA LEU E 97 -26.38 -17.51 -9.29
C LEU E 97 -26.92 -18.51 -8.27
N GLY E 98 -27.22 -18.04 -7.06
CA GLY E 98 -27.69 -18.93 -6.02
C GLY E 98 -29.14 -18.81 -5.58
N ARG E 99 -29.72 -19.96 -5.28
CA ARG E 99 -31.11 -20.07 -4.82
C ARG E 99 -31.23 -19.98 -3.31
N ASP E 100 -30.62 -18.97 -2.70
CA ASP E 100 -30.68 -18.86 -1.24
C ASP E 100 -31.04 -17.47 -0.68
N PHE E 101 -30.51 -16.41 -1.25
CA PHE E 101 -30.81 -15.08 -0.71
C PHE E 101 -31.35 -13.99 -1.62
N ASN E 102 -30.54 -13.56 -2.58
CA ASN E 102 -30.99 -12.53 -3.49
C ASN E 102 -32.21 -12.98 -4.29
N GLU E 103 -33.22 -13.44 -3.57
CA GLU E 103 -34.47 -13.91 -4.13
C GLU E 103 -35.54 -12.81 -4.19
N GLY E 104 -35.13 -11.61 -4.59
CA GLY E 104 -36.10 -10.53 -4.71
C GLY E 104 -35.82 -9.17 -4.08
N GLN E 105 -34.55 -8.78 -3.96
CA GLN E 105 -34.22 -7.48 -3.39
C GLN E 105 -33.62 -6.62 -4.49
N SER E 106 -33.43 -5.34 -4.21
CA SER E 106 -32.88 -4.40 -5.19
C SER E 106 -31.53 -4.84 -5.73
N ALA E 107 -30.58 -5.01 -4.81
CA ALA E 107 -29.22 -5.41 -5.12
C ALA E 107 -29.08 -6.52 -6.17
N PRO E 108 -28.15 -6.33 -7.11
CA PRO E 108 -27.94 -7.33 -8.16
C PRO E 108 -27.39 -8.62 -7.56
N ALA E 109 -26.86 -9.48 -8.41
CA ALA E 109 -26.31 -10.76 -7.97
C ALA E 109 -24.82 -10.62 -7.74
N SER E 110 -24.17 -9.92 -8.67
CA SER E 110 -22.72 -9.68 -8.66
C SER E 110 -22.20 -9.02 -7.38
N HIS E 111 -22.77 -7.88 -7.00
CA HIS E 111 -22.39 -7.10 -5.82
C HIS E 111 -22.33 -7.81 -4.46
N LEU E 112 -21.21 -7.59 -3.75
CA LEU E 112 -20.94 -8.17 -2.44
C LEU E 112 -21.53 -7.37 -1.28
N ILE E 113 -21.29 -6.06 -1.27
CA ILE E 113 -21.81 -5.18 -0.22
C ILE E 113 -23.15 -4.55 -0.60
N ARG E 114 -24.19 -4.82 0.19
CA ARG E 114 -25.50 -4.23 -0.03
C ARG E 114 -25.78 -3.43 1.22
N VAL E 115 -26.75 -2.54 1.20
CA VAL E 115 -27.06 -1.78 2.41
C VAL E 115 -28.55 -1.96 2.72
N GLU E 116 -28.82 -2.59 3.87
CA GLU E 116 -30.16 -2.93 4.32
C GLU E 116 -31.04 -1.82 4.87
N GLY E 117 -32.20 -1.60 4.25
CA GLY E 117 -33.13 -0.58 4.73
C GLY E 117 -33.22 0.79 4.07
N ASN E 118 -32.42 1.03 3.03
CA ASN E 118 -32.47 2.34 2.38
C ASN E 118 -32.78 2.25 0.88
N ASN E 119 -33.93 2.78 0.49
CA ASN E 119 -34.38 2.75 -0.91
C ASN E 119 -33.48 3.53 -1.90
N LEU E 120 -33.15 4.74 -1.52
CA LEU E 120 -32.34 5.64 -2.33
C LEU E 120 -30.94 5.09 -2.64
N SER E 121 -30.73 3.83 -2.28
CA SER E 121 -29.43 3.20 -2.50
C SER E 121 -29.31 2.60 -3.91
N GLN E 122 -28.13 2.75 -4.51
CA GLN E 122 -27.87 2.22 -5.84
C GLN E 122 -26.52 1.49 -5.90
N TYR E 123 -26.45 0.46 -6.75
CA TYR E 123 -25.22 -0.32 -6.91
C TYR E 123 -24.67 0.02 -8.29
N VAL E 124 -23.39 0.37 -8.34
CA VAL E 124 -22.83 0.80 -9.62
C VAL E 124 -21.66 -0.03 -10.21
N ASP E 125 -21.67 -0.18 -11.52
CA ASP E 125 -20.62 -0.90 -12.24
C ASP E 125 -19.91 0.04 -13.19
N ASP E 126 -18.63 0.28 -12.92
CA ASP E 126 -17.84 1.15 -13.76
C ASP E 126 -17.57 0.41 -15.07
N PRO E 127 -17.94 1.01 -16.21
CA PRO E 127 -17.71 0.38 -17.52
C PRO E 127 -16.21 0.24 -17.79
N VAL E 128 -15.44 1.13 -17.18
CA VAL E 128 -13.98 1.14 -17.32
C VAL E 128 -13.38 0.33 -16.16
N THR E 129 -13.37 0.93 -14.97
CA THR E 129 -12.82 0.29 -13.77
C THR E 129 -13.44 -1.07 -13.47
N GLY E 130 -14.74 -1.20 -13.72
CA GLY E 130 -15.40 -2.46 -13.46
C GLY E 130 -15.79 -2.64 -12.00
N ARG E 131 -15.19 -1.86 -11.12
CA ARG E 131 -15.48 -1.98 -9.70
C ARG E 131 -16.94 -1.79 -9.34
N GLN E 132 -17.40 -2.64 -8.43
CA GLN E 132 -18.80 -2.62 -7.99
C GLN E 132 -18.97 -1.92 -6.64
N SER E 133 -19.83 -0.90 -6.64
CA SER E 133 -20.08 -0.09 -5.46
C SER E 133 -21.56 0.10 -5.13
N VAL E 134 -21.83 0.55 -3.91
CA VAL E 134 -23.19 0.83 -3.47
C VAL E 134 -23.17 2.20 -2.79
N VAL E 135 -24.02 3.12 -3.24
CA VAL E 135 -24.04 4.46 -2.69
C VAL E 135 -25.39 4.84 -2.10
N VAL E 136 -25.37 5.85 -1.23
CA VAL E 136 -26.58 6.34 -0.61
C VAL E 136 -26.46 7.83 -0.33
N PRO E 137 -27.55 8.57 -0.55
CA PRO E 137 -27.55 10.02 -0.31
C PRO E 137 -27.24 10.25 1.16
N TYR E 138 -26.35 11.20 1.45
CA TYR E 138 -25.97 11.49 2.81
C TYR E 138 -27.04 12.26 3.56
N GLU E 139 -27.53 11.66 4.65
CA GLU E 139 -28.55 12.27 5.50
C GLU E 139 -27.93 12.61 6.82
N PRO E 140 -28.17 13.84 7.32
CA PRO E 140 -27.57 14.16 8.60
C PRO E 140 -28.15 13.24 9.67
N PRO E 141 -27.57 13.26 10.88
CA PRO E 141 -28.04 12.42 11.98
C PRO E 141 -29.49 12.71 12.30
N GLN E 142 -30.17 11.75 12.92
CA GLN E 142 -31.55 11.97 13.29
C GLN E 142 -31.50 12.85 14.54
N VAL E 143 -32.22 13.98 14.49
CA VAL E 143 -32.27 14.97 15.58
C VAL E 143 -31.76 14.48 16.94
N GLY E 144 -32.39 13.44 17.48
CA GLY E 144 -31.98 12.91 18.76
C GLY E 144 -30.48 12.65 18.89
N THR E 145 -29.94 11.77 18.05
CA THR E 145 -28.51 11.42 18.10
C THR E 145 -27.63 12.36 17.21
N GLU E 146 -26.32 12.08 17.11
CA GLU E 146 -25.36 12.88 16.31
C GLU E 146 -24.57 12.03 15.30
N PHE E 147 -25.14 10.91 14.88
CA PHE E 147 -24.47 10.01 13.92
C PHE E 147 -25.45 9.54 12.86
N THR E 148 -25.02 9.48 11.62
CA THR E 148 -25.88 8.94 10.58
C THR E 148 -25.44 7.49 10.69
N THR E 149 -26.38 6.58 10.76
CA THR E 149 -26.06 5.16 10.85
C THR E 149 -26.46 4.54 9.53
N ILE E 150 -25.54 3.86 8.85
CA ILE E 150 -25.91 3.21 7.61
C ILE E 150 -25.91 1.72 7.94
N LEU E 151 -26.86 0.98 7.36
CA LEU E 151 -26.97 -0.45 7.66
C LEU E 151 -26.50 -1.34 6.53
N TYR E 152 -25.31 -1.91 6.69
CA TYR E 152 -24.75 -2.78 5.67
C TYR E 152 -25.07 -4.26 5.86
N ASN E 153 -24.97 -4.99 4.75
CA ASN E 153 -25.21 -6.41 4.64
C ASN E 153 -24.10 -6.96 3.75
N PHE E 154 -23.37 -7.98 4.22
CA PHE E 154 -22.28 -8.58 3.44
C PHE E 154 -22.71 -9.94 2.91
N MET E 155 -22.65 -10.09 1.60
CA MET E 155 -23.14 -11.31 0.95
C MET E 155 -22.20 -12.44 0.58
N CYS E 156 -21.06 -12.54 1.24
CA CYS E 156 -20.16 -13.62 0.89
C CYS E 156 -19.03 -13.77 1.90
N ASN E 157 -19.05 -14.87 2.64
CA ASN E 157 -18.01 -15.17 3.62
C ASN E 157 -16.65 -15.08 2.93
N SER E 158 -15.73 -14.31 3.50
CA SER E 158 -14.43 -14.15 2.87
C SER E 158 -13.87 -15.48 2.38
N SER E 159 -14.13 -16.56 3.13
CA SER E 159 -13.65 -17.89 2.75
C SER E 159 -14.26 -18.45 1.46
N CYS E 160 -15.51 -18.09 1.18
CA CYS E 160 -16.16 -18.57 -0.03
C CYS E 160 -15.15 -18.67 -1.16
N VAL E 161 -14.97 -19.87 -1.69
CA VAL E 161 -14.04 -20.08 -2.80
C VAL E 161 -14.75 -19.63 -4.07
N GLY E 162 -13.99 -19.28 -5.09
CA GLY E 162 -14.60 -18.80 -6.31
C GLY E 162 -14.89 -17.34 -6.03
N GLY E 163 -15.02 -17.04 -4.74
CA GLY E 163 -15.26 -15.69 -4.28
C GLY E 163 -13.93 -15.14 -3.81
N MET E 164 -13.89 -14.63 -2.58
CA MET E 164 -12.67 -14.07 -2.01
C MET E 164 -11.54 -15.08 -1.72
N ASN E 165 -11.86 -16.38 -1.73
CA ASN E 165 -10.88 -17.44 -1.49
C ASN E 165 -9.95 -17.20 -0.31
N ARG E 166 -10.52 -16.69 0.77
CA ARG E 166 -9.76 -16.41 1.99
C ARG E 166 -8.84 -15.17 1.86
N ARG E 167 -8.77 -14.59 0.67
CA ARG E 167 -7.96 -13.37 0.47
C ARG E 167 -8.62 -12.26 1.31
N PRO E 168 -7.83 -11.51 2.07
CA PRO E 168 -8.37 -10.42 2.91
C PRO E 168 -8.99 -9.27 2.11
N ILE E 169 -9.93 -8.52 2.70
CA ILE E 169 -10.52 -7.39 1.99
C ILE E 169 -10.58 -6.16 2.88
N LEU E 170 -10.58 -4.99 2.25
CA LEU E 170 -10.69 -3.72 2.94
C LEU E 170 -12.03 -3.24 2.49
N ILE E 171 -12.83 -2.68 3.40
CA ILE E 171 -14.13 -2.10 3.04
C ILE E 171 -13.85 -0.60 3.13
N ILE E 172 -14.08 0.15 2.05
CA ILE E 172 -13.79 1.57 2.14
C ILE E 172 -15.02 2.41 1.82
N ILE E 173 -15.35 3.29 2.77
CA ILE E 173 -16.50 4.20 2.70
C ILE E 173 -16.06 5.58 2.25
N THR E 174 -16.75 6.18 1.28
CA THR E 174 -16.36 7.51 0.81
C THR E 174 -17.51 8.50 0.90
N LEU E 175 -17.19 9.73 1.28
CA LEU E 175 -18.19 10.79 1.33
C LEU E 175 -17.78 11.75 0.21
N GLU E 176 -18.60 11.88 -0.83
CA GLU E 176 -18.23 12.78 -1.92
C GLU E 176 -19.33 13.59 -2.61
N MET E 177 -18.90 14.45 -3.52
CA MET E 177 -19.78 15.33 -4.28
C MET E 177 -20.66 14.56 -5.24
N ARG E 178 -21.77 15.17 -5.63
CA ARG E 178 -22.71 14.57 -6.58
C ARG E 178 -21.93 14.14 -7.81
N ASP E 179 -20.93 14.94 -8.18
CA ASP E 179 -20.11 14.63 -9.34
C ASP E 179 -19.20 13.45 -9.03
N GLY E 180 -18.85 13.31 -7.76
CA GLY E 180 -18.00 12.22 -7.33
C GLY E 180 -16.65 12.60 -6.74
N GLN E 181 -16.40 13.89 -6.53
CA GLN E 181 -15.12 14.29 -5.95
C GLN E 181 -15.11 13.97 -4.45
N VAL E 182 -14.02 13.39 -3.99
CA VAL E 182 -13.93 13.00 -2.60
C VAL E 182 -13.67 14.13 -1.62
N LEU E 183 -14.51 14.14 -0.60
CA LEU E 183 -14.43 15.15 0.46
C LEU E 183 -13.95 14.44 1.69
N GLY E 184 -14.10 13.13 1.68
CA GLY E 184 -13.68 12.35 2.81
C GLY E 184 -13.70 10.88 2.48
N ARG E 185 -12.78 10.16 3.10
CA ARG E 185 -12.70 8.73 2.88
C ARG E 185 -12.15 8.05 4.11
N ARG E 186 -12.76 6.93 4.45
CA ARG E 186 -12.31 6.17 5.59
C ARG E 186 -12.45 4.73 5.19
N SER E 187 -11.49 3.90 5.59
CA SER E 187 -11.51 2.50 5.25
C SER E 187 -11.14 1.63 6.44
N PHE E 188 -11.19 0.32 6.25
CA PHE E 188 -10.86 -0.64 7.29
C PHE E 188 -10.99 -2.07 6.74
N GLU E 189 -10.29 -3.02 7.36
CA GLU E 189 -10.32 -4.41 6.92
C GLU E 189 -11.53 -5.16 7.45
N GLY E 190 -12.12 -5.97 6.58
CA GLY E 190 -13.29 -6.73 7.00
C GLY E 190 -13.11 -8.21 6.78
N ARG E 191 -13.73 -9.01 7.64
CA ARG E 191 -13.69 -10.46 7.52
C ARG E 191 -15.08 -11.02 7.70
N ILE E 192 -15.70 -11.38 6.59
CA ILE E 192 -17.03 -11.95 6.62
C ILE E 192 -16.84 -13.40 6.98
N CYS E 193 -17.16 -13.77 8.21
CA CYS E 193 -16.99 -15.15 8.64
C CYS E 193 -18.20 -15.67 9.42
N ALA E 194 -18.19 -16.98 9.63
CA ALA E 194 -19.25 -17.67 10.34
C ALA E 194 -19.31 -17.29 11.80
N CYS E 195 -18.15 -17.23 12.44
CA CYS E 195 -18.08 -16.92 13.86
C CYS E 195 -17.24 -15.67 14.14
N PRO E 196 -17.83 -14.48 13.99
CA PRO E 196 -17.11 -13.21 14.24
C PRO E 196 -16.34 -13.17 15.55
N GLY E 197 -17.06 -13.34 16.66
CA GLY E 197 -16.46 -13.30 17.99
C GLY E 197 -15.34 -14.28 18.26
N ARG E 198 -15.43 -15.45 17.65
CA ARG E 198 -14.40 -16.46 17.82
C ARG E 198 -13.10 -16.02 17.15
N ASP E 199 -13.21 -15.66 15.88
CA ASP E 199 -12.08 -15.23 15.08
C ASP E 199 -11.42 -13.97 15.60
N ARG E 200 -12.18 -13.15 16.32
CA ARG E 200 -11.61 -11.94 16.86
C ARG E 200 -10.69 -12.33 18.02
N LYS E 201 -11.18 -13.15 18.94
CA LYS E 201 -10.34 -13.56 20.05
C LYS E 201 -9.17 -14.39 19.51
N ALA E 202 -9.39 -15.06 18.39
CA ALA E 202 -8.37 -15.89 17.75
C ALA E 202 -7.31 -14.99 17.18
N ASP E 203 -7.75 -13.91 16.53
CA ASP E 203 -6.84 -12.98 15.92
C ASP E 203 -6.17 -12.04 16.91
N GLU E 204 -6.89 -11.56 17.91
CA GLU E 204 -6.30 -10.66 18.88
C GLU E 204 -5.24 -11.48 19.64
N ASP E 205 -5.56 -12.73 19.98
CA ASP E 205 -4.61 -13.59 20.68
C ASP E 205 -3.40 -13.86 19.80
N HIS E 206 -3.66 -13.93 18.50
CA HIS E 206 -2.61 -14.19 17.51
C HIS E 206 -1.61 -13.05 17.44
N TYR E 207 -2.04 -11.88 17.91
CA TYR E 207 -1.21 -10.69 17.89
C TYR E 207 -0.04 -10.78 18.87
N ARG E 208 -0.33 -10.71 20.18
CA ARG E 208 0.70 -10.74 21.19
C ARG E 208 1.56 -12.00 21.26
N GLU E 209 0.99 -13.15 20.95
CA GLU E 209 1.76 -14.39 20.98
C GLU E 209 2.76 -14.42 19.82
N GLN E 210 3.49 -15.51 19.69
CA GLN E 210 4.45 -15.62 18.60
C GLN E 210 3.72 -16.00 17.32
N PHE F 12 -36.15 -40.31 -12.03
CA PHE F 12 -37.04 -40.94 -11.01
C PHE F 12 -36.25 -41.97 -10.21
N ILE F 13 -36.93 -42.98 -9.65
CA ILE F 13 -36.25 -44.01 -8.87
C ILE F 13 -35.17 -44.65 -9.74
N PRO F 14 -33.92 -44.63 -9.28
CA PRO F 14 -32.76 -45.20 -9.97
C PRO F 14 -32.21 -46.41 -9.20
N SER F 15 -32.51 -47.61 -9.69
CA SER F 15 -32.07 -48.82 -9.00
C SER F 15 -30.63 -48.74 -8.51
N ASN F 16 -30.36 -49.42 -7.40
CA ASN F 16 -29.03 -49.44 -6.79
C ASN F 16 -28.83 -50.71 -5.96
N THR F 17 -28.89 -51.86 -6.61
CA THR F 17 -28.73 -53.14 -5.90
C THR F 17 -27.65 -54.01 -6.55
N ASP F 18 -26.62 -54.37 -5.78
CA ASP F 18 -25.53 -55.20 -6.29
C ASP F 18 -26.09 -56.34 -7.11
N TYR F 19 -25.32 -56.78 -8.11
CA TYR F 19 -25.78 -57.81 -9.03
C TYR F 19 -24.60 -58.39 -9.85
N PRO F 20 -24.16 -59.63 -9.54
CA PRO F 20 -23.05 -60.22 -10.31
C PRO F 20 -23.57 -60.70 -11.68
N GLY F 21 -24.44 -61.71 -11.62
CA GLY F 21 -25.08 -62.25 -12.80
C GLY F 21 -24.34 -63.01 -13.89
N PRO F 22 -24.93 -63.03 -15.10
CA PRO F 22 -24.43 -63.69 -16.29
C PRO F 22 -22.92 -63.89 -16.34
N HIS F 23 -22.19 -62.79 -16.17
CA HIS F 23 -20.74 -62.86 -16.27
C HIS F 23 -19.97 -62.60 -14.97
N HIS F 24 -20.58 -62.92 -13.84
CA HIS F 24 -19.96 -62.76 -12.52
C HIS F 24 -19.40 -61.36 -12.24
N PHE F 25 -20.07 -60.32 -12.74
CA PHE F 25 -19.66 -58.92 -12.55
C PHE F 25 -18.93 -58.77 -11.21
N GLU F 26 -17.73 -58.19 -11.24
CA GLU F 26 -16.95 -58.04 -10.02
C GLU F 26 -16.17 -56.72 -9.97
N VAL F 27 -16.87 -55.62 -9.71
CA VAL F 27 -16.23 -54.31 -9.61
C VAL F 27 -15.32 -54.25 -8.36
N THR F 28 -14.13 -54.83 -8.50
CA THR F 28 -13.14 -54.84 -7.41
C THR F 28 -12.34 -53.54 -7.40
N PHE F 29 -11.54 -53.36 -6.36
CA PHE F 29 -10.74 -52.16 -6.26
C PHE F 29 -9.29 -52.52 -6.11
N GLN F 30 -8.44 -51.93 -6.94
CA GLN F 30 -7.02 -52.18 -6.84
C GLN F 30 -6.77 -52.22 -5.34
N GLN F 31 -5.81 -53.03 -4.94
CA GLN F 31 -5.53 -53.15 -3.53
C GLN F 31 -5.35 -51.84 -2.77
N SER F 32 -5.40 -51.99 -1.45
CA SER F 32 -5.28 -50.90 -0.48
C SER F 32 -4.18 -49.92 -0.87
N SER F 33 -4.33 -48.67 -0.43
CA SER F 33 -3.36 -47.65 -0.75
C SER F 33 -2.86 -46.96 0.51
N THR F 34 -1.94 -46.01 0.33
CA THR F 34 -1.39 -45.27 1.46
C THR F 34 -2.52 -44.76 2.36
N ALA F 35 -2.30 -44.78 3.66
CA ALA F 35 -3.33 -44.38 4.62
C ALA F 35 -3.89 -42.96 4.55
N LYS F 36 -3.05 -41.92 4.68
CA LYS F 36 -3.63 -40.57 4.67
C LYS F 36 -3.17 -39.57 3.61
N SER F 37 -4.13 -38.79 3.12
CA SER F 37 -3.90 -37.79 2.09
C SER F 37 -3.50 -38.48 0.80
N ALA F 38 -3.85 -39.76 0.67
CA ALA F 38 -3.54 -40.50 -0.55
C ALA F 38 -4.62 -40.06 -1.54
N THR F 39 -4.31 -40.06 -2.83
CA THR F 39 -5.31 -39.62 -3.80
C THR F 39 -6.64 -40.29 -3.50
N TRP F 40 -6.62 -41.60 -3.28
CA TRP F 40 -7.83 -42.35 -2.95
C TRP F 40 -7.50 -43.59 -2.12
N THR F 41 -8.53 -44.18 -1.52
CA THR F 41 -8.39 -45.40 -0.69
C THR F 41 -9.75 -46.07 -0.56
N TYR F 42 -9.74 -47.35 -0.22
CA TYR F 42 -10.99 -48.11 -0.11
C TYR F 42 -11.14 -48.86 1.22
N SER F 43 -12.37 -48.89 1.72
CA SER F 43 -12.68 -49.59 2.96
C SER F 43 -13.76 -50.61 2.68
N PRO F 44 -13.35 -51.87 2.44
CA PRO F 44 -14.35 -52.91 2.17
C PRO F 44 -15.14 -53.13 3.46
N LEU F 45 -14.55 -52.72 4.58
CA LEU F 45 -15.16 -52.85 5.89
C LEU F 45 -16.52 -52.11 5.90
N LEU F 46 -16.62 -51.09 5.06
CA LEU F 46 -17.84 -50.29 4.91
C LEU F 46 -18.29 -50.40 3.46
N LYS F 47 -17.42 -50.92 2.62
CA LYS F 47 -17.71 -51.06 1.20
C LYS F 47 -18.04 -49.67 0.66
N LYS F 48 -17.09 -48.77 0.84
CA LYS F 48 -17.19 -47.39 0.42
C LYS F 48 -15.80 -46.93 -0.05
N LEU F 49 -15.73 -46.08 -1.08
CA LEU F 49 -14.42 -45.59 -1.53
C LEU F 49 -14.33 -44.10 -1.25
N TYR F 50 -13.14 -43.68 -0.84
CA TYR F 50 -12.85 -42.29 -0.51
C TYR F 50 -11.97 -41.73 -1.59
N CYS F 51 -12.43 -40.69 -2.28
CA CYS F 51 -11.63 -40.12 -3.36
C CYS F 51 -11.30 -38.64 -3.21
N GLN F 52 -10.13 -38.26 -3.71
CA GLN F 52 -9.71 -36.88 -3.65
C GLN F 52 -10.28 -36.15 -4.86
N ILE F 53 -10.50 -34.85 -4.73
CA ILE F 53 -11.07 -34.08 -5.83
C ILE F 53 -10.24 -34.12 -7.12
N ALA F 54 -10.86 -34.58 -8.20
CA ALA F 54 -10.25 -34.66 -9.52
C ALA F 54 -9.03 -35.56 -9.73
N LYS F 55 -8.69 -36.41 -8.78
CA LYS F 55 -7.54 -37.30 -8.93
C LYS F 55 -7.93 -38.57 -9.67
N THR F 56 -6.94 -39.33 -10.13
CA THR F 56 -7.19 -40.58 -10.85
C THR F 56 -7.71 -41.63 -9.88
N CYS F 57 -8.80 -42.30 -10.25
CA CYS F 57 -9.41 -43.31 -9.39
C CYS F 57 -9.63 -44.60 -10.19
N PRO F 58 -8.74 -45.59 -10.01
CA PRO F 58 -8.82 -46.88 -10.71
C PRO F 58 -9.75 -47.92 -10.09
N ILE F 59 -10.79 -48.28 -10.82
CA ILE F 59 -11.71 -49.28 -10.32
C ILE F 59 -11.67 -50.52 -11.22
N GLN F 60 -11.22 -51.65 -10.68
CA GLN F 60 -11.12 -52.90 -11.44
C GLN F 60 -12.51 -53.49 -11.60
N ILE F 61 -12.94 -53.81 -12.84
CA ILE F 61 -14.26 -54.42 -12.98
C ILE F 61 -14.22 -55.72 -13.80
N LYS F 62 -14.16 -56.83 -13.06
CA LYS F 62 -14.07 -58.21 -13.55
C LYS F 62 -15.31 -58.85 -14.19
N VAL F 63 -15.09 -60.03 -14.75
CA VAL F 63 -16.10 -60.84 -15.41
C VAL F 63 -15.47 -62.24 -15.62
N SER F 64 -16.23 -63.29 -15.28
CA SER F 64 -15.76 -64.68 -15.40
C SER F 64 -15.89 -65.25 -16.81
N THR F 65 -16.99 -64.94 -17.48
CA THR F 65 -17.26 -65.40 -18.84
C THR F 65 -17.75 -64.21 -19.66
N PRO F 66 -17.11 -63.95 -20.83
CA PRO F 66 -17.39 -62.86 -21.78
C PRO F 66 -18.82 -62.50 -22.17
N PRO F 67 -19.14 -61.20 -22.12
CA PRO F 67 -20.44 -60.62 -22.47
C PRO F 67 -20.45 -60.38 -23.97
N PRO F 68 -21.58 -59.88 -24.50
CA PRO F 68 -21.65 -59.64 -25.94
C PRO F 68 -21.21 -58.23 -26.28
N PRO F 69 -20.73 -58.02 -27.53
CA PRO F 69 -20.30 -56.69 -27.96
C PRO F 69 -21.54 -55.81 -28.20
N GLY F 70 -21.33 -54.55 -28.54
CA GLY F 70 -22.46 -53.64 -28.74
C GLY F 70 -22.78 -53.06 -27.38
N THR F 71 -22.12 -53.64 -26.38
CA THR F 71 -22.20 -53.29 -24.96
C THR F 71 -21.69 -51.87 -24.71
N ALA F 72 -21.97 -51.36 -23.51
CA ALA F 72 -21.53 -50.02 -23.09
C ALA F 72 -21.64 -49.96 -21.57
N ILE F 73 -20.82 -49.13 -20.93
CA ILE F 73 -20.88 -48.97 -19.48
C ILE F 73 -21.24 -47.54 -19.10
N ARG F 74 -22.17 -47.43 -18.15
CA ARG F 74 -22.64 -46.14 -17.67
C ARG F 74 -22.33 -46.00 -16.19
N ALA F 75 -21.78 -44.84 -15.83
CA ALA F 75 -21.46 -44.55 -14.44
C ALA F 75 -22.46 -43.52 -14.00
N MET F 76 -23.13 -43.75 -12.88
CA MET F 76 -24.15 -42.82 -12.40
C MET F 76 -23.95 -42.34 -10.96
N PRO F 77 -24.32 -41.08 -10.68
CA PRO F 77 -24.19 -40.53 -9.32
C PRO F 77 -25.54 -40.23 -8.69
N VAL F 78 -25.80 -40.77 -7.50
CA VAL F 78 -27.04 -40.51 -6.78
C VAL F 78 -26.91 -40.76 -5.27
N TYR F 79 -27.85 -40.19 -4.51
CA TYR F 79 -27.87 -40.23 -3.05
C TYR F 79 -28.19 -41.49 -2.25
N LYS F 80 -27.53 -41.59 -1.12
CA LYS F 80 -27.67 -42.70 -0.20
C LYS F 80 -28.95 -42.49 0.61
N LYS F 81 -29.40 -41.24 0.71
CA LYS F 81 -30.60 -40.87 1.47
C LYS F 81 -31.83 -40.63 0.61
N ALA F 82 -32.92 -41.27 1.00
CA ALA F 82 -34.20 -41.18 0.29
C ALA F 82 -34.69 -39.77 -0.04
N GLU F 83 -34.98 -38.99 0.99
CA GLU F 83 -35.49 -37.62 0.83
C GLU F 83 -34.84 -36.81 -0.28
N HIS F 84 -33.52 -36.97 -0.42
CA HIS F 84 -32.74 -36.25 -1.41
C HIS F 84 -32.65 -36.98 -2.75
N VAL F 85 -32.92 -38.28 -2.72
CA VAL F 85 -32.87 -39.13 -3.90
C VAL F 85 -33.38 -38.47 -5.18
N THR F 86 -34.50 -37.77 -5.08
CA THR F 86 -35.12 -37.10 -6.24
C THR F 86 -34.30 -36.01 -6.91
N ASP F 87 -33.34 -35.41 -6.18
CA ASP F 87 -32.50 -34.34 -6.75
C ASP F 87 -31.32 -34.91 -7.55
N VAL F 88 -31.07 -34.36 -8.73
CA VAL F 88 -29.96 -34.82 -9.55
C VAL F 88 -28.67 -34.27 -8.95
N VAL F 89 -27.61 -35.07 -8.98
CA VAL F 89 -26.34 -34.64 -8.41
C VAL F 89 -25.64 -33.77 -9.44
N LYS F 90 -25.05 -32.68 -8.95
CA LYS F 90 -24.38 -31.74 -9.84
C LYS F 90 -23.10 -31.15 -9.27
N ARG F 91 -22.20 -30.83 -10.19
CA ARG F 91 -20.94 -30.20 -9.87
C ARG F 91 -21.25 -28.80 -9.37
N CYS F 92 -20.61 -28.40 -8.29
CA CYS F 92 -20.84 -27.08 -7.73
C CYS F 92 -20.84 -25.96 -8.73
N PRO F 93 -21.68 -24.94 -8.50
CA PRO F 93 -21.79 -23.78 -9.37
C PRO F 93 -20.42 -23.19 -9.66
N ASN F 94 -19.78 -22.66 -8.62
CA ASN F 94 -18.45 -22.06 -8.79
C ASN F 94 -17.46 -23.06 -9.36
N HIS F 95 -17.59 -24.32 -8.97
CA HIS F 95 -16.69 -25.35 -9.48
C HIS F 95 -16.97 -25.57 -10.95
N GLU F 96 -18.25 -25.56 -11.29
CA GLU F 96 -18.69 -25.74 -12.67
C GLU F 96 -18.30 -24.50 -13.46
N LEU F 97 -18.32 -23.36 -12.79
CA LEU F 97 -18.00 -22.06 -13.41
C LEU F 97 -16.54 -21.61 -13.37
N GLY F 98 -15.75 -22.20 -12.48
CA GLY F 98 -14.35 -21.82 -12.36
C GLY F 98 -13.54 -22.17 -13.60
N ARG F 99 -12.24 -21.96 -13.53
CA ARG F 99 -11.38 -22.30 -14.65
C ARG F 99 -10.68 -23.61 -14.35
N ASP F 100 -10.65 -23.97 -13.07
CA ASP F 100 -10.01 -25.21 -12.65
C ASP F 100 -10.65 -26.47 -13.22
N PHE F 101 -9.83 -27.29 -13.89
CA PHE F 101 -10.24 -28.55 -14.48
C PHE F 101 -11.32 -28.52 -15.56
N ASN F 102 -11.43 -27.40 -16.27
CA ASN F 102 -12.43 -27.26 -17.32
C ASN F 102 -11.83 -26.49 -18.48
N GLU F 103 -10.54 -26.70 -18.68
CA GLU F 103 -9.79 -26.06 -19.75
C GLU F 103 -9.35 -27.19 -20.67
N GLY F 104 -9.67 -27.09 -21.95
CA GLY F 104 -9.30 -28.14 -22.90
C GLY F 104 -10.09 -29.41 -22.67
N GLN F 105 -11.09 -29.33 -21.79
CA GLN F 105 -11.94 -30.47 -21.44
C GLN F 105 -13.14 -30.64 -22.35
N SER F 106 -13.34 -31.87 -22.83
CA SER F 106 -14.48 -32.15 -23.72
C SER F 106 -15.73 -32.34 -22.86
N ALA F 107 -15.55 -32.94 -21.70
CA ALA F 107 -16.65 -33.17 -20.77
C ALA F 107 -17.23 -31.84 -20.26
N PRO F 108 -18.51 -31.84 -19.90
CA PRO F 108 -19.11 -30.60 -19.41
C PRO F 108 -18.67 -30.29 -17.99
N ALA F 109 -18.90 -29.04 -17.56
CA ALA F 109 -18.53 -28.61 -16.22
C ALA F 109 -19.62 -28.96 -15.22
N SER F 110 -20.84 -29.15 -15.71
CA SER F 110 -21.97 -29.49 -14.86
C SER F 110 -21.87 -30.92 -14.34
N HIS F 111 -21.03 -31.73 -14.97
CA HIS F 111 -20.87 -33.14 -14.60
C HIS F 111 -19.93 -33.46 -13.44
N LEU F 112 -20.44 -34.26 -12.50
CA LEU F 112 -19.68 -34.66 -11.33
C LEU F 112 -18.73 -35.81 -11.63
N ILE F 113 -19.24 -36.85 -12.29
CA ILE F 113 -18.39 -38.00 -12.63
C ILE F 113 -17.81 -37.91 -14.04
N ARG F 114 -16.51 -38.11 -14.14
CA ARG F 114 -15.82 -38.07 -15.42
C ARG F 114 -15.01 -39.34 -15.59
N VAL F 115 -14.65 -39.64 -16.84
CA VAL F 115 -13.81 -40.79 -17.14
C VAL F 115 -12.54 -40.15 -17.66
N GLU F 116 -11.39 -40.70 -17.30
CA GLU F 116 -10.11 -40.13 -17.71
C GLU F 116 -9.30 -41.04 -18.63
N GLY F 117 -8.72 -40.47 -19.68
CA GLY F 117 -7.93 -41.27 -20.60
C GLY F 117 -8.75 -42.13 -21.54
N ASN F 118 -9.78 -41.54 -22.15
CA ASN F 118 -10.65 -42.25 -23.08
C ASN F 118 -11.34 -41.29 -24.05
N ASN F 119 -11.00 -41.38 -25.33
CA ASN F 119 -11.56 -40.49 -26.35
C ASN F 119 -13.00 -40.84 -26.69
N LEU F 120 -13.28 -42.14 -26.83
CA LEU F 120 -14.61 -42.60 -27.19
C LEU F 120 -15.73 -42.33 -26.19
N SER F 121 -15.39 -41.74 -25.05
CA SER F 121 -16.38 -41.44 -24.02
C SER F 121 -17.43 -40.45 -24.54
N GLN F 122 -18.59 -40.43 -23.90
CA GLN F 122 -19.65 -39.52 -24.29
C GLN F 122 -20.43 -39.19 -23.02
N TYR F 123 -20.77 -37.92 -22.85
CA TYR F 123 -21.50 -37.47 -21.66
C TYR F 123 -22.98 -37.19 -21.92
N VAL F 124 -23.82 -38.20 -21.72
CA VAL F 124 -25.25 -38.08 -21.96
C VAL F 124 -26.08 -37.52 -20.82
N ASP F 125 -26.94 -36.56 -21.17
CA ASP F 125 -27.85 -35.89 -20.22
C ASP F 125 -29.30 -36.22 -20.56
N ASP F 126 -29.99 -36.88 -19.63
CA ASP F 126 -31.39 -37.27 -19.81
C ASP F 126 -32.23 -36.05 -20.20
N PRO F 127 -32.75 -36.02 -21.43
CA PRO F 127 -33.57 -34.91 -21.93
C PRO F 127 -34.87 -34.68 -21.14
N VAL F 128 -35.32 -35.69 -20.41
CA VAL F 128 -36.54 -35.54 -19.62
C VAL F 128 -36.28 -35.60 -18.12
N THR F 129 -35.68 -36.69 -17.65
CA THR F 129 -35.39 -36.81 -16.23
C THR F 129 -34.45 -35.68 -15.79
N GLY F 130 -33.49 -35.36 -16.66
CA GLY F 130 -32.53 -34.32 -16.35
C GLY F 130 -31.26 -34.96 -15.82
N ARG F 131 -31.24 -36.29 -15.79
CA ARG F 131 -30.09 -37.07 -15.30
C ARG F 131 -28.85 -36.88 -16.18
N GLN F 132 -27.68 -37.19 -15.63
CA GLN F 132 -26.45 -37.06 -16.40
C GLN F 132 -25.46 -38.12 -15.99
N SER F 133 -24.95 -38.84 -16.99
CA SER F 133 -23.98 -39.89 -16.74
C SER F 133 -22.83 -39.85 -17.73
N VAL F 134 -21.94 -40.83 -17.61
CA VAL F 134 -20.78 -40.95 -18.47
C VAL F 134 -20.62 -42.37 -19.01
N VAL F 135 -20.90 -42.53 -20.31
CA VAL F 135 -20.81 -43.84 -20.97
C VAL F 135 -19.55 -44.07 -21.80
N VAL F 136 -18.99 -45.27 -21.64
CA VAL F 136 -17.81 -45.68 -22.38
C VAL F 136 -18.01 -47.13 -22.82
N PRO F 137 -17.64 -47.44 -24.07
CA PRO F 137 -17.80 -48.80 -24.58
C PRO F 137 -16.92 -49.83 -23.88
N TYR F 138 -17.55 -50.81 -23.26
CA TYR F 138 -16.87 -51.90 -22.55
C TYR F 138 -15.85 -52.57 -23.49
N GLU F 139 -14.73 -53.02 -22.92
CA GLU F 139 -13.68 -53.67 -23.69
C GLU F 139 -13.10 -54.83 -22.90
N PRO F 140 -13.02 -56.01 -23.50
CA PRO F 140 -12.45 -57.19 -22.83
C PRO F 140 -11.02 -56.90 -22.38
N PRO F 141 -10.61 -57.49 -21.23
CA PRO F 141 -9.26 -57.25 -20.73
C PRO F 141 -8.16 -57.73 -21.66
N GLN F 142 -7.07 -56.98 -21.72
CA GLN F 142 -5.93 -57.37 -22.55
C GLN F 142 -5.47 -58.71 -21.98
N VAL F 143 -5.82 -59.80 -22.68
CA VAL F 143 -5.49 -61.16 -22.25
C VAL F 143 -4.16 -61.29 -21.49
N GLY F 144 -4.28 -61.91 -20.32
CA GLY F 144 -3.15 -62.12 -19.42
C GLY F 144 -3.59 -61.44 -18.12
N THR F 145 -4.62 -60.61 -18.25
CA THR F 145 -5.19 -59.84 -17.15
C THR F 145 -6.66 -60.22 -16.87
N GLU F 146 -7.12 -59.95 -15.65
CA GLU F 146 -8.48 -60.27 -15.25
C GLU F 146 -9.53 -59.17 -15.40
N PHE F 147 -9.23 -57.97 -14.89
CA PHE F 147 -10.18 -56.85 -14.95
C PHE F 147 -10.00 -55.93 -16.14
N THR F 148 -11.10 -55.31 -16.55
CA THR F 148 -11.09 -54.37 -17.66
C THR F 148 -11.13 -52.98 -17.02
N THR F 149 -10.04 -52.64 -16.32
CA THR F 149 -9.89 -51.37 -15.63
C THR F 149 -10.40 -50.12 -16.35
N ILE F 150 -10.84 -49.15 -15.56
CA ILE F 150 -11.33 -47.88 -16.07
C ILE F 150 -10.95 -46.78 -15.08
N LEU F 151 -10.64 -45.60 -15.61
CA LEU F 151 -10.25 -44.48 -14.77
C LEU F 151 -11.37 -43.46 -14.66
N TYR F 152 -11.57 -42.93 -13.47
CA TYR F 152 -12.60 -41.94 -13.25
C TYR F 152 -12.07 -40.77 -12.42
N ASN F 153 -12.81 -39.67 -12.44
CA ASN F 153 -12.45 -38.48 -11.66
C ASN F 153 -13.77 -37.97 -11.14
N PHE F 154 -13.79 -37.52 -9.89
CA PHE F 154 -14.99 -36.96 -9.27
C PHE F 154 -14.62 -35.51 -9.04
N MET F 155 -15.47 -34.59 -9.46
CA MET F 155 -15.14 -33.18 -9.37
C MET F 155 -15.73 -32.30 -8.29
N CYS F 156 -16.11 -32.88 -7.16
CA CYS F 156 -16.66 -32.08 -6.09
C CYS F 156 -16.66 -32.88 -4.81
N ASN F 157 -16.25 -32.26 -3.72
CA ASN F 157 -16.23 -32.99 -2.47
C ASN F 157 -17.65 -33.20 -1.95
N SER F 158 -17.82 -34.25 -1.16
CA SER F 158 -19.09 -34.56 -0.56
C SER F 158 -19.42 -33.46 0.43
N SER F 159 -18.57 -32.45 0.48
CA SER F 159 -18.74 -31.34 1.40
C SER F 159 -19.04 -30.04 0.69
N CYS F 160 -19.10 -30.11 -0.64
CA CYS F 160 -19.36 -28.96 -1.49
C CYS F 160 -20.70 -28.25 -1.30
N VAL F 161 -20.65 -27.00 -0.84
CA VAL F 161 -21.86 -26.23 -0.64
C VAL F 161 -22.37 -25.82 -2.02
N GLY F 162 -23.66 -26.07 -2.28
CA GLY F 162 -24.25 -25.72 -3.56
C GLY F 162 -24.12 -26.85 -4.57
N GLY F 163 -24.09 -28.07 -4.05
CA GLY F 163 -23.97 -29.25 -4.87
C GLY F 163 -24.32 -30.39 -3.95
N MET F 164 -23.40 -31.33 -3.74
CA MET F 164 -23.67 -32.45 -2.84
C MET F 164 -23.97 -31.94 -1.43
N ASN F 165 -23.44 -30.77 -1.11
CA ASN F 165 -23.64 -30.11 0.16
C ASN F 165 -23.72 -31.10 1.33
N ARG F 166 -22.59 -31.75 1.60
CA ARG F 166 -22.42 -32.71 2.69
C ARG F 166 -23.25 -33.99 2.59
N ARG F 167 -24.08 -34.09 1.56
CA ARG F 167 -24.94 -35.26 1.39
C ARG F 167 -24.27 -36.52 0.84
N PRO F 168 -24.39 -37.65 1.56
CA PRO F 168 -23.78 -38.92 1.13
C PRO F 168 -24.35 -39.40 -0.20
N ILE F 169 -23.47 -39.90 -1.05
CA ILE F 169 -23.88 -40.40 -2.35
C ILE F 169 -23.29 -41.78 -2.58
N LEU F 170 -23.77 -42.45 -3.63
CA LEU F 170 -23.25 -43.76 -3.97
C LEU F 170 -23.09 -43.82 -5.48
N ILE F 171 -22.01 -44.47 -5.91
CA ILE F 171 -21.67 -44.60 -7.32
C ILE F 171 -22.40 -45.79 -7.92
N ILE F 172 -23.05 -45.58 -9.07
CA ILE F 172 -23.78 -46.67 -9.70
C ILE F 172 -23.44 -46.90 -11.18
N ILE F 173 -22.58 -47.89 -11.41
CA ILE F 173 -22.16 -48.27 -12.76
C ILE F 173 -23.13 -49.34 -13.27
N THR F 174 -23.46 -49.27 -14.57
CA THR F 174 -24.39 -50.23 -15.15
C THR F 174 -24.09 -50.65 -16.58
N LEU F 175 -23.94 -51.96 -16.78
CA LEU F 175 -23.65 -52.53 -18.09
C LEU F 175 -24.91 -52.45 -18.95
N GLU F 176 -24.84 -51.77 -20.10
CA GLU F 176 -26.03 -51.65 -20.97
C GLU F 176 -25.82 -51.83 -22.47
N MET F 177 -26.76 -52.51 -23.12
CA MET F 177 -26.73 -52.70 -24.55
C MET F 177 -27.05 -51.31 -25.07
N ARG F 178 -26.87 -51.05 -26.37
CA ARG F 178 -27.14 -49.73 -26.93
C ARG F 178 -28.38 -49.07 -26.30
N ASP F 179 -29.49 -49.81 -26.30
CA ASP F 179 -30.73 -49.33 -25.70
C ASP F 179 -31.04 -50.26 -24.53
N GLY F 180 -30.65 -51.52 -24.68
CA GLY F 180 -30.88 -52.55 -23.68
C GLY F 180 -30.62 -52.21 -22.23
N GLN F 181 -30.79 -53.22 -21.39
CA GLN F 181 -30.63 -53.09 -19.95
C GLN F 181 -29.33 -53.64 -19.37
N VAL F 182 -29.37 -53.85 -18.06
CA VAL F 182 -28.24 -54.33 -17.28
C VAL F 182 -28.00 -55.84 -17.28
N LEU F 183 -26.73 -56.23 -17.31
CA LEU F 183 -26.35 -57.65 -17.26
C LEU F 183 -25.59 -57.79 -15.95
N GLY F 184 -25.47 -56.67 -15.24
CA GLY F 184 -24.76 -56.63 -13.98
C GLY F 184 -24.48 -55.23 -13.45
N ARG F 185 -25.41 -54.73 -12.63
CA ARG F 185 -25.29 -53.41 -12.02
C ARG F 185 -24.50 -53.55 -10.72
N ARG F 186 -23.80 -52.49 -10.34
CA ARG F 186 -23.05 -52.50 -9.10
C ARG F 186 -23.18 -51.12 -8.46
N SER F 187 -22.91 -51.02 -7.16
CA SER F 187 -23.03 -49.74 -6.49
C SER F 187 -22.37 -49.76 -5.13
N PHE F 188 -21.58 -48.72 -4.87
CA PHE F 188 -20.91 -48.57 -3.59
C PHE F 188 -20.98 -47.10 -3.21
N GLU F 189 -20.58 -46.77 -1.99
CA GLU F 189 -20.64 -45.38 -1.53
C GLU F 189 -19.37 -44.61 -1.86
N GLY F 190 -19.53 -43.30 -2.07
CA GLY F 190 -18.41 -42.45 -2.38
C GLY F 190 -18.42 -41.08 -1.69
N ARG F 191 -17.50 -40.88 -0.76
CA ARG F 191 -17.39 -39.64 -0.01
C ARG F 191 -16.11 -38.90 -0.47
N ILE F 192 -16.13 -38.29 -1.66
CA ILE F 192 -14.95 -37.58 -2.16
C ILE F 192 -14.54 -36.42 -1.25
N CYS F 193 -13.33 -36.50 -0.71
CA CYS F 193 -12.85 -35.50 0.21
C CYS F 193 -11.35 -35.24 0.13
N ALA F 194 -10.92 -34.18 0.81
CA ALA F 194 -9.52 -33.80 0.83
C ALA F 194 -8.62 -34.79 1.57
N CYS F 195 -9.20 -35.63 2.41
CA CYS F 195 -8.38 -36.58 3.14
C CYS F 195 -8.96 -37.99 3.19
N PRO F 196 -9.13 -38.65 2.02
CA PRO F 196 -9.70 -40.01 1.98
C PRO F 196 -9.08 -40.94 3.02
N GLY F 197 -7.86 -40.62 3.43
CA GLY F 197 -7.19 -41.42 4.42
C GLY F 197 -7.77 -41.18 5.79
N ARG F 198 -7.48 -40.02 6.36
CA ARG F 198 -7.96 -39.62 7.69
C ARG F 198 -9.42 -39.98 7.94
N ASP F 199 -10.28 -39.77 6.95
CA ASP F 199 -11.69 -40.05 7.10
C ASP F 199 -12.01 -41.55 7.10
N ARG F 200 -11.22 -42.37 6.42
CA ARG F 200 -11.54 -43.79 6.42
C ARG F 200 -11.33 -44.38 7.81
N LYS F 201 -10.28 -43.93 8.49
CA LYS F 201 -9.99 -44.44 9.83
C LYS F 201 -11.15 -44.10 10.74
N ALA F 202 -11.55 -42.83 10.72
CA ALA F 202 -12.64 -42.35 11.55
C ALA F 202 -13.94 -43.11 11.41
N ASP F 203 -14.38 -43.36 10.17
CA ASP F 203 -15.63 -44.07 9.96
C ASP F 203 -15.55 -45.54 10.31
N GLU F 204 -14.37 -46.13 10.19
CA GLU F 204 -14.23 -47.53 10.52
C GLU F 204 -14.29 -47.67 12.02
N ASP F 205 -13.67 -46.71 12.71
CA ASP F 205 -13.69 -46.73 14.17
C ASP F 205 -15.13 -46.59 14.62
N HIS F 206 -15.89 -45.76 13.91
CA HIS F 206 -17.28 -45.55 14.25
C HIS F 206 -18.09 -46.83 14.07
N TYR F 207 -17.85 -47.56 12.99
CA TYR F 207 -18.60 -48.79 12.77
C TYR F 207 -18.24 -49.81 13.83
N ARG F 208 -16.98 -49.80 14.23
CA ARG F 208 -16.47 -50.72 15.23
C ARG F 208 -17.12 -50.57 16.61
N GLU F 209 -17.38 -49.32 17.02
CA GLU F 209 -17.99 -49.03 18.33
C GLU F 209 -19.52 -49.12 18.27
N GLN F 210 -20.05 -49.36 17.08
CA GLN F 210 -21.50 -49.48 16.89
C GLN F 210 -21.84 -50.53 15.83
N HIS G 9 -11.28 -53.69 -31.26
CA HIS G 9 -10.83 -53.45 -29.85
C HIS G 9 -9.71 -52.41 -29.76
N HIS G 10 -10.06 -51.19 -29.31
CA HIS G 10 -9.10 -50.09 -29.14
C HIS G 10 -8.72 -49.92 -27.66
N GLU G 11 -7.51 -50.37 -27.32
CA GLU G 11 -6.96 -50.36 -25.96
C GLU G 11 -6.32 -49.04 -25.48
N PHE G 12 -7.12 -48.19 -24.86
CA PHE G 12 -6.61 -46.90 -24.37
C PHE G 12 -5.40 -46.98 -23.46
N ILE G 13 -5.54 -47.64 -22.31
CA ILE G 13 -4.42 -47.77 -21.38
C ILE G 13 -3.73 -49.11 -21.72
N PRO G 14 -2.39 -49.12 -21.82
CA PRO G 14 -1.62 -50.32 -22.13
C PRO G 14 -1.18 -51.20 -20.96
N SER G 15 -1.45 -52.51 -21.09
CA SER G 15 -1.10 -53.50 -20.08
C SER G 15 0.41 -53.59 -19.86
N ASN G 16 0.79 -54.07 -18.68
CA ASN G 16 2.19 -54.18 -18.32
C ASN G 16 2.52 -55.52 -17.69
N THR G 17 1.52 -56.39 -17.52
CA THR G 17 1.84 -57.67 -16.90
C THR G 17 2.08 -58.82 -17.88
N ASP G 18 3.25 -59.44 -17.68
CA ASP G 18 3.77 -60.55 -18.46
C ASP G 18 2.76 -61.62 -18.84
N TYR G 19 3.01 -62.24 -19.99
CA TYR G 19 2.16 -63.28 -20.55
C TYR G 19 2.95 -64.00 -21.64
N PRO G 20 3.60 -65.11 -21.31
CA PRO G 20 4.39 -65.85 -22.30
C PRO G 20 3.57 -66.62 -23.33
N GLY G 21 2.34 -66.16 -23.59
CA GLY G 21 1.47 -66.81 -24.57
C GLY G 21 1.77 -68.26 -24.85
N PRO G 22 1.36 -68.79 -26.01
CA PRO G 22 1.70 -70.20 -26.22
C PRO G 22 3.23 -70.42 -26.22
N HIS G 23 3.91 -69.83 -27.20
CA HIS G 23 5.35 -69.95 -27.34
C HIS G 23 6.01 -69.31 -26.13
N HIS G 24 7.05 -69.94 -25.62
CA HIS G 24 7.73 -69.43 -24.43
C HIS G 24 8.35 -68.07 -24.70
N PHE G 25 7.52 -67.03 -24.59
CA PHE G 25 7.96 -65.65 -24.84
C PHE G 25 8.83 -65.03 -23.74
N GLU G 26 10.10 -64.76 -24.06
CA GLU G 26 11.02 -64.17 -23.10
C GLU G 26 11.68 -62.90 -23.62
N VAL G 27 12.30 -62.17 -22.70
CA VAL G 27 13.03 -60.95 -23.02
C VAL G 27 14.15 -60.79 -22.02
N THR G 28 15.38 -60.83 -22.52
CA THR G 28 16.57 -60.74 -21.69
C THR G 28 17.58 -59.71 -22.17
N PHE G 29 18.55 -59.41 -21.33
CA PHE G 29 19.62 -58.45 -21.64
C PHE G 29 20.88 -59.16 -21.17
N GLN G 30 21.69 -59.61 -22.13
CA GLN G 30 22.89 -60.37 -21.79
C GLN G 30 24.14 -59.65 -21.34
N GLN G 31 24.84 -59.03 -22.28
CA GLN G 31 26.07 -58.34 -21.91
C GLN G 31 25.89 -57.38 -20.74
N SER G 32 26.02 -57.89 -19.51
CA SER G 32 25.91 -57.06 -18.33
C SER G 32 27.10 -56.12 -18.46
N SER G 33 26.87 -55.14 -19.32
CA SER G 33 27.77 -54.09 -19.73
C SER G 33 28.68 -53.39 -18.75
N THR G 34 29.50 -52.51 -19.31
CA THR G 34 30.46 -51.69 -18.57
C THR G 34 29.82 -51.28 -17.26
N ALA G 35 30.58 -51.35 -16.19
CA ALA G 35 30.07 -50.98 -14.88
C ALA G 35 29.47 -49.57 -14.89
N LYS G 36 30.26 -48.55 -15.20
CA LYS G 36 29.74 -47.18 -15.19
C LYS G 36 29.69 -46.47 -16.53
N SER G 37 28.76 -45.51 -16.63
CA SER G 37 28.55 -44.72 -17.83
C SER G 37 28.44 -45.64 -19.04
N ALA G 38 28.07 -46.89 -18.78
CA ALA G 38 27.93 -47.87 -19.84
C ALA G 38 26.87 -47.35 -20.81
N THR G 39 26.94 -47.77 -22.08
CA THR G 39 25.96 -47.34 -23.06
C THR G 39 24.57 -47.70 -22.51
N TRP G 40 24.54 -48.78 -21.74
CA TRP G 40 23.32 -49.24 -21.11
C TRP G 40 23.73 -50.32 -20.12
N THR G 41 22.84 -50.66 -19.18
CA THR G 41 23.11 -51.72 -18.20
C THR G 41 21.78 -52.23 -17.70
N TYR G 42 21.76 -53.45 -17.16
CA TYR G 42 20.51 -54.01 -16.70
C TYR G 42 20.58 -54.52 -15.27
N SER G 43 19.42 -54.59 -14.64
CA SER G 43 19.31 -55.07 -13.28
C SER G 43 18.17 -56.07 -13.21
N PRO G 44 18.51 -57.37 -13.15
CA PRO G 44 17.48 -58.41 -13.07
C PRO G 44 16.85 -58.26 -11.70
N LEU G 45 17.65 -57.69 -10.80
CA LEU G 45 17.22 -57.47 -9.43
C LEU G 45 16.02 -56.55 -9.39
N LEU G 46 16.19 -55.32 -9.91
CA LEU G 46 15.15 -54.30 -9.92
C LEU G 46 14.30 -54.18 -11.18
N LYS G 47 14.44 -55.15 -12.08
CA LYS G 47 13.69 -55.17 -13.35
C LYS G 47 13.84 -53.85 -14.10
N LYS G 48 15.01 -53.22 -14.02
CA LYS G 48 15.19 -51.94 -14.68
C LYS G 48 16.33 -51.90 -15.71
N LEU G 49 16.06 -51.33 -16.87
CA LEU G 49 17.07 -51.20 -17.92
C LEU G 49 17.51 -49.75 -17.98
N TYR G 50 18.82 -49.54 -17.94
CA TYR G 50 19.37 -48.18 -17.99
C TYR G 50 20.07 -47.91 -19.30
N CYS G 51 19.48 -47.06 -20.14
CA CYS G 51 20.11 -46.74 -21.39
C CYS G 51 20.51 -45.33 -21.40
N GLN G 52 21.33 -45.04 -22.39
CA GLN G 52 21.86 -43.73 -22.62
C GLN G 52 20.94 -43.10 -23.68
N ILE G 53 21.01 -41.78 -23.77
CA ILE G 53 20.15 -41.02 -24.66
C ILE G 53 20.11 -41.33 -26.18
N ALA G 54 21.23 -41.32 -26.87
CA ALA G 54 21.20 -41.60 -28.30
C ALA G 54 21.53 -43.03 -28.57
N LYS G 55 22.50 -43.51 -27.79
CA LYS G 55 23.06 -44.84 -27.88
C LYS G 55 22.14 -46.08 -27.93
N THR G 56 22.57 -47.02 -28.78
CA THR G 56 21.90 -48.28 -29.10
C THR G 56 21.68 -49.19 -27.93
N CYS G 57 20.42 -49.56 -27.71
CA CYS G 57 19.98 -50.50 -26.65
C CYS G 57 19.51 -51.77 -27.36
N PRO G 58 20.23 -52.91 -27.21
CA PRO G 58 19.94 -54.23 -27.82
C PRO G 58 19.25 -55.26 -26.90
N ILE G 59 18.07 -55.76 -27.28
CA ILE G 59 17.28 -56.71 -26.46
C ILE G 59 17.08 -58.10 -27.05
N GLN G 60 17.29 -59.11 -26.22
CA GLN G 60 17.18 -60.51 -26.65
C GLN G 60 15.76 -61.05 -26.45
N ILE G 61 15.31 -61.90 -27.37
CA ILE G 61 13.98 -62.50 -27.31
C ILE G 61 14.14 -63.99 -27.61
N LYS G 62 13.73 -64.85 -26.68
CA LYS G 62 13.89 -66.31 -26.84
C LYS G 62 12.58 -67.06 -26.67
N VAL G 63 12.09 -67.73 -27.72
CA VAL G 63 10.82 -68.46 -27.62
C VAL G 63 10.70 -69.72 -28.49
N SER G 64 9.45 -70.17 -28.69
CA SER G 64 9.14 -71.34 -29.51
C SER G 64 8.66 -70.80 -30.87
N THR G 65 8.59 -71.61 -31.91
CA THR G 65 8.18 -71.03 -33.20
C THR G 65 6.80 -70.36 -33.19
N PRO G 66 6.75 -69.12 -33.70
CA PRO G 66 5.54 -68.29 -33.75
C PRO G 66 4.58 -68.50 -34.90
N PRO G 67 3.31 -68.28 -34.62
CA PRO G 67 2.20 -68.63 -35.52
C PRO G 67 2.46 -68.30 -36.98
N PRO G 68 1.42 -68.50 -37.88
CA PRO G 68 1.84 -68.16 -39.25
C PRO G 68 2.72 -66.99 -39.19
N PRO G 69 3.80 -67.04 -39.96
CA PRO G 69 4.80 -65.97 -39.93
C PRO G 69 4.07 -64.66 -40.18
N GLY G 70 4.73 -63.55 -39.87
CA GLY G 70 4.13 -62.24 -40.02
C GLY G 70 3.69 -61.73 -38.65
N THR G 71 3.98 -62.51 -37.63
CA THR G 71 3.76 -62.10 -36.25
C THR G 71 4.73 -60.95 -36.03
N ALA G 72 4.36 -59.96 -35.23
CA ALA G 72 5.20 -58.80 -35.08
C ALA G 72 5.60 -58.62 -33.60
N ILE G 73 6.45 -57.62 -33.33
CA ILE G 73 6.87 -57.28 -31.96
C ILE G 73 6.68 -55.77 -31.82
N ARG G 74 5.89 -55.38 -30.83
CA ARG G 74 5.65 -53.97 -30.59
C ARG G 74 6.39 -53.55 -29.35
N ALA G 75 6.81 -52.30 -29.38
CA ALA G 75 7.50 -51.72 -28.26
C ALA G 75 6.92 -50.34 -28.05
N MET G 76 6.13 -50.20 -26.99
CA MET G 76 5.56 -48.90 -26.67
C MET G 76 5.89 -48.58 -25.22
N PRO G 77 6.17 -47.30 -24.93
CA PRO G 77 6.47 -46.93 -23.55
C PRO G 77 5.15 -46.50 -22.94
N VAL G 78 5.17 -46.18 -21.65
CA VAL G 78 3.96 -45.72 -20.98
C VAL G 78 4.40 -45.39 -19.59
N TYR G 79 3.74 -44.41 -18.96
CA TYR G 79 4.08 -43.99 -17.60
C TYR G 79 3.73 -45.00 -16.51
N LYS G 80 4.68 -45.20 -15.59
CA LYS G 80 4.50 -46.15 -14.51
C LYS G 80 3.44 -45.72 -13.47
N LYS G 81 3.68 -44.61 -12.77
CA LYS G 81 2.74 -44.11 -11.74
C LYS G 81 1.31 -43.89 -12.24
N ALA G 82 0.36 -44.20 -11.36
CA ALA G 82 -1.07 -44.09 -11.64
C ALA G 82 -1.56 -42.72 -12.14
N GLU G 83 -1.02 -41.65 -11.58
CA GLU G 83 -1.44 -40.33 -11.97
C GLU G 83 -1.02 -39.94 -13.37
N HIS G 84 0.04 -40.57 -13.87
CA HIS G 84 0.59 -40.27 -15.20
C HIS G 84 0.18 -41.20 -16.34
N VAL G 85 -0.13 -42.45 -16.02
CA VAL G 85 -0.54 -43.45 -17.02
C VAL G 85 -1.24 -42.91 -18.26
N THR G 86 -2.23 -42.04 -18.10
CA THR G 86 -2.94 -41.51 -19.25
C THR G 86 -2.10 -40.63 -20.17
N ASP G 87 -0.98 -40.12 -19.69
CA ASP G 87 -0.13 -39.27 -20.52
C ASP G 87 0.71 -40.14 -21.47
N VAL G 88 0.50 -40.00 -22.78
CA VAL G 88 1.26 -40.82 -23.73
C VAL G 88 2.70 -40.35 -23.73
N VAL G 89 3.61 -41.30 -23.66
CA VAL G 89 5.02 -40.98 -23.65
C VAL G 89 5.48 -40.47 -25.02
N LYS G 90 5.81 -39.19 -25.06
CA LYS G 90 6.27 -38.57 -26.28
C LYS G 90 7.67 -38.01 -26.02
N ARG G 91 8.35 -37.62 -27.08
CA ARG G 91 9.65 -37.03 -26.94
C ARG G 91 9.32 -35.60 -26.43
N CYS G 92 10.31 -34.92 -25.86
CA CYS G 92 10.09 -33.55 -25.35
C CYS G 92 10.18 -32.54 -26.51
N PRO G 93 9.37 -31.48 -26.48
CA PRO G 93 9.41 -30.51 -27.57
C PRO G 93 10.84 -30.08 -27.93
N ASN G 94 11.68 -29.85 -26.93
CA ASN G 94 13.04 -29.43 -27.21
C ASN G 94 13.90 -30.40 -28.04
N HIS G 95 13.78 -31.70 -27.77
CA HIS G 95 14.53 -32.72 -28.49
C HIS G 95 13.83 -33.03 -29.81
N GLU G 96 12.50 -33.13 -29.76
CA GLU G 96 11.72 -33.42 -30.96
C GLU G 96 12.07 -32.48 -32.09
N LEU G 97 11.95 -31.18 -31.84
CA LEU G 97 12.25 -30.14 -32.82
C LEU G 97 13.74 -30.05 -33.11
N GLY G 98 14.07 -29.37 -34.20
CA GLY G 98 15.47 -29.23 -34.54
C GLY G 98 16.02 -30.45 -35.26
N ARG G 99 17.13 -30.24 -35.95
CA ARG G 99 17.76 -31.30 -36.70
C ARG G 99 18.80 -32.08 -35.90
N ASP G 100 18.71 -32.03 -34.57
CA ASP G 100 19.71 -32.71 -33.74
C ASP G 100 19.78 -34.26 -33.85
N PHE G 101 18.67 -34.91 -34.17
CA PHE G 101 18.66 -36.37 -34.28
C PHE G 101 17.62 -36.75 -35.30
N ASN G 102 17.14 -35.72 -35.99
CA ASN G 102 16.09 -35.86 -36.98
C ASN G 102 16.53 -35.44 -38.36
N GLU G 103 17.65 -36.00 -38.79
CA GLU G 103 18.21 -35.75 -40.11
C GLU G 103 17.34 -36.48 -41.13
N GLY G 104 16.07 -36.10 -41.22
CA GLY G 104 15.18 -36.76 -42.15
C GLY G 104 15.02 -38.22 -41.76
N GLN G 105 15.31 -38.55 -40.51
CA GLN G 105 15.18 -39.91 -40.01
C GLN G 105 13.91 -40.54 -40.60
N SER G 106 13.96 -41.84 -40.86
CA SER G 106 12.82 -42.54 -41.43
C SER G 106 11.63 -42.61 -40.46
N ALA G 107 11.84 -42.09 -39.24
CA ALA G 107 10.80 -42.12 -38.22
C ALA G 107 10.59 -40.77 -37.59
N PRO G 108 9.35 -40.47 -37.16
CA PRO G 108 8.91 -39.22 -36.52
C PRO G 108 9.76 -38.83 -35.33
N ALA G 109 10.06 -37.53 -35.21
CA ALA G 109 10.87 -37.05 -34.10
C ALA G 109 10.05 -36.93 -32.83
N SER G 110 8.78 -37.32 -32.91
CA SER G 110 7.88 -37.28 -31.76
C SER G 110 7.99 -38.57 -30.90
N HIS G 111 8.36 -39.68 -31.55
CA HIS G 111 8.49 -40.95 -30.84
C HIS G 111 9.68 -41.04 -29.91
N LEU G 112 9.55 -41.87 -28.88
CA LEU G 112 10.64 -42.01 -27.93
C LEU G 112 11.55 -43.16 -28.34
N ILE G 113 10.95 -44.31 -28.65
CA ILE G 113 11.76 -45.46 -29.03
C ILE G 113 11.76 -45.71 -30.53
N ARG G 114 12.98 -45.91 -31.03
CA ARG G 114 13.25 -46.15 -32.44
C ARG G 114 13.92 -47.51 -32.57
N VAL G 115 13.68 -48.20 -33.68
CA VAL G 115 14.34 -49.48 -33.92
C VAL G 115 15.60 -49.14 -34.75
N GLU G 116 16.74 -49.71 -34.36
CA GLU G 116 17.98 -49.37 -35.06
C GLU G 116 18.36 -50.16 -36.31
N GLY G 117 17.97 -51.42 -36.44
CA GLY G 117 18.38 -52.10 -37.64
C GLY G 117 17.40 -52.58 -38.70
N ASN G 118 16.08 -52.42 -38.50
CA ASN G 118 15.10 -52.94 -39.46
C ASN G 118 14.73 -52.06 -40.62
N ASN G 119 14.51 -52.67 -41.77
CA ASN G 119 14.15 -51.97 -42.98
C ASN G 119 12.68 -52.13 -43.29
N LEU G 120 11.98 -52.82 -42.39
CA LEU G 120 10.55 -53.06 -42.53
C LEU G 120 9.81 -52.56 -41.29
N SER G 121 10.46 -51.65 -40.57
CA SER G 121 9.91 -51.04 -39.36
C SER G 121 8.62 -50.29 -39.63
N GLN G 122 7.83 -50.02 -38.58
CA GLN G 122 6.56 -49.31 -38.73
C GLN G 122 6.21 -48.56 -37.46
N TYR G 123 6.29 -47.23 -37.47
CA TYR G 123 5.97 -46.47 -36.27
C TYR G 123 4.49 -46.11 -36.27
N VAL G 124 3.70 -46.86 -35.50
CA VAL G 124 2.29 -46.54 -35.48
C VAL G 124 2.19 -45.41 -34.51
N ASP G 125 1.30 -44.49 -34.82
CA ASP G 125 1.10 -43.30 -34.04
C ASP G 125 -0.40 -43.14 -34.17
N ASP G 126 -1.12 -44.14 -33.67
CA ASP G 126 -2.57 -44.21 -33.71
C ASP G 126 -3.28 -43.02 -33.04
N PRO G 127 -3.62 -41.96 -33.81
CA PRO G 127 -4.30 -40.81 -33.20
C PRO G 127 -5.77 -41.19 -32.98
N VAL G 128 -6.04 -42.48 -33.15
CA VAL G 128 -7.35 -43.04 -32.91
C VAL G 128 -7.51 -42.94 -31.39
N THR G 129 -6.47 -43.34 -30.66
CA THR G 129 -6.44 -43.28 -29.19
C THR G 129 -5.09 -42.71 -28.72
N GLY G 130 -4.35 -42.15 -29.69
CA GLY G 130 -3.07 -41.49 -29.43
C GLY G 130 -1.75 -42.17 -29.14
N ARG G 131 -1.75 -43.44 -28.72
CA ARG G 131 -0.51 -44.11 -28.37
C ARG G 131 0.59 -44.25 -29.42
N GLN G 132 1.83 -44.06 -28.97
CA GLN G 132 3.00 -44.19 -29.86
C GLN G 132 3.81 -45.44 -29.61
N SER G 133 4.09 -46.17 -30.70
CA SER G 133 4.84 -47.41 -30.67
C SER G 133 5.51 -47.73 -32.01
N VAL G 134 6.46 -48.66 -31.98
CA VAL G 134 7.15 -49.13 -33.19
C VAL G 134 6.92 -50.66 -33.24
N VAL G 135 6.38 -51.14 -34.35
CA VAL G 135 6.11 -52.57 -34.50
C VAL G 135 7.02 -53.12 -35.60
N VAL G 136 7.88 -54.07 -35.22
CA VAL G 136 8.83 -54.71 -36.13
C VAL G 136 8.42 -56.20 -36.26
N PRO G 137 8.53 -56.79 -37.47
CA PRO G 137 8.15 -58.18 -37.69
C PRO G 137 9.06 -59.20 -37.00
N TYR G 138 8.48 -60.29 -36.53
CA TYR G 138 9.28 -61.32 -35.87
C TYR G 138 10.13 -62.12 -36.86
N GLU G 139 11.40 -62.32 -36.51
CA GLU G 139 12.29 -63.12 -37.35
C GLU G 139 13.19 -63.97 -36.43
N PRO G 140 13.30 -65.27 -36.74
CA PRO G 140 14.08 -66.29 -36.02
C PRO G 140 15.49 -65.87 -35.60
N PRO G 141 16.14 -66.70 -34.78
CA PRO G 141 17.50 -66.46 -34.28
C PRO G 141 18.58 -66.79 -35.32
N GLN G 142 19.65 -66.00 -35.32
CA GLN G 142 20.75 -66.17 -36.25
C GLN G 142 21.48 -67.52 -36.16
N VAL G 143 22.46 -67.70 -37.05
CA VAL G 143 23.28 -68.92 -37.13
C VAL G 143 24.06 -69.15 -35.83
N GLY G 144 23.71 -70.23 -35.13
CA GLY G 144 24.37 -70.56 -33.88
C GLY G 144 23.97 -69.61 -32.77
N THR G 145 22.67 -69.49 -32.53
CA THR G 145 22.13 -68.62 -31.47
C THR G 145 20.74 -69.05 -31.00
N GLU G 146 20.28 -68.46 -29.89
CA GLU G 146 18.98 -68.78 -29.33
C GLU G 146 18.07 -67.55 -29.22
N PHE G 147 18.68 -66.36 -29.26
CA PHE G 147 17.94 -65.09 -29.15
C PHE G 147 17.84 -64.27 -30.43
N THR G 148 16.66 -63.63 -30.57
CA THR G 148 16.38 -62.73 -31.69
C THR G 148 16.79 -61.40 -31.11
N THR G 149 17.82 -60.76 -31.67
CA THR G 149 18.28 -59.48 -31.17
C THR G 149 17.59 -58.33 -31.90
N ILE G 150 17.08 -57.38 -31.13
CA ILE G 150 16.39 -56.21 -31.67
C ILE G 150 17.10 -54.97 -31.14
N LEU G 151 17.55 -54.10 -32.04
CA LEU G 151 18.25 -52.89 -31.62
C LEU G 151 17.26 -51.76 -31.41
N TYR G 152 17.34 -51.14 -30.23
CA TYR G 152 16.43 -50.05 -29.88
C TYR G 152 17.19 -48.79 -29.50
N ASN G 153 16.50 -47.67 -29.69
CA ASN G 153 17.06 -46.37 -29.39
C ASN G 153 16.01 -45.58 -28.64
N PHE G 154 16.43 -44.86 -27.60
CA PHE G 154 15.49 -44.04 -26.82
C PHE G 154 15.92 -42.60 -26.91
N MET G 155 15.24 -41.84 -27.76
CA MET G 155 15.54 -40.44 -28.04
C MET G 155 15.56 -39.39 -26.92
N CYS G 156 14.67 -39.49 -25.93
CA CYS G 156 14.66 -38.53 -24.81
C CYS G 156 15.12 -39.18 -23.50
N ASN G 157 15.76 -38.40 -22.64
CA ASN G 157 16.20 -38.88 -21.33
C ASN G 157 15.01 -38.61 -20.43
N SER G 158 14.75 -39.49 -19.45
CA SER G 158 13.61 -39.26 -18.57
C SER G 158 13.86 -38.09 -17.64
N SER G 159 14.81 -37.25 -18.04
CA SER G 159 15.20 -36.08 -17.29
C SER G 159 14.61 -34.89 -18.03
N CYS G 160 14.47 -35.06 -19.35
CA CYS G 160 13.94 -34.01 -20.20
C CYS G 160 12.65 -33.43 -19.65
N VAL G 161 12.65 -32.11 -19.51
CA VAL G 161 11.49 -31.40 -19.00
C VAL G 161 10.53 -31.16 -20.15
N GLY G 162 9.24 -31.24 -19.85
CA GLY G 162 8.24 -31.04 -20.89
C GLY G 162 8.06 -32.32 -21.67
N GLY G 163 8.68 -33.38 -21.16
CA GLY G 163 8.61 -34.69 -21.76
C GLY G 163 8.41 -35.66 -20.60
N MET G 164 9.43 -36.43 -20.23
CA MET G 164 9.29 -37.32 -19.09
C MET G 164 9.92 -36.59 -17.91
N ASN G 165 9.16 -35.69 -17.29
CA ASN G 165 9.67 -34.93 -16.16
C ASN G 165 10.09 -35.81 -14.96
N ARG G 166 11.03 -36.72 -15.20
CA ARG G 166 11.58 -37.63 -14.17
C ARG G 166 10.64 -38.75 -13.76
N ARG G 167 9.41 -38.70 -14.27
CA ARG G 167 8.42 -39.72 -13.99
C ARG G 167 8.91 -41.01 -14.64
N PRO G 168 9.05 -42.08 -13.85
CA PRO G 168 9.52 -43.35 -14.41
C PRO G 168 8.49 -43.99 -15.35
N ILE G 169 8.98 -44.45 -16.51
CA ILE G 169 8.12 -45.12 -17.50
C ILE G 169 8.62 -46.56 -17.67
N LEU G 170 7.75 -47.45 -18.09
CA LEU G 170 8.20 -48.81 -18.27
C LEU G 170 8.00 -49.16 -19.73
N ILE G 171 8.86 -50.02 -20.26
CA ILE G 171 8.78 -50.43 -21.66
C ILE G 171 8.01 -51.73 -21.77
N ILE G 172 7.06 -51.76 -22.72
CA ILE G 172 6.21 -52.92 -22.96
C ILE G 172 6.53 -53.61 -24.28
N ILE G 173 7.13 -54.80 -24.22
CA ILE G 173 7.44 -55.54 -25.46
C ILE G 173 6.23 -56.44 -25.74
N THR G 174 5.88 -56.65 -27.01
CA THR G 174 4.71 -57.49 -27.28
C THR G 174 4.73 -58.30 -28.57
N LEU G 175 4.79 -59.63 -28.44
CA LEU G 175 4.79 -60.56 -29.56
C LEU G 175 3.34 -60.63 -30.05
N GLU G 176 3.06 -60.30 -31.31
CA GLU G 176 1.68 -60.35 -31.76
C GLU G 176 1.44 -60.76 -33.22
N MET G 177 0.19 -61.11 -33.52
CA MET G 177 -0.25 -61.54 -34.85
C MET G 177 -0.26 -60.39 -35.82
N ARG G 178 -0.40 -60.73 -37.10
CA ARG G 178 -0.43 -59.73 -38.15
C ARG G 178 -1.54 -58.72 -37.98
N ASP G 179 -2.65 -59.14 -37.39
CA ASP G 179 -3.76 -58.24 -37.12
C ASP G 179 -4.16 -58.58 -35.70
N GLY G 180 -4.61 -59.83 -35.54
CA GLY G 180 -5.02 -60.34 -34.24
C GLY G 180 -4.31 -59.76 -33.02
N GLN G 181 -3.01 -59.49 -33.14
CA GLN G 181 -2.26 -58.91 -32.04
C GLN G 181 -2.59 -59.63 -30.73
N VAL G 182 -2.11 -60.84 -30.52
CA VAL G 182 -2.46 -61.32 -29.23
C VAL G 182 -1.68 -62.29 -28.40
N LEU G 183 -0.46 -62.67 -28.69
CA LEU G 183 0.03 -63.78 -27.91
C LEU G 183 1.24 -63.72 -27.06
N GLY G 184 1.82 -62.57 -26.89
CA GLY G 184 2.99 -62.54 -26.06
C GLY G 184 3.11 -61.19 -25.49
N ARG G 185 3.78 -61.09 -24.37
CA ARG G 185 4.05 -59.84 -23.69
C ARG G 185 5.02 -59.92 -22.53
N ARG G 186 5.78 -58.84 -22.35
CA ARG G 186 6.73 -58.69 -21.25
C ARG G 186 7.17 -57.23 -21.13
N SER G 187 7.08 -56.68 -19.92
CA SER G 187 7.44 -55.29 -19.68
C SER G 187 8.65 -55.15 -18.76
N PHE G 188 9.25 -53.97 -18.75
CA PHE G 188 10.40 -53.71 -17.89
C PHE G 188 10.59 -52.20 -17.78
N GLU G 189 11.10 -51.74 -16.64
CA GLU G 189 11.27 -50.32 -16.43
C GLU G 189 12.41 -49.71 -17.21
N GLY G 190 12.10 -48.60 -17.87
CA GLY G 190 13.10 -47.89 -18.64
C GLY G 190 13.59 -46.67 -17.87
N ARG G 191 14.75 -46.17 -18.25
CA ARG G 191 15.30 -45.00 -17.58
C ARG G 191 16.44 -44.48 -18.44
N ILE G 192 16.13 -43.49 -19.27
CA ILE G 192 17.13 -42.90 -20.15
C ILE G 192 17.84 -41.78 -19.38
N CYS G 193 19.05 -42.07 -18.92
CA CYS G 193 19.84 -41.12 -18.14
C CYS G 193 21.23 -40.87 -18.76
N ALA G 194 22.05 -40.07 -18.08
CA ALA G 194 23.39 -39.75 -18.58
C ALA G 194 24.46 -40.70 -18.08
N CYS G 195 24.24 -41.29 -16.91
CA CYS G 195 25.20 -42.22 -16.31
C CYS G 195 24.50 -43.48 -15.78
N PRO G 196 24.17 -44.44 -16.67
CA PRO G 196 23.48 -45.69 -16.30
C PRO G 196 24.15 -46.47 -15.17
N GLY G 197 25.48 -46.46 -15.15
CA GLY G 197 26.24 -47.17 -14.13
C GLY G 197 25.88 -46.81 -12.71
N ARG G 198 26.42 -45.71 -12.22
CA ARG G 198 26.15 -45.27 -10.86
C ARG G 198 24.67 -45.29 -10.55
N ASP G 199 23.84 -45.00 -11.55
CA ASP G 199 22.40 -44.97 -11.34
C ASP G 199 21.76 -46.36 -11.26
N ARG G 200 22.51 -47.37 -11.69
CA ARG G 200 22.04 -48.75 -11.62
C ARG G 200 22.58 -49.14 -10.23
N LYS G 201 23.81 -48.72 -9.99
CA LYS G 201 24.54 -48.95 -8.76
C LYS G 201 23.85 -48.29 -7.57
N ALA G 202 23.28 -47.10 -7.80
CA ALA G 202 22.57 -46.37 -6.76
C ALA G 202 21.28 -47.08 -6.39
N ASP G 203 20.44 -47.37 -7.38
CA ASP G 203 19.20 -48.07 -7.11
C ASP G 203 19.47 -49.43 -6.48
N GLU G 204 20.66 -49.98 -6.75
CA GLU G 204 20.98 -51.28 -6.18
C GLU G 204 21.12 -51.11 -4.66
N ASP G 205 21.62 -49.96 -4.23
CA ASP G 205 21.80 -49.70 -2.81
C ASP G 205 20.48 -49.42 -2.07
N HIS G 206 19.53 -48.76 -2.73
CA HIS G 206 18.26 -48.52 -2.06
C HIS G 206 17.47 -49.79 -1.95
N TYR G 207 17.76 -50.74 -2.84
CA TYR G 207 17.06 -52.02 -2.77
C TYR G 207 17.84 -52.92 -1.81
N ARG G 208 19.11 -52.59 -1.63
CA ARG G 208 19.99 -53.32 -0.73
C ARG G 208 19.32 -53.07 0.61
N GLU G 209 18.67 -51.91 0.72
CA GLU G 209 17.93 -51.50 1.90
C GLU G 209 16.61 -52.26 1.90
N GLN G 210 16.21 -52.78 3.05
CA GLN G 210 14.96 -53.52 3.17
C GLN G 210 14.67 -53.88 4.62
N HIS H 9 21.02 -12.41 -36.54
CA HIS H 9 21.51 -11.99 -35.20
C HIS H 9 21.85 -10.49 -35.22
N HIS H 10 21.46 -9.79 -34.17
CA HIS H 10 21.79 -8.36 -34.11
C HIS H 10 23.02 -8.27 -33.25
N GLU H 11 23.48 -7.06 -33.01
CA GLU H 11 24.65 -6.89 -32.20
C GLU H 11 24.40 -5.70 -31.30
N PHE H 12 23.11 -5.36 -31.19
CA PHE H 12 22.71 -4.27 -30.33
C PHE H 12 22.87 -4.54 -28.81
N ILE H 13 23.10 -3.46 -28.07
CA ILE H 13 23.26 -3.56 -26.63
C ILE H 13 22.40 -2.60 -25.83
N PRO H 14 21.44 -3.15 -25.05
CA PRO H 14 20.56 -2.31 -24.22
C PRO H 14 21.38 -1.47 -23.27
N SER H 15 21.36 -0.17 -23.50
CA SER H 15 22.12 0.75 -22.70
C SER H 15 21.79 0.84 -21.19
N ASN H 16 22.43 0.02 -20.34
CA ASN H 16 22.21 0.11 -18.89
C ASN H 16 23.40 0.68 -18.17
N THR H 17 23.16 1.85 -17.61
CA THR H 17 24.11 2.64 -16.86
C THR H 17 23.32 3.16 -15.68
N ASP H 18 23.82 3.06 -14.46
CA ASP H 18 23.01 3.58 -13.38
C ASP H 18 22.69 5.02 -13.78
N TYR H 19 21.41 5.35 -13.86
CA TYR H 19 20.94 6.70 -14.22
C TYR H 19 19.79 7.15 -13.33
N PRO H 20 20.10 7.82 -12.21
CA PRO H 20 19.09 8.31 -11.28
C PRO H 20 18.03 9.22 -11.89
N GLY H 21 18.45 10.02 -12.87
CA GLY H 21 17.51 10.91 -13.53
C GLY H 21 16.95 12.08 -12.73
N PRO H 22 16.13 12.94 -13.35
CA PRO H 22 15.55 14.08 -12.63
C PRO H 22 14.69 13.67 -11.43
N HIS H 23 14.24 12.42 -11.41
CA HIS H 23 13.37 11.97 -10.34
C HIS H 23 14.06 11.01 -9.37
N HIS H 24 15.39 11.06 -9.33
CA HIS H 24 16.15 10.18 -8.45
C HIS H 24 15.38 8.89 -8.22
N PHE H 25 15.18 8.19 -9.34
CA PHE H 25 14.47 6.92 -9.45
C PHE H 25 15.32 5.74 -9.01
N GLU H 26 14.92 5.09 -7.91
CA GLU H 26 15.67 3.94 -7.39
C GLU H 26 14.89 2.65 -7.10
N VAL H 27 15.50 1.52 -7.46
CA VAL H 27 14.91 0.21 -7.28
C VAL H 27 15.43 -0.45 -6.01
N THR H 28 14.51 -0.89 -5.15
CA THR H 28 14.85 -1.50 -3.88
C THR H 28 14.12 -2.82 -3.67
N PHE H 29 14.55 -3.54 -2.64
CA PHE H 29 13.94 -4.80 -2.29
C PHE H 29 13.49 -4.77 -0.83
N GLN H 30 12.68 -5.76 -0.43
CA GLN H 30 12.11 -5.79 0.90
C GLN H 30 12.46 -6.89 1.91
N GLN H 31 11.67 -7.96 1.90
CA GLN H 31 11.82 -9.09 2.82
C GLN H 31 13.01 -10.00 2.57
N SER H 32 13.92 -10.10 3.52
CA SER H 32 15.01 -11.02 3.29
C SER H 32 14.42 -12.44 3.41
N SER H 33 13.70 -12.72 4.51
CA SER H 33 13.08 -14.02 4.76
C SER H 33 13.95 -15.21 4.33
N THR H 34 15.21 -15.15 4.77
CA THR H 34 16.22 -16.16 4.50
C THR H 34 15.68 -17.57 4.71
N ALA H 35 16.06 -18.49 3.84
CA ALA H 35 15.61 -19.87 3.89
C ALA H 35 16.33 -20.62 2.77
N LYS H 36 16.38 -21.95 2.87
CA LYS H 36 17.03 -22.74 1.85
C LYS H 36 16.34 -22.54 0.50
N SER H 37 15.07 -22.92 0.46
CA SER H 37 14.26 -22.78 -0.75
C SER H 37 13.24 -21.67 -0.59
N ALA H 38 13.70 -20.48 -0.19
CA ALA H 38 12.78 -19.38 -0.07
C ALA H 38 12.33 -19.05 -1.50
N THR H 39 11.33 -18.20 -1.63
CA THR H 39 10.83 -17.85 -2.94
C THR H 39 11.83 -16.92 -3.61
N TRP H 40 12.40 -16.03 -2.81
CA TRP H 40 13.37 -15.08 -3.29
C TRP H 40 14.05 -14.37 -2.12
N THR H 41 15.22 -13.81 -2.40
CA THR H 41 15.97 -13.05 -1.43
C THR H 41 16.98 -12.27 -2.27
N TYR H 42 17.29 -11.05 -1.85
CA TYR H 42 18.22 -10.20 -2.57
C TYR H 42 19.42 -9.96 -1.66
N SER H 43 20.61 -9.84 -2.24
CA SER H 43 21.81 -9.59 -1.45
C SER H 43 22.57 -8.35 -1.88
N PRO H 44 22.56 -7.32 -1.04
CA PRO H 44 23.29 -6.09 -1.37
C PRO H 44 24.82 -6.25 -1.36
N LEU H 45 25.34 -7.42 -0.96
CA LEU H 45 26.80 -7.62 -0.99
C LEU H 45 27.14 -7.58 -2.46
N LEU H 46 26.46 -8.39 -3.27
CA LEU H 46 26.64 -8.26 -4.72
C LEU H 46 25.35 -7.50 -5.04
N LYS H 47 24.75 -7.71 -6.18
CA LYS H 47 23.49 -7.02 -6.44
C LYS H 47 22.47 -8.08 -6.66
N LYS H 48 22.95 -9.23 -7.10
CA LYS H 48 22.11 -10.38 -7.37
C LYS H 48 20.80 -10.47 -6.63
N LEU H 49 19.77 -10.83 -7.39
CA LEU H 49 18.45 -11.07 -6.88
C LEU H 49 18.32 -12.55 -7.14
N TYR H 50 17.92 -13.31 -6.11
CA TYR H 50 17.76 -14.76 -6.25
C TYR H 50 16.30 -15.12 -6.14
N CYS H 51 15.68 -15.28 -7.29
CA CYS H 51 14.28 -15.59 -7.34
C CYS H 51 14.12 -17.02 -7.81
N GLN H 52 12.98 -17.60 -7.47
CA GLN H 52 12.67 -18.96 -7.88
C GLN H 52 11.92 -18.80 -9.20
N ILE H 53 11.85 -19.88 -9.97
CA ILE H 53 11.14 -19.83 -11.22
C ILE H 53 9.64 -19.61 -11.03
N ALA H 54 9.06 -18.75 -11.86
CA ALA H 54 7.62 -18.42 -11.84
C ALA H 54 6.96 -18.05 -10.49
N LYS H 55 7.62 -17.24 -9.66
CA LYS H 55 7.03 -16.81 -8.40
C LYS H 55 7.03 -15.31 -8.20
N THR H 56 6.19 -14.87 -7.28
CA THR H 56 6.01 -13.47 -7.00
C THR H 56 7.25 -12.83 -6.46
N CYS H 57 7.91 -12.11 -7.35
CA CYS H 57 9.09 -11.38 -7.03
C CYS H 57 8.61 -9.94 -6.99
N PRO H 58 8.64 -9.32 -5.79
CA PRO H 58 8.21 -7.93 -5.62
C PRO H 58 9.35 -6.98 -5.78
N ILE H 59 9.18 -5.91 -6.54
CA ILE H 59 10.23 -4.93 -6.69
C ILE H 59 9.63 -3.63 -6.21
N GLN H 60 10.32 -2.96 -5.31
CA GLN H 60 9.87 -1.69 -4.80
C GLN H 60 10.46 -0.61 -5.70
N ILE H 61 9.66 0.37 -6.08
CA ILE H 61 10.18 1.44 -6.91
C ILE H 61 10.03 2.78 -6.26
N LYS H 62 11.12 3.51 -6.12
CA LYS H 62 11.05 4.80 -5.46
C LYS H 62 11.46 5.94 -6.35
N VAL H 63 10.79 7.08 -6.18
CA VAL H 63 11.07 8.33 -6.89
C VAL H 63 11.00 9.53 -5.93
N SER H 64 11.89 10.50 -6.12
CA SER H 64 11.91 11.71 -5.31
C SER H 64 10.64 12.47 -5.67
N THR H 65 10.53 12.88 -6.93
CA THR H 65 9.35 13.62 -7.41
C THR H 65 8.61 12.80 -8.44
N PRO H 66 7.31 13.03 -8.54
CA PRO H 66 6.46 12.33 -9.48
C PRO H 66 6.80 12.64 -10.92
N PRO H 67 6.81 11.59 -11.73
CA PRO H 67 7.09 11.66 -13.17
C PRO H 67 5.87 12.06 -13.98
N PRO H 68 6.11 12.72 -15.10
CA PRO H 68 5.06 13.33 -15.89
C PRO H 68 4.03 12.33 -16.34
N PRO H 69 2.83 12.79 -16.62
CA PRO H 69 1.73 11.89 -16.92
C PRO H 69 2.03 10.97 -18.08
N GLY H 70 1.67 9.72 -17.89
CA GLY H 70 1.88 8.73 -18.93
C GLY H 70 3.20 7.98 -18.95
N THR H 71 4.15 8.35 -18.11
CA THR H 71 5.44 7.65 -18.12
C THR H 71 5.23 6.20 -17.69
N ALA H 72 6.20 5.32 -17.97
CA ALA H 72 6.07 3.92 -17.61
C ALA H 72 7.37 3.29 -17.11
N ILE H 73 7.28 2.05 -16.65
CA ILE H 73 8.44 1.33 -16.16
C ILE H 73 8.61 0.08 -16.97
N ARG H 74 9.78 -0.08 -17.58
CA ARG H 74 10.04 -1.26 -18.39
C ARG H 74 11.13 -2.10 -17.71
N ALA H 75 11.02 -3.41 -17.86
CA ALA H 75 11.98 -4.34 -17.29
C ALA H 75 12.46 -5.22 -18.42
N MET H 76 13.77 -5.36 -18.55
CA MET H 76 14.32 -6.17 -19.61
C MET H 76 15.51 -6.98 -19.16
N PRO H 77 15.66 -8.20 -19.69
CA PRO H 77 16.75 -9.14 -19.40
C PRO H 77 17.94 -9.03 -20.36
N VAL H 78 19.15 -8.97 -19.81
CA VAL H 78 20.35 -8.89 -20.63
C VAL H 78 21.40 -9.74 -19.96
N TYR H 79 22.11 -10.56 -20.75
CA TYR H 79 23.19 -11.38 -20.20
C TYR H 79 24.27 -10.40 -19.78
N LYS H 80 24.88 -10.58 -18.62
CA LYS H 80 25.89 -9.60 -18.22
C LYS H 80 27.34 -9.98 -18.59
N LYS H 81 27.56 -11.16 -19.14
CA LYS H 81 28.91 -11.52 -19.54
C LYS H 81 29.06 -11.08 -20.98
N ALA H 82 30.18 -10.43 -21.26
CA ALA H 82 30.51 -9.91 -22.59
C ALA H 82 30.21 -10.82 -23.81
N GLU H 83 30.71 -12.04 -23.81
CA GLU H 83 30.49 -12.91 -24.94
C GLU H 83 29.05 -12.96 -25.40
N HIS H 84 28.16 -13.02 -24.43
CA HIS H 84 26.72 -13.13 -24.73
C HIS H 84 25.93 -11.83 -24.65
N VAL H 85 26.58 -10.75 -24.25
CA VAL H 85 25.90 -9.48 -24.10
C VAL H 85 24.95 -9.13 -25.25
N THR H 86 25.19 -9.68 -26.44
CA THR H 86 24.34 -9.36 -27.59
C THR H 86 23.26 -10.41 -27.81
N ASP H 87 23.45 -11.60 -27.24
CA ASP H 87 22.45 -12.66 -27.38
C ASP H 87 21.20 -12.18 -26.68
N VAL H 88 20.05 -12.53 -27.24
CA VAL H 88 18.80 -12.15 -26.62
C VAL H 88 18.42 -13.13 -25.51
N VAL H 89 17.99 -12.56 -24.39
CA VAL H 89 17.60 -13.37 -23.26
C VAL H 89 16.17 -13.81 -23.45
N LYS H 90 15.95 -15.12 -23.49
CA LYS H 90 14.60 -15.62 -23.62
C LYS H 90 14.35 -17.01 -23.05
N ARG H 91 13.10 -17.46 -23.12
CA ARG H 91 12.72 -18.75 -22.55
C ARG H 91 13.13 -19.99 -23.32
N CYS H 92 13.64 -20.99 -22.61
CA CYS H 92 14.12 -22.24 -23.19
C CYS H 92 13.01 -22.99 -23.94
N PRO H 93 13.35 -23.60 -25.09
CA PRO H 93 12.33 -24.29 -25.87
C PRO H 93 11.40 -25.09 -24.98
N ASN H 94 12.01 -25.86 -24.07
CA ASN H 94 11.27 -26.72 -23.17
C ASN H 94 10.14 -26.03 -22.40
N HIS H 95 10.46 -25.06 -21.56
CA HIS H 95 9.42 -24.35 -20.81
C HIS H 95 8.47 -23.62 -21.73
N GLU H 96 8.97 -23.18 -22.88
CA GLU H 96 8.15 -22.47 -23.84
C GLU H 96 7.02 -23.28 -24.47
N LEU H 97 7.23 -24.58 -24.64
CA LEU H 97 6.24 -25.43 -25.29
C LEU H 97 5.30 -26.32 -24.48
N GLY H 98 5.36 -26.26 -23.16
CA GLY H 98 4.49 -27.09 -22.32
C GLY H 98 3.26 -26.34 -21.86
N ARG H 99 2.38 -27.02 -21.11
CA ARG H 99 1.18 -26.36 -20.61
C ARG H 99 1.40 -25.88 -19.18
N ASP H 100 2.55 -26.22 -18.62
CA ASP H 100 2.90 -25.89 -17.24
C ASP H 100 2.60 -24.49 -16.74
N PHE H 101 3.31 -23.50 -17.27
CA PHE H 101 3.11 -22.13 -16.82
C PHE H 101 2.40 -21.25 -17.84
N ASN H 102 2.59 -21.57 -19.13
CA ASN H 102 1.95 -20.78 -20.17
C ASN H 102 0.56 -21.31 -20.42
N GLU H 103 -0.30 -21.18 -19.41
CA GLU H 103 -1.67 -21.62 -19.53
C GLU H 103 -2.64 -20.47 -19.31
N GLY H 104 -2.97 -19.77 -20.40
CA GLY H 104 -3.90 -18.66 -20.31
C GLY H 104 -3.43 -17.37 -19.65
N GLN H 105 -2.33 -16.81 -20.15
CA GLN H 105 -1.79 -15.55 -19.63
C GLN H 105 -1.61 -14.60 -20.81
N SER H 106 -2.05 -13.35 -20.65
CA SER H 106 -1.92 -12.37 -21.72
C SER H 106 -0.45 -12.03 -21.99
N ALA H 107 0.41 -13.03 -21.85
CA ALA H 107 1.84 -12.87 -22.07
C ALA H 107 2.41 -13.97 -22.95
N PRO H 108 3.45 -13.66 -23.71
CA PRO H 108 4.08 -14.66 -24.59
C PRO H 108 4.74 -15.76 -23.77
N ALA H 109 4.63 -17.00 -24.24
CA ALA H 109 5.22 -18.12 -23.51
C ALA H 109 6.73 -18.14 -23.71
N SER H 110 7.20 -17.26 -24.59
CA SER H 110 8.62 -17.15 -24.90
C SER H 110 9.31 -16.07 -24.11
N HIS H 111 8.55 -15.26 -23.37
CA HIS H 111 9.14 -14.19 -22.59
C HIS H 111 9.65 -14.68 -21.26
N LEU H 112 10.81 -14.15 -20.89
CA LEU H 112 11.46 -14.51 -19.65
C LEU H 112 10.81 -13.84 -18.49
N ILE H 113 10.60 -12.54 -18.60
CA ILE H 113 10.00 -11.86 -17.46
C ILE H 113 8.59 -11.33 -17.66
N ARG H 114 7.71 -11.77 -16.76
CA ARG H 114 6.29 -11.42 -16.77
C ARG H 114 5.98 -10.49 -15.62
N VAL H 115 4.82 -9.84 -15.70
CA VAL H 115 4.35 -8.95 -14.67
C VAL H 115 3.08 -9.51 -14.04
N GLU H 116 3.20 -10.10 -12.86
CA GLU H 116 2.08 -10.69 -12.13
C GLU H 116 1.15 -9.64 -11.51
N GLY H 117 -0.15 -9.77 -11.77
CA GLY H 117 -1.11 -8.85 -11.18
C GLY H 117 -1.31 -7.45 -11.73
N ASN H 118 -1.34 -7.31 -13.05
CA ASN H 118 -1.54 -6.00 -13.62
C ASN H 118 -2.04 -6.09 -15.05
N ASN H 119 -3.32 -5.81 -15.25
CA ASN H 119 -3.90 -5.89 -16.57
C ASN H 119 -3.20 -5.00 -17.60
N LEU H 120 -2.96 -3.74 -17.24
CA LEU H 120 -2.34 -2.76 -18.14
C LEU H 120 -0.94 -3.09 -18.67
N SER H 121 -0.37 -4.21 -18.26
CA SER H 121 0.96 -4.59 -18.69
C SER H 121 1.12 -4.95 -20.16
N GLN H 122 2.08 -4.30 -20.82
CA GLN H 122 2.36 -4.58 -22.25
C GLN H 122 3.67 -5.35 -22.46
N TYR H 123 3.66 -6.32 -23.35
CA TYR H 123 4.85 -7.13 -23.66
C TYR H 123 5.44 -6.81 -25.00
N VAL H 124 6.63 -6.23 -24.98
CA VAL H 124 7.32 -5.81 -26.18
C VAL H 124 8.30 -6.81 -26.81
N ASP H 125 8.28 -6.85 -28.14
CA ASP H 125 9.18 -7.67 -28.98
C ASP H 125 9.64 -6.70 -30.05
N ASP H 126 10.57 -5.83 -29.66
CA ASP H 126 11.13 -4.81 -30.55
C ASP H 126 11.44 -5.37 -31.95
N PRO H 127 10.92 -4.71 -33.01
CA PRO H 127 11.13 -5.12 -34.41
C PRO H 127 12.58 -5.05 -34.93
N VAL H 128 13.32 -3.98 -34.64
CA VAL H 128 14.70 -3.96 -35.08
C VAL H 128 15.24 -5.11 -34.23
N THR H 129 15.98 -6.08 -34.81
CA THR H 129 16.45 -7.25 -34.02
C THR H 129 16.36 -6.92 -32.53
N GLY H 130 15.34 -7.46 -31.88
CA GLY H 130 15.15 -7.11 -30.51
C GLY H 130 14.76 -8.07 -29.44
N ARG H 131 14.90 -7.48 -28.27
CA ARG H 131 14.64 -8.07 -27.00
C ARG H 131 13.18 -8.29 -26.73
N GLN H 132 12.96 -9.08 -25.70
CA GLN H 132 11.68 -9.45 -25.12
C GLN H 132 11.65 -8.39 -24.01
N SER H 133 10.50 -7.82 -23.69
CA SER H 133 10.45 -6.81 -22.65
C SER H 133 8.98 -6.56 -22.18
N VAL H 134 8.79 -6.20 -20.92
CA VAL H 134 7.45 -5.93 -20.45
C VAL H 134 7.50 -4.57 -19.78
N VAL H 135 6.58 -3.67 -20.15
CA VAL H 135 6.53 -2.33 -19.55
C VAL H 135 5.27 -2.27 -18.71
N VAL H 136 5.03 -1.14 -18.03
CA VAL H 136 3.85 -0.99 -17.18
C VAL H 136 3.61 0.49 -16.85
N PRO H 137 2.38 0.99 -17.00
CA PRO H 137 2.19 2.42 -16.68
C PRO H 137 2.70 2.72 -15.28
N TYR H 138 3.24 3.93 -15.08
CA TYR H 138 3.70 4.28 -13.75
C TYR H 138 2.45 4.57 -12.95
N GLU H 139 2.44 4.09 -11.72
CA GLU H 139 1.30 4.29 -10.80
C GLU H 139 1.81 4.88 -9.49
N PRO H 140 1.44 6.11 -9.16
CA PRO H 140 1.93 6.66 -7.89
C PRO H 140 1.43 5.81 -6.74
N PRO H 141 2.27 5.56 -5.72
CA PRO H 141 1.75 4.74 -4.62
C PRO H 141 0.71 5.51 -3.80
N GLN H 142 -0.08 4.78 -3.00
CA GLN H 142 -1.12 5.42 -2.18
C GLN H 142 -0.50 6.44 -1.25
N VAL H 143 -1.24 7.51 -0.98
CA VAL H 143 -0.70 8.52 -0.10
C VAL H 143 -0.32 7.85 1.25
N GLY H 144 0.94 7.99 1.64
CA GLY H 144 1.37 7.40 2.88
C GLY H 144 2.46 6.36 2.74
N THR H 145 2.51 5.71 1.57
CA THR H 145 3.51 4.68 1.29
C THR H 145 4.74 5.24 0.61
N GLU H 146 5.88 4.63 0.90
CA GLU H 146 7.15 5.10 0.37
C GLU H 146 7.35 4.77 -1.11
N PHE H 147 6.90 3.60 -1.56
CA PHE H 147 7.11 3.23 -2.97
C PHE H 147 6.04 2.45 -3.72
N THR H 148 6.07 2.62 -5.05
CA THR H 148 5.19 1.91 -5.97
C THR H 148 5.79 0.51 -6.00
N THR H 149 4.99 -0.53 -6.17
CA THR H 149 5.57 -1.85 -6.17
C THR H 149 5.11 -2.74 -7.33
N ILE H 150 6.06 -3.45 -7.94
CA ILE H 150 5.76 -4.30 -9.08
C ILE H 150 6.09 -5.75 -8.86
N LEU H 151 5.15 -6.61 -9.23
CA LEU H 151 5.29 -8.06 -9.09
C LEU H 151 5.79 -8.70 -10.36
N TYR H 152 6.93 -9.37 -10.25
CA TYR H 152 7.55 -10.02 -11.40
C TYR H 152 7.58 -11.53 -11.23
N ASN H 153 7.69 -12.22 -12.36
CA ASN H 153 7.84 -13.67 -12.36
C ASN H 153 8.90 -13.90 -13.43
N PHE H 154 9.85 -14.79 -13.14
CA PHE H 154 10.89 -15.14 -14.07
C PHE H 154 10.59 -16.59 -14.49
N MET H 155 10.14 -16.73 -15.74
CA MET H 155 9.72 -18.02 -16.32
C MET H 155 10.74 -19.08 -16.74
N CYS H 156 11.98 -18.98 -16.27
CA CYS H 156 12.97 -19.99 -16.59
C CYS H 156 14.08 -19.94 -15.57
N ASN H 157 14.76 -21.06 -15.38
CA ASN H 157 15.84 -21.09 -14.40
C ASN H 157 17.13 -20.66 -15.06
N SER H 158 18.02 -20.11 -14.25
CA SER H 158 19.30 -19.64 -14.79
C SER H 158 20.05 -20.81 -15.37
N SER H 159 19.80 -22.00 -14.83
CA SER H 159 20.47 -23.21 -15.29
C SER H 159 19.86 -23.82 -16.54
N CYS H 160 18.61 -23.47 -16.86
CA CYS H 160 17.91 -24.00 -18.03
C CYS H 160 18.76 -24.10 -19.29
N VAL H 161 19.19 -25.31 -19.62
CA VAL H 161 19.97 -25.51 -20.83
C VAL H 161 19.01 -25.30 -22.02
N GLY H 162 19.49 -24.63 -23.06
CA GLY H 162 18.64 -24.35 -24.19
C GLY H 162 18.18 -22.91 -24.12
N GLY H 163 18.32 -22.32 -22.94
CA GLY H 163 17.92 -20.94 -22.74
C GLY H 163 19.08 -20.20 -22.12
N MET H 164 18.89 -19.63 -20.95
CA MET H 164 19.99 -18.91 -20.31
C MET H 164 21.22 -19.79 -20.09
N ASN H 165 21.03 -21.10 -20.27
CA ASN H 165 22.10 -22.09 -20.16
C ASN H 165 23.19 -21.78 -19.12
N ARG H 166 22.77 -21.34 -17.94
CA ARG H 166 23.67 -21.01 -16.85
C ARG H 166 24.41 -19.68 -16.95
N ARG H 167 24.11 -18.86 -17.96
CA ARG H 167 24.80 -17.57 -18.04
C ARG H 167 24.02 -16.46 -17.34
N PRO H 168 24.62 -15.88 -16.28
CA PRO H 168 24.05 -14.80 -15.46
C PRO H 168 23.51 -13.65 -16.27
N ILE H 169 22.46 -13.03 -15.76
CA ILE H 169 21.89 -11.89 -16.46
C ILE H 169 21.78 -10.64 -15.57
N LEU H 170 21.41 -9.53 -16.19
CA LEU H 170 21.20 -8.29 -15.49
C LEU H 170 19.79 -7.95 -15.85
N ILE H 171 19.05 -7.44 -14.89
CA ILE H 171 17.69 -7.05 -15.15
C ILE H 171 17.83 -5.54 -15.13
N ILE H 172 17.46 -4.91 -16.25
CA ILE H 172 17.53 -3.46 -16.39
C ILE H 172 16.13 -2.88 -16.22
N ILE H 173 15.95 -2.04 -15.20
CA ILE H 173 14.65 -1.41 -14.99
C ILE H 173 14.83 0.04 -15.42
N THR H 174 13.97 0.50 -16.30
CA THR H 174 14.02 1.87 -16.79
C THR H 174 12.66 2.51 -16.56
N LEU H 175 12.68 3.78 -16.14
CA LEU H 175 11.48 4.57 -15.90
C LEU H 175 11.42 5.29 -17.25
N GLU H 176 10.31 5.18 -17.97
CA GLU H 176 10.24 5.77 -19.28
C GLU H 176 9.09 6.68 -19.66
N MET H 177 9.39 7.49 -20.66
CA MET H 177 8.50 8.46 -21.26
C MET H 177 7.82 7.65 -22.35
N ARG H 178 6.67 8.09 -22.85
CA ARG H 178 6.01 7.36 -23.93
C ARG H 178 6.80 7.65 -25.21
N ASP H 179 7.54 8.76 -25.18
CA ASP H 179 8.42 9.11 -26.27
C ASP H 179 9.57 8.17 -25.99
N GLY H 180 9.28 7.05 -25.31
CA GLY H 180 10.26 6.05 -24.96
C GLY H 180 11.48 6.53 -24.19
N GLN H 181 11.63 7.86 -24.06
CA GLN H 181 12.75 8.47 -23.37
C GLN H 181 13.04 7.90 -21.99
N VAL H 182 14.32 7.95 -21.63
CA VAL H 182 14.73 7.44 -20.33
C VAL H 182 14.78 8.54 -19.28
N LEU H 183 14.04 8.31 -18.21
CA LEU H 183 13.94 9.24 -17.08
C LEU H 183 14.73 8.68 -15.92
N GLY H 184 15.03 7.40 -15.98
CA GLY H 184 15.77 6.74 -14.93
C GLY H 184 16.03 5.28 -15.22
N ARG H 185 17.18 4.78 -14.77
CA ARG H 185 17.52 3.39 -15.01
C ARG H 185 18.43 2.80 -13.91
N ARG H 186 18.03 1.64 -13.40
CA ARG H 186 18.78 0.94 -12.37
C ARG H 186 18.78 -0.52 -12.76
N SER H 187 19.60 -1.32 -12.09
CA SER H 187 19.62 -2.74 -12.42
C SER H 187 20.19 -3.55 -11.28
N PHE H 188 20.27 -4.85 -11.50
CA PHE H 188 20.80 -5.78 -10.54
C PHE H 188 20.94 -7.11 -11.24
N GLU H 189 21.89 -7.92 -10.80
CA GLU H 189 22.10 -9.22 -11.40
C GLU H 189 21.00 -10.13 -10.93
N GLY H 190 20.61 -11.09 -11.75
CA GLY H 190 19.56 -11.98 -11.32
C GLY H 190 19.99 -13.41 -11.51
N ARG H 191 19.46 -14.33 -10.71
CA ARG H 191 19.76 -15.75 -10.86
C ARG H 191 18.54 -16.50 -10.41
N ILE H 192 17.84 -17.12 -11.36
CA ILE H 192 16.62 -17.86 -11.06
C ILE H 192 16.94 -19.27 -10.54
N CYS H 193 17.18 -19.33 -9.25
CA CYS H 193 17.55 -20.56 -8.55
C CYS H 193 16.45 -21.52 -8.17
N ALA H 194 16.85 -22.68 -7.70
CA ALA H 194 15.88 -23.67 -7.26
C ALA H 194 15.68 -23.36 -5.79
N CYS H 195 16.78 -22.96 -5.15
CA CYS H 195 16.79 -22.64 -3.74
C CYS H 195 17.44 -21.26 -3.55
N PRO H 196 16.75 -20.18 -3.99
CA PRO H 196 17.31 -18.83 -3.85
C PRO H 196 17.68 -18.38 -2.45
N GLY H 197 18.27 -19.26 -1.66
CA GLY H 197 18.67 -18.90 -0.30
C GLY H 197 20.00 -19.56 -0.04
N ARG H 198 20.07 -20.81 -0.49
CA ARG H 198 21.28 -21.61 -0.41
C ARG H 198 22.34 -20.93 -1.26
N ASP H 199 21.96 -20.62 -2.48
CA ASP H 199 22.84 -19.98 -3.44
C ASP H 199 23.31 -18.59 -3.01
N ARG H 200 22.43 -17.82 -2.35
CA ARG H 200 22.83 -16.48 -1.88
C ARG H 200 23.89 -16.66 -0.80
N LYS H 201 23.79 -17.75 -0.04
CA LYS H 201 24.73 -18.04 1.03
C LYS H 201 26.07 -18.42 0.44
N ALA H 202 26.05 -19.32 -0.54
CA ALA H 202 27.30 -19.77 -1.17
C ALA H 202 28.05 -18.66 -1.89
N ASP H 203 27.33 -17.83 -2.64
CA ASP H 203 27.95 -16.75 -3.39
C ASP H 203 28.59 -15.74 -2.47
N GLU H 204 27.85 -15.34 -1.45
CA GLU H 204 28.32 -14.37 -0.47
C GLU H 204 29.55 -14.87 0.28
N ASP H 205 29.46 -16.09 0.80
CA ASP H 205 30.55 -16.70 1.55
C ASP H 205 31.85 -16.72 0.74
N HIS H 206 31.77 -17.26 -0.46
CA HIS H 206 32.94 -17.28 -1.30
C HIS H 206 33.40 -15.85 -1.53
N TYR H 207 32.52 -14.97 -1.97
CA TYR H 207 32.90 -13.56 -2.21
C TYR H 207 33.66 -12.98 -1.04
N ARG H 208 32.98 -12.79 0.08
CA ARG H 208 33.54 -12.23 1.30
C ARG H 208 34.92 -12.80 1.56
N GLU H 209 34.95 -14.10 1.88
CA GLU H 209 36.19 -14.82 2.15
C GLU H 209 37.01 -15.01 0.88
N GLN H 210 37.51 -13.89 0.34
CA GLN H 210 38.35 -13.80 -0.85
C GLN H 210 37.96 -14.77 -1.97
#